data_4YT0
#
_entry.id   4YT0
#
_cell.length_a   122.803
_cell.length_b   123.392
_cell.length_c   219.001
_cell.angle_alpha   90.00
_cell.angle_beta   90.00
_cell.angle_gamma   90.00
#
_symmetry.space_group_name_H-M   'P 21 21 21'
#
loop_
_entity.id
_entity.type
_entity.pdbx_description
1 polymer 'Succinate dehydrogenase flavoprotein'
2 polymer 'Succinate dehydrogenase [ubiquinone] iron-sulfur subunit, mitochondrial'
3 polymer 'Cytochrome b-large subunit'
4 polymer 'Succinate dehydrogenase [ubiquinone] cytochrome b small subunit, mitochondrial'
5 non-polymer 'MALONATE ION'
6 non-polymer 'FLAVIN-ADENINE DINUCLEOTIDE'
7 non-polymer 'FE2/S2 (INORGANIC) CLUSTER'
8 non-polymer 'IRON/SULFUR CLUSTER'
9 non-polymer 'FE3-S4 CLUSTER'
10 non-polymer 'PROTOPORPHYRIN IX CONTAINING FE'
11 non-polymer 2-methyl-N-[3-(1-methylethoxy)phenyl]benzamide
#
loop_
_entity_poly.entity_id
_entity_poly.type
_entity_poly.pdbx_seq_one_letter_code
_entity_poly.pdbx_strand_id
1 'polypeptide(L)'
;MLRAVRALICRIGARRTLSVSSSRLDVSTSNIAQYKVIDHAYDVVIIGAGGAGLRAAMGLGEAGFKTAVVTKMFPTRSHT
TAAQGGINAALGSMNPDDWKWHFYDTVKGSDWLGDQNAMHYLTRNAVEAVTELENFGMPFSRTPEGKIYQRSFGGQSNNY
GKGGVAKRTCCVADRTGHSMLHTLYGNSLRCHCTFFIEYFALDLLMDKGRCVGVIALCLEDGTIHRFRSKRTIVATGGYG
RAYFSCTTAHMNTGDGTALATRAGIALEDLEFIQFHPTGIYGVGCLITEGSRGEGGFLVNSEGERFMERYAPKAKDLASR
DVVSRAETIEIMEGRGVGPEKDHIYLQLHHLPAEQLHQRLPGISETAKIFAGVDVTKEPIPVIPTVHYNMGGIPTNYKAQ
VIKYTKEGGDKIVPGLYACGECACHSVHGANRLGANSLLDAVVFGRACSINIKEELKPDEKIPELPEGAGEESIANLDAV
RYANGDVPTAELRLTMQKTMQKHAGVFRRGDILAEGVKKMMDLFKELKRLKTTDRSLIWNSDLTESLELQNLMLNATQTI
VAAENRKESRGAHARDDFPKREDEYDYSKPIEGQTKRPFEKHWRKHTLTKQDPRTGHITLDYRPVIDKTLDPAEVDWIPP
IIRSY
;
A,E
2 'polypeptide(L)'
;MLRGSTSVCRSLELVTQAARYASAATAAAPTGKRIKTFEIYRFNPEEPGAKPKLQKFDVDLDKCGTMVLDALIKIKNEVD
PTLTFRRSCREGICGSCAMNIAGENTLACICNIDQNTSKTTKIYPLPHMFVIKDLVPDMNLFYAQYASIQPWLQKKTKIN
LGEKQQYQSIKEQEKLDGLYECILCACCSASCPSYWWNADKYLGPAVLMQAYRWIIDSRDDSAAERLARMQDGFSAFKCH
TIMNCTKTCPKHLNPARAIGEIKMLLTKMKTKPAPLPTPANF
;
B,F
3 'polypeptide(L)'
;MSLLPYNATLCRVLRHNVKFIRSVQTSAARVSAEKTPIQVWGWDYLMRQRALKRPIAPHLTIYKPQMTWMVSGLHRVTGC
AMAGTLLIGGVGFSVLPLDFTTFVEFIRGLGIPWVILDTFKFIIAFPIAFHTLNGIRFIGFDMAKGTDIPSIYRGAYLVL
GLAALISLAVVVYPRWERHKKATLPTNH
;
C,G
4 'polypeptide(L)'
;MLSAVRRAIPLSARILRTSLIQRCAGATSAAVTGAAPPQFDPIAAEKGFKPLHSHGTLFKIERYFAAAMVPLIPAAYFIH
GREMDLCLALALTLHVHWGVWGVVNDYGRPFVLGDTLAAAVRVGAYIFTACLLAGLLYFNEHDVGLTRAFEMVWEL
;
D,H
#
# COMPACT_ATOMS: atom_id res chain seq x y z
N SER A 30 35.57 23.30 8.19
CA SER A 30 34.47 24.31 8.23
C SER A 30 34.79 25.38 9.28
N ASN A 31 35.99 25.93 9.20
CA ASN A 31 36.56 26.75 10.27
C ASN A 31 35.98 28.16 10.36
N ILE A 32 35.82 28.81 9.22
CA ILE A 32 35.46 30.24 9.16
C ILE A 32 33.99 30.54 9.56
N ALA A 33 33.19 29.51 9.84
CA ALA A 33 31.83 29.74 10.37
C ALA A 33 31.25 28.54 11.12
N GLN A 34 30.10 28.76 11.75
CA GLN A 34 29.30 27.71 12.42
C GLN A 34 27.96 27.51 11.70
N TYR A 35 27.48 26.26 11.68
CA TYR A 35 26.30 25.91 10.89
C TYR A 35 25.26 25.13 11.68
N LYS A 36 24.00 25.51 11.48
CA LYS A 36 22.85 24.83 12.08
C LYS A 36 22.58 23.52 11.35
N VAL A 37 22.94 22.40 12.00
CA VAL A 37 22.74 21.07 11.41
C VAL A 37 21.43 20.43 11.89
N ILE A 38 20.67 19.88 10.96
CA ILE A 38 19.33 19.34 11.23
C ILE A 38 19.14 17.94 10.63
N ASP A 39 19.02 16.93 11.50
CA ASP A 39 18.79 15.57 11.05
C ASP A 39 17.31 15.27 10.80
N HIS A 40 17.07 14.21 10.04
CA HIS A 40 15.74 13.72 9.75
C HIS A 40 15.83 12.20 9.64
N ALA A 41 14.72 11.55 9.30
CA ALA A 41 14.70 10.12 9.09
C ALA A 41 13.49 9.72 8.27
N TYR A 42 13.72 9.28 7.05
CA TYR A 42 12.63 8.90 6.15
C TYR A 42 12.92 7.52 5.61
N ASP A 43 11.99 7.01 4.80
CA ASP A 43 12.18 5.70 4.17
C ASP A 43 12.99 5.85 2.92
N VAL A 44 12.63 6.89 2.17
CA VAL A 44 13.21 7.08 0.86
C VAL A 44 13.15 8.57 0.51
N VAL A 45 14.32 9.10 0.14
CA VAL A 45 14.45 10.49 -0.20
C VAL A 45 14.53 10.60 -1.70
N ILE A 46 13.86 11.63 -2.23
CA ILE A 46 13.88 11.93 -3.66
C ILE A 46 14.53 13.30 -3.86
N ILE A 47 15.75 13.29 -4.40
CA ILE A 47 16.38 14.52 -4.84
C ILE A 47 15.84 14.76 -6.25
N GLY A 48 14.75 15.51 -6.33
CA GLY A 48 14.14 15.80 -7.62
C GLY A 48 12.65 15.94 -7.51
N ALA A 49 12.12 17.02 -8.06
CA ALA A 49 10.68 17.23 -8.16
C ALA A 49 10.32 17.49 -9.61
N GLY A 50 11.07 16.86 -10.52
CA GLY A 50 10.75 16.86 -11.92
C GLY A 50 9.94 15.62 -12.22
N GLY A 51 9.35 15.57 -13.42
CA GLY A 51 8.51 14.45 -13.84
C GLY A 51 8.82 13.12 -13.17
N ALA A 52 10.11 12.75 -13.18
CA ALA A 52 10.52 11.48 -12.60
C ALA A 52 10.36 11.49 -11.09
N GLY A 53 10.89 12.52 -10.45
CA GLY A 53 10.81 12.61 -9.00
C GLY A 53 9.40 12.58 -8.43
N LEU A 54 8.48 13.28 -9.08
CA LEU A 54 7.09 13.35 -8.64
C LEU A 54 6.35 12.04 -8.88
N ARG A 55 6.48 11.49 -10.09
CA ARG A 55 5.91 10.17 -10.37
C ARG A 55 6.48 9.16 -9.38
N ALA A 56 7.79 9.22 -9.17
CA ALA A 56 8.44 8.34 -8.20
C ALA A 56 7.81 8.48 -6.84
N ALA A 57 7.50 9.72 -6.45
CA ALA A 57 6.94 10.01 -5.13
C ALA A 57 5.51 9.49 -4.97
N MET A 58 4.69 9.72 -5.99
CA MET A 58 3.29 9.28 -5.97
C MET A 58 3.19 7.80 -5.69
N GLY A 59 3.99 7.01 -6.40
CA GLY A 59 4.01 5.57 -6.20
C GLY A 59 4.46 5.12 -4.83
N LEU A 60 5.36 5.88 -4.21
CA LEU A 60 5.86 5.55 -2.88
C LEU A 60 4.86 5.93 -1.79
N GLY A 61 4.23 7.09 -1.95
CA GLY A 61 3.12 7.48 -1.08
C GLY A 61 2.04 6.43 -1.12
N GLU A 62 1.57 6.13 -2.35
CA GLU A 62 0.65 4.99 -2.61
C GLU A 62 1.07 3.72 -1.87
N ALA A 63 2.35 3.40 -1.90
CA ALA A 63 2.88 2.21 -1.21
C ALA A 63 2.92 2.41 0.30
N GLY A 64 3.01 3.66 0.74
CA GLY A 64 2.88 3.98 2.16
C GLY A 64 4.17 4.40 2.85
N PHE A 65 5.22 4.66 2.07
CA PHE A 65 6.51 5.07 2.63
C PHE A 65 6.48 6.53 3.04
N LYS A 66 7.15 6.85 4.16
CA LYS A 66 7.33 8.24 4.55
C LYS A 66 8.34 8.83 3.57
N THR A 67 7.81 9.47 2.54
CA THR A 67 8.60 9.86 1.40
C THR A 67 8.88 11.34 1.46
N ALA A 68 10.17 11.67 1.51
CA ALA A 68 10.65 13.05 1.49
C ALA A 68 11.11 13.43 0.08
N VAL A 69 10.47 14.44 -0.49
CA VAL A 69 10.83 14.95 -1.80
C VAL A 69 11.67 16.20 -1.59
N VAL A 70 12.94 16.15 -2.00
CA VAL A 70 13.82 17.29 -1.87
C VAL A 70 14.07 17.88 -3.24
N THR A 71 13.90 19.19 -3.33
CA THR A 71 14.10 19.91 -4.59
C THR A 71 14.67 21.30 -4.33
N LYS A 72 15.57 21.74 -5.22
CA LYS A 72 16.20 23.05 -5.09
C LYS A 72 15.34 24.18 -5.69
N MET A 73 14.11 23.86 -6.07
CA MET A 73 13.12 24.86 -6.49
C MET A 73 11.74 24.23 -6.43
N PHE A 74 10.70 25.05 -6.56
CA PHE A 74 9.32 24.56 -6.44
C PHE A 74 9.08 23.55 -7.55
N PRO A 75 8.35 22.46 -7.26
CA PRO A 75 8.23 21.39 -8.25
C PRO A 75 7.67 21.81 -9.62
N THR A 76 6.71 22.72 -9.65
CA THR A 76 6.16 23.24 -10.90
C THR A 76 7.19 24.00 -11.75
N ARG A 77 8.28 24.47 -11.14
CA ARG A 77 9.34 25.18 -11.87
C ARG A 77 10.36 24.25 -12.51
N SER A 78 10.32 22.98 -12.11
CA SER A 78 11.23 21.97 -12.63
C SER A 78 11.15 21.98 -14.14
N HIS A 79 12.19 21.46 -14.79
CA HIS A 79 12.35 21.68 -16.21
C HIS A 79 11.21 21.12 -17.04
N THR A 80 10.91 19.85 -16.84
CA THR A 80 9.75 19.22 -17.45
C THR A 80 8.73 20.26 -17.92
N THR A 81 8.39 21.21 -17.06
CA THR A 81 7.42 22.28 -17.37
C THR A 81 7.57 22.86 -18.77
N ALA A 82 8.82 23.12 -19.18
CA ALA A 82 9.08 23.79 -20.46
C ALA A 82 8.97 22.86 -21.67
N ALA A 83 8.80 21.56 -21.43
CA ALA A 83 8.61 20.59 -22.51
C ALA A 83 7.36 20.89 -23.34
N GLN A 84 7.43 20.65 -24.64
CA GLN A 84 6.42 21.16 -25.56
C GLN A 84 5.76 20.10 -26.41
N GLY A 85 6.57 19.39 -27.18
CA GLY A 85 6.08 18.57 -28.29
C GLY A 85 5.04 17.55 -27.93
N GLY A 86 5.38 16.66 -27.01
CA GLY A 86 4.50 15.59 -26.58
C GLY A 86 5.24 14.47 -25.90
N ILE A 87 4.50 13.44 -25.52
CA ILE A 87 5.06 12.28 -24.84
C ILE A 87 4.67 11.05 -25.65
N ASN A 88 5.60 10.09 -25.77
CA ASN A 88 5.39 8.95 -26.66
C ASN A 88 4.68 7.75 -26.05
N ALA A 89 3.67 7.29 -26.76
CA ALA A 89 3.06 6.01 -26.48
C ALA A 89 2.37 5.51 -27.73
N ALA A 90 2.39 4.19 -27.91
CA ALA A 90 1.70 3.54 -29.02
C ALA A 90 0.18 3.40 -28.75
N LEU A 91 -0.53 4.52 -28.71
CA LEU A 91 -1.96 4.51 -28.36
C LEU A 91 -2.84 4.17 -29.55
N GLY A 92 -2.41 4.57 -30.74
CA GLY A 92 -3.23 4.41 -31.93
C GLY A 92 -4.57 5.13 -31.82
N SER A 93 -4.53 6.34 -31.29
CA SER A 93 -5.70 7.22 -31.31
C SER A 93 -5.96 7.69 -32.72
N MET A 94 -4.92 7.63 -33.56
CA MET A 94 -5.00 8.10 -34.94
C MET A 94 -5.07 6.94 -35.95
N ASN A 95 -4.51 5.78 -35.60
CA ASN A 95 -4.40 4.63 -36.52
C ASN A 95 -3.76 3.43 -35.81
N PRO A 96 -3.87 2.22 -36.37
CA PRO A 96 -3.32 1.05 -35.66
C PRO A 96 -1.85 1.21 -35.32
N ASP A 97 -1.43 0.67 -34.17
CA ASP A 97 -0.08 0.87 -33.66
C ASP A 97 0.32 -0.28 -32.73
N ASP A 98 1.52 -0.82 -32.94
CA ASP A 98 2.08 -1.85 -32.07
C ASP A 98 3.27 -1.20 -31.34
N TRP A 99 3.30 -1.33 -30.01
CA TRP A 99 4.42 -0.79 -29.22
C TRP A 99 5.78 -1.35 -29.66
N LYS A 100 5.75 -2.50 -30.32
CA LYS A 100 6.96 -3.07 -30.87
C LYS A 100 7.53 -2.21 -32.02
N TRP A 101 6.69 -1.40 -32.66
CA TRP A 101 7.16 -0.46 -33.69
C TRP A 101 7.78 0.78 -33.02
N HIS A 102 7.27 1.12 -31.85
CA HIS A 102 7.86 2.14 -30.99
C HIS A 102 9.24 1.68 -30.54
N PHE A 103 9.28 0.49 -29.92
CA PHE A 103 10.51 -0.16 -29.48
C PHE A 103 11.59 -0.16 -30.54
N TYR A 104 11.22 -0.43 -31.79
CA TYR A 104 12.18 -0.47 -32.90
C TYR A 104 12.81 0.89 -33.13
N ASP A 105 11.96 1.89 -33.37
CA ASP A 105 12.41 3.26 -33.68
C ASP A 105 13.24 3.87 -32.56
N THR A 106 13.05 3.35 -31.35
CA THR A 106 13.82 3.74 -30.17
C THR A 106 15.20 3.08 -30.11
N VAL A 107 15.31 1.83 -30.58
CA VAL A 107 16.60 1.14 -30.60
C VAL A 107 17.48 1.67 -31.73
N LYS A 108 16.87 1.89 -32.89
CA LYS A 108 17.56 2.55 -34.03
C LYS A 108 17.90 4.00 -33.70
N GLY A 109 17.07 4.65 -32.91
CA GLY A 109 17.35 5.99 -32.40
C GLY A 109 18.53 6.02 -31.44
N SER A 110 18.75 4.92 -30.72
CA SER A 110 19.90 4.81 -29.81
C SER A 110 21.19 4.36 -30.51
N ASP A 111 21.16 4.27 -31.84
CA ASP A 111 22.32 3.87 -32.65
C ASP A 111 23.07 2.68 -32.04
N TRP A 112 22.30 1.72 -31.56
CA TRP A 112 22.80 0.54 -30.84
C TRP A 112 23.94 0.87 -29.90
N LEU A 113 23.68 1.85 -29.03
CA LEU A 113 24.42 2.05 -27.81
C LEU A 113 23.45 1.97 -26.64
N GLY A 114 22.24 1.48 -26.92
CA GLY A 114 21.14 1.49 -25.96
C GLY A 114 20.87 0.12 -25.37
N ASP A 115 20.89 0.05 -24.04
CA ASP A 115 20.65 -1.19 -23.31
C ASP A 115 19.17 -1.57 -23.52
N GLN A 116 18.93 -2.60 -24.34
CA GLN A 116 17.59 -2.86 -24.87
C GLN A 116 16.62 -3.43 -23.83
N ASN A 117 17.17 -4.06 -22.79
CA ASN A 117 16.37 -4.49 -21.66
C ASN A 117 15.66 -3.33 -20.95
N ALA A 118 16.29 -2.15 -20.98
CA ALA A 118 15.69 -0.94 -20.44
C ALA A 118 14.68 -0.38 -21.45
N MET A 119 15.03 -0.38 -22.73
CA MET A 119 14.14 0.14 -23.78
C MET A 119 12.88 -0.70 -23.94
N HIS A 120 13.02 -2.02 -23.75
CA HIS A 120 11.88 -2.93 -23.78
C HIS A 120 10.86 -2.52 -22.70
N TYR A 121 11.34 -2.33 -21.47
CA TYR A 121 10.54 -1.82 -20.34
C TYR A 121 9.83 -0.52 -20.72
N LEU A 122 10.57 0.39 -21.36
CA LEU A 122 10.04 1.71 -21.69
C LEU A 122 8.88 1.63 -22.67
N THR A 123 9.11 0.96 -23.79
CA THR A 123 8.13 0.92 -24.88
C THR A 123 6.95 -0.02 -24.61
N ARG A 124 7.19 -1.08 -23.83
CA ARG A 124 6.11 -1.97 -23.40
C ARG A 124 5.05 -1.21 -22.62
N ASN A 125 5.48 -0.57 -21.53
CA ASN A 125 4.59 0.08 -20.57
C ASN A 125 4.20 1.52 -20.92
N ALA A 126 4.67 2.02 -22.05
CA ALA A 126 4.39 3.39 -22.49
C ALA A 126 2.91 3.69 -22.55
N VAL A 127 2.12 2.72 -22.99
CA VAL A 127 0.69 2.91 -23.19
C VAL A 127 -0.04 2.93 -21.86
N GLU A 128 0.48 2.18 -20.90
CA GLU A 128 -0.08 2.18 -19.54
C GLU A 128 0.22 3.47 -18.78
N ALA A 129 1.46 3.95 -18.94
CA ALA A 129 1.92 5.12 -18.20
C ALA A 129 1.26 6.42 -18.65
N VAL A 130 1.13 6.60 -19.96
CA VAL A 130 0.52 7.81 -20.52
C VAL A 130 -0.99 7.78 -20.29
N THR A 131 -1.57 6.59 -20.35
CA THR A 131 -2.97 6.41 -20.01
C THR A 131 -3.19 6.81 -18.55
N GLU A 132 -2.28 6.37 -17.68
CA GLU A 132 -2.29 6.81 -16.28
C GLU A 132 -2.45 8.32 -16.17
N LEU A 133 -1.63 9.05 -16.95
CA LEU A 133 -1.62 10.51 -16.91
C LEU A 133 -2.95 11.12 -17.30
N GLU A 134 -3.62 10.55 -18.30
CA GLU A 134 -5.00 10.93 -18.62
C GLU A 134 -5.89 10.67 -17.39
N ASN A 135 -5.69 9.51 -16.76
CA ASN A 135 -6.46 9.14 -15.58
C ASN A 135 -6.09 9.93 -14.32
N PHE A 136 -4.97 10.66 -14.36
CA PHE A 136 -4.65 11.63 -13.31
C PHE A 136 -5.16 13.03 -13.64
N GLY A 137 -5.95 13.14 -14.71
CA GLY A 137 -6.55 14.42 -15.08
C GLY A 137 -5.68 15.29 -15.96
N MET A 138 -4.75 14.69 -16.70
CA MET A 138 -4.00 15.43 -17.69
C MET A 138 -4.94 15.67 -18.86
N PRO A 139 -5.13 16.94 -19.24
CA PRO A 139 -6.09 17.33 -20.26
C PRO A 139 -5.57 17.16 -21.68
N PHE A 140 -5.25 15.92 -22.07
CA PHE A 140 -4.74 15.67 -23.39
C PHE A 140 -5.67 16.25 -24.44
N SER A 141 -5.10 16.87 -25.48
CA SER A 141 -5.87 17.26 -26.66
C SER A 141 -6.61 16.02 -27.15
N ARG A 142 -7.83 16.20 -27.62
CA ARG A 142 -8.64 15.07 -28.04
C ARG A 142 -8.91 15.10 -29.53
N THR A 143 -9.07 13.91 -30.09
CA THR A 143 -9.51 13.74 -31.47
C THR A 143 -11.03 13.81 -31.45
N PRO A 144 -11.66 14.01 -32.63
CA PRO A 144 -13.11 13.94 -32.70
C PRO A 144 -13.69 12.68 -32.04
N GLU A 145 -12.95 11.58 -32.10
CA GLU A 145 -13.32 10.33 -31.43
C GLU A 145 -13.33 10.42 -29.89
N GLY A 146 -12.76 11.49 -29.34
CA GLY A 146 -12.65 11.68 -27.90
C GLY A 146 -11.42 11.03 -27.29
N LYS A 147 -10.55 10.48 -28.14
CA LYS A 147 -9.32 9.83 -27.69
C LYS A 147 -8.18 10.85 -27.62
N ILE A 148 -7.04 10.41 -27.11
CA ILE A 148 -5.89 11.29 -26.90
C ILE A 148 -5.21 11.59 -28.22
N TYR A 149 -5.31 12.83 -28.68
CA TYR A 149 -4.73 13.24 -29.96
C TYR A 149 -3.20 13.11 -29.99
N GLN A 150 -2.69 12.32 -30.93
CA GLN A 150 -1.26 12.20 -31.17
C GLN A 150 -0.85 12.89 -32.48
N ARG A 151 0.42 13.28 -32.55
CA ARG A 151 1.00 13.86 -33.76
C ARG A 151 2.22 13.05 -34.15
N SER A 152 2.80 13.39 -35.31
CA SER A 152 4.07 12.78 -35.72
C SER A 152 5.26 13.57 -35.15
N PHE A 153 6.44 12.94 -35.15
CA PHE A 153 7.64 13.48 -34.49
C PHE A 153 8.92 12.92 -35.12
N GLY A 154 10.06 13.22 -34.50
CA GLY A 154 11.37 12.88 -35.06
C GLY A 154 11.83 11.47 -34.80
N GLY A 155 11.99 10.70 -35.88
CA GLY A 155 12.67 9.40 -35.82
C GLY A 155 11.80 8.18 -35.57
N GLN A 156 10.49 8.33 -35.77
CA GLN A 156 9.52 7.26 -35.55
C GLN A 156 8.81 6.81 -36.83
N SER A 157 8.33 5.57 -36.83
CA SER A 157 7.74 4.96 -38.01
C SER A 157 7.08 3.63 -37.69
N ASN A 158 5.95 3.38 -38.34
CA ASN A 158 5.20 2.14 -38.16
C ASN A 158 5.84 0.99 -38.94
N ASN A 159 5.56 -0.23 -38.52
CA ASN A 159 6.04 -1.46 -39.16
C ASN A 159 7.59 -1.56 -39.18
N TYR A 160 8.20 -1.35 -38.01
CA TYR A 160 9.64 -1.57 -37.83
C TYR A 160 10.48 -0.83 -38.87
N GLY A 161 10.17 0.44 -39.07
CA GLY A 161 10.88 1.24 -40.08
C GLY A 161 10.39 1.07 -41.51
N LYS A 162 9.60 0.02 -41.76
CA LYS A 162 9.11 -0.24 -43.11
C LYS A 162 7.96 0.70 -43.48
N GLY A 163 6.97 0.82 -42.59
CA GLY A 163 5.71 1.53 -42.87
C GLY A 163 5.82 3.04 -42.91
N GLY A 164 4.72 3.72 -42.61
CA GLY A 164 4.65 5.18 -42.70
C GLY A 164 5.38 5.92 -41.59
N VAL A 165 5.07 7.21 -41.42
CA VAL A 165 5.58 7.99 -40.29
C VAL A 165 4.59 7.87 -39.15
N ALA A 166 5.08 7.48 -37.97
CA ALA A 166 4.21 7.11 -36.87
C ALA A 166 3.61 8.32 -36.17
N LYS A 167 2.38 8.14 -35.66
CA LYS A 167 1.71 9.11 -34.81
C LYS A 167 1.52 8.53 -33.40
N ARG A 168 2.59 8.62 -32.61
CA ARG A 168 2.58 8.14 -31.22
C ARG A 168 2.68 9.29 -30.22
N THR A 169 3.04 10.47 -30.71
CA THR A 169 3.39 11.57 -29.82
C THR A 169 2.13 12.28 -29.32
N CYS A 170 1.61 11.74 -28.22
CA CYS A 170 0.47 12.28 -27.51
C CYS A 170 0.85 13.61 -26.88
N CYS A 171 -0.11 14.54 -26.80
CA CYS A 171 0.20 15.90 -26.36
C CYS A 171 -0.99 16.67 -25.77
N VAL A 172 -0.68 17.71 -24.99
CA VAL A 172 -1.65 18.73 -24.61
C VAL A 172 -1.32 19.89 -25.52
N ALA A 173 -1.65 19.70 -26.79
CA ALA A 173 -1.26 20.61 -27.86
C ALA A 173 0.22 20.99 -27.69
N ASP A 174 0.52 22.29 -27.74
CA ASP A 174 1.90 22.76 -27.81
C ASP A 174 2.63 22.64 -26.46
N ARG A 175 1.87 22.48 -25.37
CA ARG A 175 2.45 22.57 -24.03
C ARG A 175 2.21 21.30 -23.20
N THR A 176 2.85 20.21 -23.60
CA THR A 176 2.66 18.90 -22.97
C THR A 176 3.36 18.75 -21.62
N GLY A 177 4.57 19.26 -21.52
CA GLY A 177 5.35 19.17 -20.29
C GLY A 177 4.86 20.06 -19.16
N HIS A 178 4.30 21.22 -19.49
CA HIS A 178 3.69 22.07 -18.49
C HIS A 178 2.50 21.35 -17.85
N SER A 179 1.68 20.72 -18.68
CA SER A 179 0.46 20.08 -18.21
C SER A 179 0.72 18.72 -17.57
N MET A 180 1.81 18.06 -17.96
CA MET A 180 2.19 16.79 -17.36
C MET A 180 2.69 17.01 -15.94
N LEU A 181 3.47 18.07 -15.75
CA LEU A 181 4.08 18.34 -14.46
C LEU A 181 3.02 18.81 -13.49
N HIS A 182 2.30 19.87 -13.83
CA HIS A 182 1.23 20.38 -12.98
C HIS A 182 0.24 19.30 -12.57
N THR A 183 -0.02 18.36 -13.47
CA THR A 183 -0.89 17.24 -13.19
C THR A 183 -0.23 16.29 -12.21
N LEU A 184 0.99 15.87 -12.54
CA LEU A 184 1.76 14.96 -11.67
C LEU A 184 1.94 15.53 -10.26
N TYR A 185 2.16 16.84 -10.17
CA TYR A 185 2.35 17.50 -8.89
C TYR A 185 1.06 17.45 -8.09
N GLY A 186 0.00 18.03 -8.66
CA GLY A 186 -1.32 17.97 -8.05
C GLY A 186 -1.61 16.61 -7.42
N ASN A 187 -1.44 15.55 -8.19
CA ASN A 187 -1.73 14.18 -7.71
C ASN A 187 -0.78 13.72 -6.59
N SER A 188 0.36 14.40 -6.46
CA SER A 188 1.34 14.11 -5.40
C SER A 188 1.06 14.87 -4.10
N LEU A 189 0.06 15.74 -4.12
CA LEU A 189 -0.43 16.39 -2.91
C LEU A 189 -1.42 15.49 -2.20
N ARG A 190 -1.77 14.39 -2.85
CA ARG A 190 -2.67 13.39 -2.30
C ARG A 190 -1.88 12.16 -1.77
N CYS A 191 -0.60 12.03 -2.15
CA CYS A 191 0.25 10.88 -1.75
C CYS A 191 0.83 10.96 -0.34
N HIS A 192 0.48 12.01 0.42
CA HIS A 192 1.00 12.21 1.78
C HIS A 192 2.54 12.17 1.80
N CYS A 193 3.15 12.87 0.85
CA CYS A 193 4.60 12.93 0.70
C CYS A 193 5.05 14.32 1.16
N THR A 194 6.04 14.38 2.05
CA THR A 194 6.48 15.65 2.67
C THR A 194 7.52 16.41 1.82
N PHE A 195 7.20 17.64 1.43
CA PHE A 195 8.01 18.43 0.47
C PHE A 195 9.02 19.40 1.10
N PHE A 196 10.30 19.20 0.78
CA PHE A 196 11.36 20.15 1.12
C PHE A 196 11.73 21.00 -0.11
N ILE A 197 11.19 22.22 -0.13
CA ILE A 197 11.22 23.08 -1.29
C ILE A 197 12.28 24.15 -1.15
N GLU A 198 13.03 24.36 -2.23
CA GLU A 198 14.20 25.22 -2.21
C GLU A 198 15.16 24.74 -1.14
N TYR A 199 15.66 23.52 -1.38
CA TYR A 199 16.75 22.91 -0.62
C TYR A 199 17.80 22.42 -1.62
N PHE A 200 18.99 23.03 -1.60
CA PHE A 200 20.07 22.66 -2.51
C PHE A 200 20.86 21.46 -1.98
N ALA A 201 20.71 20.30 -2.61
CA ALA A 201 21.41 19.09 -2.17
C ALA A 201 22.92 19.16 -2.45
N LEU A 202 23.72 19.02 -1.41
CA LEU A 202 25.17 19.18 -1.52
C LEU A 202 25.89 17.88 -1.84
N ASP A 203 25.44 16.77 -1.23
CA ASP A 203 26.07 15.45 -1.39
C ASP A 203 25.14 14.27 -1.08
N LEU A 204 25.48 13.10 -1.64
CA LEU A 204 24.83 11.84 -1.26
C LEU A 204 25.57 11.32 -0.04
N LEU A 205 24.88 11.13 1.07
CA LEU A 205 25.53 10.66 2.29
C LEU A 205 25.78 9.16 2.24
N MET A 206 27.07 8.79 2.24
CA MET A 206 27.50 7.42 1.93
C MET A 206 28.14 6.72 3.09
N ASP A 207 27.85 5.43 3.22
CA ASP A 207 28.52 4.55 4.17
C ASP A 207 29.08 3.34 3.42
N LYS A 208 30.35 3.44 3.08
CA LYS A 208 31.10 2.36 2.43
C LYS A 208 30.23 1.47 1.54
N GLY A 209 29.86 2.04 0.39
CA GLY A 209 29.07 1.33 -0.61
C GLY A 209 27.59 1.66 -0.57
N ARG A 210 27.10 2.00 0.62
CA ARG A 210 25.66 2.16 0.84
C ARG A 210 25.25 3.63 0.98
N CYS A 211 24.20 4.01 0.24
CA CYS A 211 23.66 5.35 0.35
C CYS A 211 22.65 5.38 1.50
N VAL A 212 23.04 6.04 2.58
CA VAL A 212 22.23 6.13 3.79
C VAL A 212 21.38 7.40 3.81
N GLY A 213 21.54 8.27 2.80
CA GLY A 213 20.77 9.50 2.73
C GLY A 213 21.42 10.65 2.00
N VAL A 214 20.86 11.86 2.21
CA VAL A 214 21.25 13.07 1.49
C VAL A 214 21.51 14.23 2.43
N ILE A 215 22.36 15.18 2.01
CA ILE A 215 22.56 16.44 2.72
C ILE A 215 22.27 17.63 1.81
N ALA A 216 21.77 18.71 2.40
CA ALA A 216 21.29 19.87 1.66
C ALA A 216 21.36 21.16 2.47
N LEU A 217 21.03 22.26 1.82
CA LEU A 217 21.00 23.56 2.46
C LEU A 217 19.62 24.17 2.28
N CYS A 218 18.89 24.33 3.36
CA CYS A 218 17.61 25.03 3.31
C CYS A 218 17.84 26.50 2.97
N LEU A 219 17.50 26.90 1.76
CA LEU A 219 17.69 28.28 1.34
C LEU A 219 16.99 29.25 2.27
N GLU A 220 15.81 28.86 2.75
CA GLU A 220 14.96 29.75 3.55
C GLU A 220 15.66 30.29 4.81
N ASP A 221 16.36 29.42 5.54
CA ASP A 221 17.02 29.83 6.79
C ASP A 221 18.51 29.46 6.89
N GLY A 222 19.10 29.03 5.77
CA GLY A 222 20.52 28.69 5.77
C GLY A 222 20.91 27.56 6.70
N THR A 223 19.95 26.75 7.09
CA THR A 223 20.22 25.59 7.92
C THR A 223 20.70 24.45 7.04
N ILE A 224 21.46 23.54 7.62
CA ILE A 224 21.93 22.34 6.91
C ILE A 224 21.08 21.16 7.34
N HIS A 225 20.69 20.32 6.39
CA HIS A 225 19.76 19.24 6.67
C HIS A 225 20.30 17.89 6.25
N ARG A 226 20.37 16.94 7.19
CA ARG A 226 20.80 15.57 6.90
C ARG A 226 19.62 14.60 6.93
N PHE A 227 19.27 14.05 5.76
CA PHE A 227 18.12 13.16 5.64
C PHE A 227 18.58 11.71 5.66
N ARG A 228 18.25 10.98 6.72
CA ARG A 228 18.54 9.55 6.80
C ARG A 228 17.48 8.75 6.07
N SER A 229 17.90 7.85 5.19
CA SER A 229 16.95 7.09 4.42
C SER A 229 17.50 5.74 4.00
N LYS A 230 16.60 4.79 3.88
CA LYS A 230 16.95 3.44 3.46
C LYS A 230 17.24 3.45 1.95
N ARG A 231 16.52 4.31 1.23
CA ARG A 231 16.73 4.50 -0.19
C ARG A 231 16.96 5.97 -0.51
N THR A 232 17.39 6.22 -1.74
CA THR A 232 17.63 7.57 -2.21
C THR A 232 17.49 7.55 -3.73
N ILE A 233 16.49 8.26 -4.23
CA ILE A 233 16.28 8.35 -5.67
C ILE A 233 16.85 9.67 -6.16
N VAL A 234 17.68 9.59 -7.19
CA VAL A 234 18.25 10.77 -7.83
C VAL A 234 17.46 11.08 -9.11
N ALA A 235 16.77 12.22 -9.13
CA ALA A 235 16.01 12.65 -10.31
C ALA A 235 16.33 14.11 -10.67
N THR A 236 17.61 14.47 -10.63
CA THR A 236 18.03 15.87 -10.66
C THR A 236 17.98 16.54 -12.02
N GLY A 237 17.85 15.76 -13.08
CA GLY A 237 17.94 16.31 -14.43
C GLY A 237 19.37 16.53 -14.92
N GLY A 238 19.48 17.15 -16.09
CA GLY A 238 20.73 17.19 -16.84
C GLY A 238 21.52 18.47 -16.75
N TYR A 239 22.60 18.53 -17.53
CA TYR A 239 23.64 19.56 -17.41
C TYR A 239 23.73 20.45 -18.66
N GLY A 240 22.56 20.88 -19.13
CA GLY A 240 22.48 21.74 -20.32
C GLY A 240 23.28 23.02 -20.26
N ARG A 241 23.58 23.52 -19.05
CA ARG A 241 24.30 24.79 -18.88
C ARG A 241 25.82 24.61 -18.97
N ALA A 242 26.28 23.38 -19.15
CA ALA A 242 27.71 23.13 -19.36
C ALA A 242 28.17 23.77 -20.67
N TYR A 243 27.23 23.93 -21.60
CA TYR A 243 27.46 24.64 -22.87
C TYR A 243 26.96 26.07 -22.80
N PHE A 244 27.41 26.88 -23.75
CA PHE A 244 26.97 28.25 -23.80
C PHE A 244 25.49 28.27 -24.16
N SER A 245 25.16 28.02 -25.42
CA SER A 245 23.76 28.10 -25.85
C SER A 245 23.01 26.81 -25.50
N CYS A 246 21.84 26.96 -24.88
CA CYS A 246 20.98 25.82 -24.51
C CYS A 246 19.50 26.19 -24.29
N THR A 247 18.61 25.28 -24.69
CA THR A 247 17.16 25.41 -24.50
C THR A 247 16.79 25.20 -23.03
N THR A 248 17.70 24.52 -22.32
CA THR A 248 17.51 24.15 -20.93
C THR A 248 17.28 25.34 -20.00
N ALA A 249 16.81 25.05 -18.80
CA ALA A 249 16.59 26.10 -17.80
C ALA A 249 17.84 26.23 -16.94
N HIS A 250 18.08 27.46 -16.43
CA HIS A 250 19.31 27.84 -15.70
C HIS A 250 19.73 26.86 -14.61
N MET A 251 18.75 26.13 -14.09
CA MET A 251 18.99 25.15 -13.02
C MET A 251 19.34 23.76 -13.54
N ASN A 252 19.54 23.62 -14.86
CA ASN A 252 20.13 22.41 -15.43
C ASN A 252 21.64 22.40 -15.24
N THR A 253 22.09 22.25 -14.00
CA THR A 253 23.51 22.27 -13.70
C THR A 253 24.05 20.87 -13.42
N GLY A 254 23.21 19.86 -13.65
CA GLY A 254 23.63 18.46 -13.54
C GLY A 254 24.22 18.17 -12.18
N ASP A 255 23.47 18.52 -11.15
CA ASP A 255 23.97 18.36 -9.80
C ASP A 255 24.00 16.89 -9.45
N GLY A 256 22.86 16.21 -9.55
CA GLY A 256 22.81 14.78 -9.22
C GLY A 256 23.92 13.98 -9.88
N THR A 257 24.15 14.24 -11.16
CA THR A 257 25.26 13.64 -11.88
C THR A 257 26.57 13.87 -11.12
N ALA A 258 26.80 15.10 -10.67
CA ALA A 258 27.99 15.45 -9.89
C ALA A 258 28.02 14.84 -8.48
N LEU A 259 26.86 14.77 -7.83
CA LEU A 259 26.74 14.15 -6.51
C LEU A 259 27.28 12.74 -6.51
N ALA A 260 26.87 11.97 -7.51
CA ALA A 260 27.33 10.59 -7.70
C ALA A 260 28.86 10.50 -7.81
N THR A 261 29.45 11.43 -8.56
CA THR A 261 30.90 11.50 -8.73
C THR A 261 31.57 11.81 -7.40
N ARG A 262 31.05 12.79 -6.67
CA ARG A 262 31.61 13.19 -5.38
C ARG A 262 31.39 12.14 -4.30
N ALA A 263 30.53 11.17 -4.59
CA ALA A 263 30.36 9.98 -3.75
C ALA A 263 31.18 8.81 -4.29
N GLY A 264 31.85 9.02 -5.42
CA GLY A 264 32.70 7.99 -6.03
C GLY A 264 31.98 7.01 -6.94
N ILE A 265 31.27 7.51 -7.94
CA ILE A 265 30.62 6.66 -8.94
C ILE A 265 31.00 7.13 -10.34
N ALA A 266 31.09 6.18 -11.27
CA ALA A 266 31.37 6.51 -12.66
C ALA A 266 30.08 6.92 -13.37
N LEU A 267 30.18 7.96 -14.20
CA LEU A 267 29.05 8.43 -14.99
C LEU A 267 29.17 7.89 -16.40
N GLU A 268 28.05 7.83 -17.10
CA GLU A 268 27.95 7.04 -18.32
C GLU A 268 27.57 7.90 -19.52
N ASP A 269 28.24 7.63 -20.64
CA ASP A 269 27.89 8.25 -21.93
C ASP A 269 27.77 9.77 -21.90
N LEU A 270 28.57 10.43 -21.07
CA LEU A 270 28.45 11.88 -20.89
C LEU A 270 28.72 12.68 -22.17
N GLU A 271 29.50 12.10 -23.08
CA GLU A 271 29.87 12.79 -24.32
C GLU A 271 28.70 12.90 -25.29
N PHE A 272 27.72 12.03 -25.14
CA PHE A 272 26.55 12.07 -25.99
C PHE A 272 25.62 13.19 -25.52
N ILE A 273 25.76 14.33 -26.17
CA ILE A 273 24.93 15.49 -25.91
C ILE A 273 24.11 15.71 -27.16
N GLN A 274 22.78 15.64 -27.01
CA GLN A 274 21.88 15.84 -28.15
C GLN A 274 21.72 17.32 -28.46
N PHE A 275 21.78 17.64 -29.74
CA PHE A 275 21.56 19.00 -30.20
C PHE A 275 20.18 19.05 -30.85
N HIS A 276 19.29 19.83 -30.27
CA HIS A 276 17.96 20.05 -30.84
C HIS A 276 18.08 20.97 -32.05
N PRO A 277 17.51 20.56 -33.20
CA PRO A 277 17.60 21.34 -34.42
C PRO A 277 17.00 22.73 -34.30
N THR A 278 15.72 22.81 -33.93
CA THR A 278 14.99 24.06 -33.96
C THR A 278 15.02 24.81 -32.62
N GLY A 279 16.21 25.26 -32.22
CA GLY A 279 16.33 26.23 -31.12
C GLY A 279 16.41 27.61 -31.76
N ILE A 280 15.71 28.60 -31.21
CA ILE A 280 15.71 29.97 -31.78
C ILE A 280 17.12 30.57 -31.89
N TYR A 281 17.37 31.29 -32.97
CA TYR A 281 18.69 31.87 -33.27
C TYR A 281 19.25 32.68 -32.10
N GLY A 282 18.41 33.54 -31.52
CA GLY A 282 18.85 34.43 -30.45
C GLY A 282 19.13 33.79 -29.10
N VAL A 283 18.08 33.60 -28.30
CA VAL A 283 18.24 33.14 -26.92
C VAL A 283 18.49 31.65 -26.84
N GLY A 284 17.96 30.90 -27.81
CA GLY A 284 18.10 29.46 -27.82
C GLY A 284 16.90 28.73 -27.24
N CYS A 285 15.82 29.46 -26.95
CA CYS A 285 14.57 28.87 -26.48
C CYS A 285 14.02 27.88 -27.50
N LEU A 286 13.43 26.81 -26.99
CA LEU A 286 13.02 25.72 -27.87
C LEU A 286 11.84 26.10 -28.75
N ILE A 287 11.97 25.82 -30.04
CA ILE A 287 10.80 25.67 -30.91
C ILE A 287 10.67 24.18 -31.14
N THR A 288 9.53 23.64 -30.75
CA THR A 288 9.30 22.22 -30.76
C THR A 288 9.54 21.53 -32.11
N GLU A 289 9.65 20.22 -32.04
CA GLU A 289 9.70 19.35 -33.21
C GLU A 289 8.28 19.04 -33.64
N GLY A 290 7.32 19.29 -32.74
CA GLY A 290 5.92 19.30 -33.10
C GLY A 290 5.66 20.28 -34.22
N SER A 291 6.38 21.40 -34.20
CA SER A 291 6.27 22.38 -35.28
C SER A 291 6.60 21.74 -36.64
N ARG A 292 7.46 20.72 -36.63
CA ARG A 292 7.80 19.96 -37.85
C ARG A 292 6.87 18.78 -38.05
N GLY A 293 6.45 18.16 -36.94
CA GLY A 293 5.54 17.02 -37.02
C GLY A 293 4.12 17.38 -37.39
N GLU A 294 3.80 18.68 -37.42
CA GLU A 294 2.50 19.14 -37.93
C GLU A 294 2.55 19.51 -39.42
N GLY A 295 3.75 19.57 -40.00
CA GLY A 295 3.91 19.85 -41.42
C GLY A 295 4.80 21.04 -41.76
N GLY A 296 5.58 21.53 -40.78
CA GLY A 296 6.56 22.59 -41.00
C GLY A 296 7.88 22.03 -41.51
N PHE A 297 8.75 22.89 -42.03
CA PHE A 297 10.00 22.40 -42.60
C PHE A 297 11.15 23.41 -42.64
N LEU A 298 12.36 22.87 -42.78
CA LEU A 298 13.60 23.64 -42.72
C LEU A 298 14.01 24.13 -44.13
N VAL A 299 14.32 25.43 -44.22
CA VAL A 299 14.61 26.10 -45.49
C VAL A 299 15.89 26.93 -45.38
N ASN A 300 16.82 26.76 -46.33
CA ASN A 300 18.14 27.44 -46.32
C ASN A 300 18.11 28.79 -47.04
N SER A 301 19.27 29.34 -47.39
CA SER A 301 19.33 30.66 -48.05
C SER A 301 18.83 30.63 -49.50
N GLU A 302 18.84 29.43 -50.11
CA GLU A 302 18.39 29.26 -51.50
C GLU A 302 16.92 28.88 -51.60
N GLY A 303 16.23 28.75 -50.47
CA GLY A 303 14.82 28.39 -50.50
C GLY A 303 14.60 26.91 -50.75
N GLU A 304 15.57 26.10 -50.37
CA GLU A 304 15.46 24.66 -50.53
C GLU A 304 15.06 24.02 -49.21
N ARG A 305 14.02 23.18 -49.25
CA ARG A 305 13.66 22.33 -48.12
C ARG A 305 14.75 21.27 -47.94
N PHE A 306 15.94 21.71 -47.54
CA PHE A 306 17.16 20.93 -47.72
C PHE A 306 17.15 19.56 -47.05
N MET A 307 16.27 19.35 -46.08
CA MET A 307 16.18 18.05 -45.43
C MET A 307 15.74 16.92 -46.37
N GLU A 308 15.11 17.26 -47.50
CA GLU A 308 14.72 16.25 -48.51
C GLU A 308 15.92 15.57 -49.20
N ARG A 309 17.09 16.22 -49.17
CA ARG A 309 18.36 15.59 -49.58
C ARG A 309 18.91 14.72 -48.45
N TYR A 310 19.12 15.32 -47.28
CA TYR A 310 19.77 14.64 -46.16
C TYR A 310 18.96 13.45 -45.64
N ALA A 311 17.66 13.45 -45.88
CA ALA A 311 16.80 12.31 -45.55
C ALA A 311 15.78 12.07 -46.66
N PRO A 312 16.07 11.14 -47.59
CA PRO A 312 15.14 10.79 -48.65
C PRO A 312 13.75 10.35 -48.17
N LYS A 313 13.70 9.64 -47.04
CA LYS A 313 12.45 9.10 -46.52
C LYS A 313 11.82 10.04 -45.49
N ALA A 314 12.52 10.28 -44.40
CA ALA A 314 11.97 10.98 -43.23
C ALA A 314 11.87 12.49 -43.41
N LYS A 315 12.80 13.06 -44.18
CA LYS A 315 12.86 14.50 -44.43
C LYS A 315 13.08 15.31 -43.14
N ASP A 316 12.12 16.18 -42.79
CA ASP A 316 12.26 17.05 -41.63
C ASP A 316 11.88 16.34 -40.32
N LEU A 317 11.41 15.10 -40.41
CA LEU A 317 11.21 14.25 -39.22
C LEU A 317 12.20 13.10 -39.17
N ALA A 318 13.43 13.36 -39.61
CA ALA A 318 14.54 12.47 -39.32
C ALA A 318 15.00 12.77 -37.89
N SER A 319 15.84 11.90 -37.34
CA SER A 319 16.29 12.03 -35.95
C SER A 319 17.07 13.33 -35.72
N ARG A 320 17.08 13.79 -34.46
CA ARG A 320 17.61 15.12 -34.17
C ARG A 320 19.10 15.27 -34.46
N ASP A 321 19.90 14.25 -34.18
CA ASP A 321 21.34 14.33 -34.46
C ASP A 321 21.63 14.55 -35.95
N VAL A 322 20.80 13.95 -36.80
CA VAL A 322 20.89 14.13 -38.25
C VAL A 322 20.43 15.54 -38.64
N VAL A 323 19.23 15.90 -38.22
CA VAL A 323 18.66 17.18 -38.62
C VAL A 323 19.57 18.32 -38.17
N SER A 324 20.06 18.24 -36.93
CA SER A 324 20.98 19.24 -36.39
C SER A 324 22.33 19.27 -37.13
N ARG A 325 22.82 18.09 -37.53
CA ARG A 325 24.00 18.01 -38.38
C ARG A 325 23.71 18.63 -39.75
N ALA A 326 22.62 18.16 -40.36
CA ALA A 326 22.19 18.62 -41.67
C ALA A 326 22.06 20.14 -41.73
N GLU A 327 21.65 20.76 -40.62
CA GLU A 327 21.64 22.22 -40.53
C GLU A 327 23.07 22.75 -40.61
N THR A 328 23.92 22.26 -39.71
CA THR A 328 25.29 22.73 -39.59
C THR A 328 26.07 22.65 -40.92
N ILE A 329 25.81 21.60 -41.69
CA ILE A 329 26.44 21.43 -43.01
C ILE A 329 26.06 22.57 -43.95
N GLU A 330 24.78 22.93 -43.98
CA GLU A 330 24.31 24.04 -44.83
C GLU A 330 24.88 25.39 -44.38
N ILE A 331 25.02 25.56 -43.07
CA ILE A 331 25.60 26.77 -42.50
C ILE A 331 27.07 26.84 -42.86
N MET A 332 27.80 25.78 -42.55
CA MET A 332 29.24 25.73 -42.77
C MET A 332 29.62 25.74 -44.25
N GLU A 333 28.66 25.47 -45.14
CA GLU A 333 28.86 25.62 -46.57
C GLU A 333 28.26 26.93 -47.12
N GLY A 334 27.81 27.80 -46.24
CA GLY A 334 27.41 29.15 -46.63
C GLY A 334 25.93 29.38 -46.95
N ARG A 335 25.19 28.32 -47.26
CA ARG A 335 23.76 28.45 -47.52
C ARG A 335 22.92 28.71 -46.26
N GLY A 336 23.58 29.07 -45.17
CA GLY A 336 22.91 29.58 -43.98
C GLY A 336 22.27 30.93 -44.27
N VAL A 337 21.22 31.24 -43.52
CA VAL A 337 20.37 32.39 -43.79
C VAL A 337 20.70 33.58 -42.85
N GLY A 338 20.02 34.70 -43.08
CA GLY A 338 20.16 35.86 -42.23
C GLY A 338 21.45 36.62 -42.47
N PRO A 339 21.65 37.72 -41.73
CA PRO A 339 22.73 38.69 -41.97
C PRO A 339 24.12 38.15 -41.68
N GLU A 340 24.21 36.95 -41.12
CA GLU A 340 25.49 36.30 -40.94
C GLU A 340 25.56 34.99 -41.71
N LYS A 341 24.51 34.67 -42.46
CA LYS A 341 24.45 33.40 -43.18
C LYS A 341 24.85 32.25 -42.26
N ASP A 342 24.41 32.35 -40.99
CA ASP A 342 24.90 31.50 -39.89
C ASP A 342 23.82 30.69 -39.13
N HIS A 343 22.55 30.90 -39.46
CA HIS A 343 21.48 30.06 -38.95
C HIS A 343 20.55 29.75 -40.12
N ILE A 344 19.41 29.10 -39.89
CA ILE A 344 18.44 28.85 -40.99
C ILE A 344 17.01 29.19 -40.55
N TYR A 345 16.02 28.73 -41.30
CA TYR A 345 14.61 28.93 -40.95
C TYR A 345 13.84 27.67 -40.60
N LEU A 346 12.85 27.83 -39.74
CA LEU A 346 11.75 26.89 -39.63
C LEU A 346 10.56 27.58 -40.28
N GLN A 347 9.80 26.82 -41.07
CA GLN A 347 8.70 27.38 -41.84
C GLN A 347 7.33 26.93 -41.31
N LEU A 348 6.49 27.90 -40.97
CA LEU A 348 5.09 27.64 -40.61
C LEU A 348 4.10 28.57 -41.33
N HIS A 349 4.60 29.54 -42.09
CA HIS A 349 3.73 30.45 -42.84
C HIS A 349 3.04 29.82 -44.06
N HIS A 350 2.98 28.49 -44.09
CA HIS A 350 2.29 27.76 -45.15
C HIS A 350 1.21 26.82 -44.62
N LEU A 351 1.28 26.49 -43.32
CA LEU A 351 0.22 25.73 -42.65
C LEU A 351 -0.97 26.65 -42.40
N PRO A 352 -2.19 26.08 -42.36
CA PRO A 352 -3.39 26.91 -42.13
C PRO A 352 -3.43 27.44 -40.69
N ALA A 353 -3.72 28.73 -40.54
CA ALA A 353 -3.59 29.43 -39.24
C ALA A 353 -4.52 28.91 -38.14
N GLU A 354 -5.63 28.28 -38.51
CA GLU A 354 -6.50 27.64 -37.52
C GLU A 354 -5.95 26.29 -37.03
N GLN A 355 -4.80 25.87 -37.54
CA GLN A 355 -4.09 24.72 -37.01
C GLN A 355 -2.90 25.16 -36.16
N LEU A 356 -2.14 26.14 -36.66
CA LEU A 356 -1.07 26.76 -35.90
C LEU A 356 -1.55 27.17 -34.52
N HIS A 357 -2.64 27.93 -34.50
CA HIS A 357 -3.23 28.39 -33.26
C HIS A 357 -3.74 27.23 -32.39
N GLN A 358 -4.22 26.18 -33.03
CA GLN A 358 -4.74 25.03 -32.32
C GLN A 358 -3.62 24.13 -31.78
N ARG A 359 -2.62 23.86 -32.61
CA ARG A 359 -1.59 22.86 -32.26
C ARG A 359 -0.28 23.45 -31.77
N LEU A 360 -0.02 24.70 -32.12
CA LEU A 360 1.22 25.36 -31.74
C LEU A 360 0.97 26.80 -31.26
N PRO A 361 0.15 26.95 -30.20
CA PRO A 361 -0.04 28.28 -29.60
C PRO A 361 1.13 28.73 -28.74
N GLY A 362 1.80 27.78 -28.10
CA GLY A 362 2.95 28.06 -27.25
C GLY A 362 4.06 28.67 -28.05
N ILE A 363 4.58 27.92 -29.01
CA ILE A 363 5.65 28.42 -29.85
C ILE A 363 5.20 29.64 -30.66
N SER A 364 3.91 29.69 -31.01
CA SER A 364 3.33 30.83 -31.73
C SER A 364 3.69 32.13 -31.01
N GLU A 365 3.34 32.19 -29.72
CA GLU A 365 3.64 33.36 -28.92
C GLU A 365 5.13 33.43 -28.60
N THR A 366 5.73 32.30 -28.20
CA THR A 366 7.17 32.24 -27.88
C THR A 366 8.03 32.83 -29.00
N ALA A 367 7.70 32.50 -30.24
CA ALA A 367 8.38 33.06 -31.42
C ALA A 367 8.04 34.53 -31.60
N LYS A 368 6.78 34.89 -31.36
CA LYS A 368 6.31 36.27 -31.50
C LYS A 368 6.90 37.21 -30.46
N ILE A 369 7.35 36.67 -29.32
CA ILE A 369 7.98 37.48 -28.28
C ILE A 369 9.46 37.64 -28.57
N PHE A 370 10.19 36.53 -28.57
CA PHE A 370 11.64 36.55 -28.61
C PHE A 370 12.19 36.82 -30.02
N ALA A 371 11.45 36.43 -31.04
CA ALA A 371 11.87 36.66 -32.43
C ALA A 371 11.09 37.77 -33.14
N GLY A 372 9.94 38.16 -32.57
CA GLY A 372 9.06 39.15 -33.21
C GLY A 372 8.36 38.64 -34.46
N VAL A 373 8.28 37.31 -34.59
CA VAL A 373 7.83 36.65 -35.81
C VAL A 373 6.36 36.31 -35.73
N ASP A 374 5.60 36.80 -36.69
CA ASP A 374 4.27 36.29 -36.93
C ASP A 374 4.44 35.01 -37.73
N VAL A 375 4.31 33.87 -37.06
CA VAL A 375 4.66 32.57 -37.66
C VAL A 375 3.80 32.16 -38.87
N THR A 376 2.63 32.78 -39.02
CA THR A 376 1.75 32.56 -40.18
C THR A 376 2.15 33.42 -41.38
N LYS A 377 3.06 34.38 -41.14
CA LYS A 377 3.58 35.26 -42.20
C LYS A 377 5.09 35.11 -42.45
N GLU A 378 5.87 34.78 -41.43
CA GLU A 378 7.32 34.67 -41.57
C GLU A 378 7.83 33.34 -40.97
N PRO A 379 9.03 32.91 -41.40
CA PRO A 379 9.64 31.74 -40.76
C PRO A 379 10.34 32.14 -39.47
N ILE A 380 10.70 31.15 -38.66
CA ILE A 380 11.35 31.34 -37.36
C ILE A 380 12.86 31.08 -37.46
N PRO A 381 13.69 32.11 -37.19
CA PRO A 381 15.12 31.86 -37.33
C PRO A 381 15.59 30.89 -36.26
N VAL A 382 15.96 29.68 -36.67
CA VAL A 382 16.38 28.64 -35.73
C VAL A 382 17.81 28.18 -35.99
N ILE A 383 18.33 27.33 -35.10
CA ILE A 383 19.71 26.81 -35.16
C ILE A 383 19.87 25.59 -34.24
N PRO A 384 20.80 24.66 -34.57
CA PRO A 384 21.05 23.60 -33.60
C PRO A 384 21.41 24.13 -32.21
N THR A 385 20.87 23.48 -31.19
CA THR A 385 21.01 23.95 -29.81
C THR A 385 21.06 22.75 -28.86
N VAL A 386 21.84 22.90 -27.79
CA VAL A 386 21.93 21.87 -26.74
C VAL A 386 20.59 21.76 -26.02
N HIS A 387 20.19 20.55 -25.67
CA HIS A 387 18.82 20.27 -25.23
C HIS A 387 18.68 19.19 -24.16
N TYR A 388 19.11 17.97 -24.49
CA TYR A 388 18.97 16.83 -23.60
C TYR A 388 20.29 16.07 -23.49
N ASN A 389 20.56 15.59 -22.28
CA ASN A 389 21.75 14.81 -21.99
C ASN A 389 21.32 13.37 -21.76
N MET A 390 21.35 12.55 -22.80
CA MET A 390 21.10 11.12 -22.61
C MET A 390 22.02 10.63 -21.51
N GLY A 391 23.31 10.97 -21.62
CA GLY A 391 24.31 10.65 -20.60
C GLY A 391 23.86 10.93 -19.17
N GLY A 392 24.33 10.09 -18.25
CA GLY A 392 23.95 10.22 -16.85
C GLY A 392 24.52 9.15 -15.95
N ILE A 393 23.86 8.95 -14.82
CA ILE A 393 24.32 8.04 -13.79
C ILE A 393 23.92 6.63 -14.20
N PRO A 394 24.90 5.73 -14.34
CA PRO A 394 24.66 4.40 -14.90
C PRO A 394 23.75 3.56 -14.03
N THR A 395 22.73 2.95 -14.65
CA THR A 395 21.81 2.06 -13.94
C THR A 395 21.52 0.80 -14.73
N ASN A 396 20.85 -0.14 -14.07
CA ASN A 396 20.28 -1.32 -14.73
C ASN A 396 18.86 -0.99 -15.20
N TYR A 397 18.05 -2.00 -15.51
CA TYR A 397 16.65 -1.78 -15.87
C TYR A 397 15.77 -1.49 -14.65
N LYS A 398 16.23 -1.87 -13.45
CA LYS A 398 15.51 -1.59 -12.21
C LYS A 398 15.76 -0.16 -11.71
N ALA A 399 16.37 0.69 -12.55
CA ALA A 399 16.64 2.10 -12.22
C ALA A 399 17.51 2.20 -10.97
N GLN A 400 18.41 1.24 -10.82
CA GLN A 400 19.33 1.21 -9.71
C GLN A 400 20.73 1.55 -10.19
N VAL A 401 21.39 2.43 -9.44
CA VAL A 401 22.72 2.89 -9.79
C VAL A 401 23.69 1.73 -9.65
N ILE A 402 24.66 1.68 -10.56
CA ILE A 402 25.60 0.58 -10.61
C ILE A 402 27.04 1.07 -10.74
N LYS A 403 27.97 0.23 -10.30
CA LYS A 403 29.39 0.40 -10.61
C LYS A 403 29.80 -0.75 -11.52
N TYR A 404 30.86 -0.55 -12.29
CA TYR A 404 31.27 -1.54 -13.28
C TYR A 404 32.75 -1.83 -13.18
N THR A 405 33.09 -2.93 -12.52
CA THR A 405 34.46 -3.44 -12.57
C THR A 405 34.64 -4.16 -13.91
N LYS A 406 35.89 -4.23 -14.36
CA LYS A 406 36.20 -4.95 -15.59
C LYS A 406 36.18 -6.48 -15.39
N GLU A 407 36.20 -6.93 -14.12
CA GLU A 407 36.16 -8.36 -13.77
C GLU A 407 34.86 -8.75 -13.05
N GLY A 408 34.49 -7.97 -12.02
CA GLY A 408 33.28 -8.23 -11.26
C GLY A 408 31.99 -7.93 -12.00
N GLY A 409 32.06 -6.99 -12.93
CA GLY A 409 30.92 -6.65 -13.78
C GLY A 409 30.05 -5.57 -13.17
N ASP A 410 28.73 -5.72 -13.32
CA ASP A 410 27.78 -4.72 -12.83
C ASP A 410 27.41 -4.94 -11.36
N LYS A 411 28.19 -4.34 -10.46
CA LYS A 411 27.94 -4.43 -9.02
C LYS A 411 27.11 -3.22 -8.61
N ILE A 412 25.91 -3.43 -8.07
CA ILE A 412 25.01 -2.31 -7.79
C ILE A 412 25.48 -1.43 -6.62
N VAL A 413 24.81 -0.29 -6.45
CA VAL A 413 25.03 0.61 -5.32
C VAL A 413 23.82 0.52 -4.39
N PRO A 414 24.02 -0.01 -3.16
CA PRO A 414 22.95 -0.13 -2.16
C PRO A 414 22.29 1.19 -1.73
N GLY A 415 20.97 1.14 -1.58
CA GLY A 415 20.19 2.27 -1.12
C GLY A 415 20.16 3.43 -2.09
N LEU A 416 20.43 3.16 -3.37
CA LEU A 416 20.53 4.21 -4.39
C LEU A 416 19.83 3.83 -5.69
N TYR A 417 18.96 4.73 -6.14
CA TYR A 417 18.23 4.60 -7.39
C TYR A 417 18.41 5.92 -8.16
N ALA A 418 18.19 5.87 -9.48
CA ALA A 418 18.23 7.08 -10.33
C ALA A 418 17.23 6.97 -11.48
N CYS A 419 16.75 8.12 -11.96
CA CYS A 419 15.85 8.17 -13.13
C CYS A 419 15.67 9.59 -13.66
N GLY A 420 15.19 9.71 -14.89
CA GLY A 420 15.01 11.02 -15.51
C GLY A 420 16.17 11.35 -16.44
N GLU A 421 16.52 12.63 -16.53
CA GLU A 421 17.57 13.09 -17.45
C GLU A 421 18.96 12.79 -16.90
N CYS A 422 19.07 12.75 -15.57
CA CYS A 422 20.33 12.52 -14.89
C CYS A 422 20.78 11.07 -14.95
N ALA A 423 19.90 10.18 -15.41
CA ALA A 423 20.17 8.75 -15.46
C ALA A 423 20.59 8.27 -16.84
N CYS A 424 21.18 7.08 -16.88
CA CYS A 424 21.55 6.44 -18.12
C CYS A 424 21.34 4.94 -17.96
N HIS A 425 20.15 4.50 -18.31
CA HIS A 425 19.75 3.11 -18.13
C HIS A 425 20.47 2.08 -19.02
N SER A 426 20.69 2.33 -20.31
CA SER A 426 20.30 3.54 -21.04
C SER A 426 19.20 3.19 -22.00
N VAL A 427 18.22 4.09 -22.16
CA VAL A 427 17.16 3.91 -23.16
C VAL A 427 17.37 4.79 -24.41
N HIS A 428 18.46 5.56 -24.41
CA HIS A 428 18.79 6.49 -25.50
C HIS A 428 20.18 6.31 -26.08
N GLY A 429 21.00 5.47 -25.45
CA GLY A 429 22.35 5.22 -25.94
C GLY A 429 22.95 6.49 -26.50
N ALA A 430 23.10 6.54 -27.82
CA ALA A 430 23.85 7.63 -28.47
C ALA A 430 22.99 8.81 -28.91
N ASN A 431 21.71 8.56 -29.15
CA ASN A 431 20.78 9.61 -29.52
C ASN A 431 19.39 9.33 -28.95
N ARG A 432 18.93 10.24 -28.11
CA ARG A 432 17.57 10.20 -27.60
C ARG A 432 16.57 10.41 -28.73
N LEU A 433 15.51 9.63 -28.71
CA LEU A 433 14.44 9.80 -29.68
C LEU A 433 13.61 11.02 -29.31
N GLY A 434 12.82 11.54 -30.24
CA GLY A 434 11.90 12.65 -29.94
C GLY A 434 10.72 12.19 -29.10
N ALA A 435 10.32 13.02 -28.13
CA ALA A 435 9.16 12.77 -27.24
C ALA A 435 9.26 11.56 -26.29
N ASN A 436 10.47 11.07 -26.09
CA ASN A 436 10.75 9.86 -25.30
C ASN A 436 11.13 10.10 -23.85
N SER A 437 11.53 11.32 -23.52
CA SER A 437 12.09 11.59 -22.20
C SER A 437 11.02 11.76 -21.12
N LEU A 438 10.01 12.58 -21.40
CA LEU A 438 8.85 12.69 -20.51
C LEU A 438 8.33 11.29 -20.16
N LEU A 439 8.40 10.36 -21.12
CA LEU A 439 8.08 8.95 -20.89
C LEU A 439 9.14 8.27 -19.98
N ASP A 440 10.42 8.43 -20.34
CA ASP A 440 11.57 7.93 -19.54
C ASP A 440 11.49 8.44 -18.09
N ALA A 441 11.09 9.69 -17.95
CA ALA A 441 10.90 10.32 -16.64
C ALA A 441 9.81 9.59 -15.90
N VAL A 442 8.69 9.36 -16.56
CA VAL A 442 7.53 8.76 -15.91
C VAL A 442 7.78 7.28 -15.67
N VAL A 443 7.92 6.49 -16.74
CA VAL A 443 7.95 5.03 -16.60
C VAL A 443 8.96 4.56 -15.55
N PHE A 444 10.14 5.18 -15.55
CA PHE A 444 11.21 4.78 -14.63
C PHE A 444 11.13 5.43 -13.27
N GLY A 445 10.35 6.49 -13.18
CA GLY A 445 9.92 7.03 -11.90
C GLY A 445 8.97 6.03 -11.29
N ARG A 446 7.94 5.68 -12.06
CA ARG A 446 7.04 4.61 -11.66
C ARG A 446 7.84 3.36 -11.31
N ALA A 447 8.81 3.02 -12.16
CA ALA A 447 9.67 1.86 -11.91
C ALA A 447 10.37 1.95 -10.56
N CYS A 448 10.90 3.12 -10.25
CA CYS A 448 11.58 3.30 -8.96
C CYS A 448 10.72 2.80 -7.80
N SER A 449 9.46 3.22 -7.73
CA SER A 449 8.59 2.81 -6.64
C SER A 449 8.24 1.33 -6.75
N ILE A 450 7.82 0.89 -7.95
CA ILE A 450 7.52 -0.52 -8.21
C ILE A 450 8.66 -1.39 -7.71
N ASN A 451 9.87 -1.07 -8.16
CA ASN A 451 11.06 -1.83 -7.80
C ASN A 451 11.44 -1.71 -6.32
N ILE A 452 11.14 -0.57 -5.69
CA ILE A 452 11.45 -0.38 -4.27
C ILE A 452 10.43 -1.06 -3.36
N LYS A 453 9.14 -0.82 -3.61
CA LYS A 453 8.04 -1.53 -2.90
C LYS A 453 8.38 -2.99 -2.64
N GLU A 454 8.95 -3.64 -3.66
CA GLU A 454 9.31 -5.05 -3.57
C GLU A 454 10.60 -5.27 -2.77
N GLU A 455 11.74 -4.78 -3.28
CA GLU A 455 13.05 -5.10 -2.69
C GLU A 455 13.36 -4.44 -1.33
N LEU A 456 12.57 -3.43 -0.94
CA LEU A 456 12.62 -2.93 0.43
C LEU A 456 11.68 -3.79 1.25
N LYS A 457 12.05 -4.07 2.50
CA LYS A 457 11.17 -4.80 3.43
C LYS A 457 11.08 -4.04 4.77
N PRO A 458 9.87 -4.00 5.39
CA PRO A 458 9.62 -3.15 6.57
C PRO A 458 10.32 -3.56 7.88
N ASP A 459 11.08 -4.65 7.85
CA ASP A 459 11.97 -5.00 8.98
C ASP A 459 13.27 -4.18 8.95
N GLU A 460 13.77 -3.89 7.74
CA GLU A 460 14.96 -3.06 7.52
C GLU A 460 14.81 -1.68 8.18
N LYS A 461 15.54 -1.46 9.28
CA LYS A 461 15.44 -0.22 10.04
C LYS A 461 16.12 0.94 9.30
N ILE A 462 15.67 2.16 9.61
CA ILE A 462 16.23 3.36 8.96
C ILE A 462 17.69 3.50 9.38
N PRO A 463 18.60 3.55 8.39
CA PRO A 463 20.03 3.47 8.70
C PRO A 463 20.54 4.67 9.49
N GLU A 464 21.35 4.40 10.52
CA GLU A 464 22.01 5.46 11.29
C GLU A 464 23.15 6.06 10.46
N LEU A 465 23.44 7.34 10.69
CA LEU A 465 24.55 8.00 9.98
C LEU A 465 25.84 7.81 10.74
N PRO A 466 26.96 7.58 10.02
CA PRO A 466 28.25 7.63 10.73
C PRO A 466 28.52 9.04 11.26
N GLU A 467 29.23 9.12 12.37
CA GLU A 467 29.46 10.41 13.02
C GLU A 467 30.26 11.31 12.09
N GLY A 468 29.85 12.57 11.98
CA GLY A 468 30.56 13.52 11.14
C GLY A 468 30.38 13.23 9.66
N ALA A 469 29.15 12.92 9.26
CA ALA A 469 28.82 12.68 7.86
C ALA A 469 28.75 14.01 7.12
N GLY A 470 29.34 14.04 5.93
CA GLY A 470 29.36 15.25 5.13
C GLY A 470 29.76 16.47 5.95
N GLU A 471 30.79 16.28 6.77
CA GLU A 471 31.46 17.37 7.44
C GLU A 471 32.27 18.09 6.37
N GLU A 472 32.63 17.34 5.33
CA GLU A 472 33.25 17.89 4.12
C GLU A 472 32.21 18.65 3.33
N SER A 473 31.08 17.99 3.07
CA SER A 473 29.98 18.59 2.30
C SER A 473 29.77 20.04 2.71
N ILE A 474 29.81 20.25 4.02
CA ILE A 474 29.71 21.58 4.61
C ILE A 474 31.00 22.35 4.35
N ALA A 475 32.14 21.77 4.72
CA ALA A 475 33.44 22.44 4.55
C ALA A 475 33.54 23.06 3.17
N ASN A 476 33.26 22.25 2.16
CA ASN A 476 33.18 22.70 0.77
C ASN A 476 32.32 23.96 0.66
N LEU A 477 31.11 23.89 1.19
CA LEU A 477 30.18 25.03 1.20
C LEU A 477 30.81 26.27 1.88
N ASP A 478 31.36 26.04 3.07
CA ASP A 478 32.01 27.09 3.85
C ASP A 478 33.15 27.75 3.09
N ALA A 479 33.82 26.97 2.25
CA ALA A 479 34.85 27.50 1.36
C ALA A 479 34.23 28.43 0.34
N VAL A 480 33.28 27.90 -0.44
CA VAL A 480 32.71 28.66 -1.54
C VAL A 480 32.01 29.89 -1.01
N ARG A 481 31.37 29.75 0.16
CA ARG A 481 30.60 30.83 0.74
C ARG A 481 31.44 32.09 0.87
N TYR A 482 32.61 31.97 1.51
CA TYR A 482 33.51 33.11 1.73
C TYR A 482 34.63 33.15 0.68
N ALA A 483 34.32 32.80 -0.56
CA ALA A 483 35.35 32.59 -1.59
C ALA A 483 36.28 33.81 -1.75
N ASN A 484 37.58 33.54 -1.62
CA ASN A 484 38.59 34.56 -1.36
C ASN A 484 39.48 34.92 -2.57
N GLY A 485 39.53 34.05 -3.57
CA GLY A 485 40.39 34.28 -4.74
C GLY A 485 39.95 35.44 -5.60
N ASP A 486 40.54 35.53 -6.80
CA ASP A 486 40.40 36.70 -7.68
C ASP A 486 39.60 36.43 -8.97
N VAL A 487 38.95 35.26 -9.04
CA VAL A 487 38.09 34.90 -10.18
C VAL A 487 36.62 34.93 -9.77
N PRO A 488 35.84 35.88 -10.33
CA PRO A 488 34.40 35.86 -10.08
C PRO A 488 33.74 34.57 -10.57
N THR A 489 32.94 33.96 -9.70
CA THR A 489 32.20 32.75 -10.04
C THR A 489 31.45 32.91 -11.39
N ALA A 490 30.92 34.12 -11.62
CA ALA A 490 30.22 34.43 -12.86
C ALA A 490 31.08 34.26 -14.11
N GLU A 491 32.34 34.68 -14.03
CA GLU A 491 33.23 34.68 -15.18
C GLU A 491 33.82 33.30 -15.47
N LEU A 492 34.14 32.54 -14.42
CA LEU A 492 34.66 31.19 -14.56
C LEU A 492 33.64 30.29 -15.25
N ARG A 493 32.35 30.54 -14.99
CA ARG A 493 31.28 29.84 -15.69
C ARG A 493 31.32 30.14 -17.18
N LEU A 494 31.19 31.43 -17.52
CA LEU A 494 31.18 31.88 -18.91
C LEU A 494 32.27 31.20 -19.75
N THR A 495 33.51 31.23 -19.26
CA THR A 495 34.65 30.67 -20.00
C THR A 495 34.58 29.15 -20.10
N MET A 496 34.03 28.50 -19.08
CA MET A 496 33.72 27.08 -19.19
C MET A 496 32.76 26.90 -20.36
N GLN A 497 31.61 27.55 -20.27
CA GLN A 497 30.55 27.45 -21.28
C GLN A 497 31.05 27.61 -22.71
N LYS A 498 31.91 28.59 -22.93
CA LYS A 498 32.43 28.83 -24.28
C LYS A 498 33.48 27.78 -24.63
N THR A 499 34.50 27.64 -23.78
CA THR A 499 35.51 26.61 -23.98
C THR A 499 34.85 25.31 -24.37
N MET A 500 33.63 25.10 -23.89
CA MET A 500 32.85 23.92 -24.24
C MET A 500 32.23 24.08 -25.60
N GLN A 501 31.44 25.14 -25.75
CA GLN A 501 30.68 25.43 -26.96
C GLN A 501 31.52 25.17 -28.20
N LYS A 502 32.74 25.67 -28.17
CA LYS A 502 33.70 25.54 -29.26
C LYS A 502 34.08 24.08 -29.57
N HIS A 503 34.56 23.37 -28.55
CA HIS A 503 35.30 22.12 -28.74
C HIS A 503 34.45 20.88 -28.88
N ALA A 504 33.31 20.86 -28.20
CA ALA A 504 32.41 19.71 -28.22
C ALA A 504 31.10 20.05 -28.94
N GLY A 505 31.22 20.54 -30.17
CA GLY A 505 30.07 20.93 -31.00
C GLY A 505 29.39 19.74 -31.66
N VAL A 506 28.58 19.99 -32.69
CA VAL A 506 27.88 18.89 -33.38
C VAL A 506 28.90 18.03 -34.12
N PHE A 507 29.88 18.71 -34.72
CA PHE A 507 31.04 18.08 -35.31
C PHE A 507 32.25 18.40 -34.43
N ARG A 508 32.96 17.35 -34.05
CA ARG A 508 34.09 17.48 -33.14
C ARG A 508 35.28 16.78 -33.79
N ARG A 509 36.49 17.13 -33.36
CA ARG A 509 37.70 16.50 -33.91
C ARG A 509 38.80 16.39 -32.85
N GLY A 510 39.65 15.37 -33.01
CA GLY A 510 40.68 15.01 -32.05
C GLY A 510 41.60 16.12 -31.62
N ASP A 511 41.98 16.98 -32.57
CA ASP A 511 42.87 18.10 -32.26
C ASP A 511 42.15 19.19 -31.47
N ILE A 512 40.89 19.47 -31.83
CA ILE A 512 40.09 20.47 -31.12
C ILE A 512 39.91 19.97 -29.69
N LEU A 513 39.41 18.74 -29.57
CA LEU A 513 39.06 18.14 -28.28
C LEU A 513 40.24 18.08 -27.31
N ALA A 514 41.40 17.65 -27.81
CA ALA A 514 42.62 17.70 -27.03
C ALA A 514 42.80 19.12 -26.51
N GLU A 515 42.70 20.09 -27.43
CA GLU A 515 42.89 21.49 -27.08
C GLU A 515 41.76 22.02 -26.17
N GLY A 516 40.60 21.39 -26.24
CA GLY A 516 39.51 21.71 -25.32
C GLY A 516 39.83 21.19 -23.94
N VAL A 517 40.18 19.91 -23.87
CA VAL A 517 40.55 19.28 -22.61
C VAL A 517 41.65 20.06 -21.92
N LYS A 518 42.63 20.54 -22.69
CA LYS A 518 43.73 21.33 -22.13
C LYS A 518 43.19 22.57 -21.42
N LYS A 519 42.27 23.29 -22.04
CA LYS A 519 41.71 24.50 -21.43
C LYS A 519 40.76 24.18 -20.27
N MET A 520 39.90 23.18 -20.45
CA MET A 520 38.91 22.80 -19.44
C MET A 520 39.56 22.32 -18.13
N MET A 521 40.66 21.59 -18.25
CA MET A 521 41.36 21.08 -17.09
C MET A 521 42.12 22.22 -16.39
N ASP A 522 42.51 23.23 -17.15
CA ASP A 522 43.13 24.42 -16.57
C ASP A 522 42.09 25.40 -16.04
N LEU A 523 40.85 25.31 -16.53
CA LEU A 523 39.75 26.06 -15.90
C LEU A 523 39.35 25.41 -14.58
N PHE A 524 39.50 24.09 -14.50
CA PHE A 524 39.21 23.38 -13.28
C PHE A 524 40.13 23.79 -12.16
N LYS A 525 41.41 24.05 -12.48
CA LYS A 525 42.37 24.48 -11.46
C LYS A 525 42.09 25.91 -10.96
N GLU A 526 41.27 26.68 -11.70
CA GLU A 526 40.86 28.02 -11.28
C GLU A 526 39.79 28.01 -10.17
N LEU A 527 39.20 26.84 -9.92
CA LEU A 527 38.21 26.68 -8.84
C LEU A 527 38.74 27.06 -7.45
N LYS A 528 40.04 26.90 -7.25
CA LYS A 528 40.66 27.26 -5.98
C LYS A 528 40.88 28.77 -5.92
N ARG A 529 40.93 29.40 -7.10
CA ARG A 529 41.02 30.86 -7.22
C ARG A 529 39.64 31.55 -7.31
N LEU A 530 38.65 31.04 -6.59
CA LEU A 530 37.27 31.50 -6.78
C LEU A 530 36.96 32.77 -5.99
N LYS A 531 36.06 33.59 -6.55
CA LYS A 531 35.50 34.74 -5.82
C LYS A 531 33.97 34.66 -5.75
N THR A 532 33.45 34.92 -4.55
CA THR A 532 32.03 35.13 -4.33
C THR A 532 31.94 36.31 -3.39
N THR A 533 31.09 37.28 -3.71
CA THR A 533 30.84 38.43 -2.84
C THR A 533 29.82 38.07 -1.75
N ASP A 534 28.67 37.57 -2.17
CA ASP A 534 27.55 37.28 -1.27
C ASP A 534 27.96 36.32 -0.17
N ARG A 535 27.74 36.74 1.07
CA ARG A 535 28.27 36.07 2.23
C ARG A 535 27.16 35.43 3.08
N SER A 536 25.92 35.88 2.90
CA SER A 536 24.81 35.44 3.76
C SER A 536 24.46 33.97 3.57
N LEU A 537 23.87 33.38 4.61
CA LEU A 537 23.33 32.01 4.54
C LEU A 537 21.96 31.99 3.87
N ILE A 538 21.09 32.93 4.27
CA ILE A 538 19.71 32.95 3.82
C ILE A 538 19.60 33.39 2.37
N TRP A 539 19.19 32.44 1.52
CA TRP A 539 18.95 32.70 0.12
C TRP A 539 20.15 33.37 -0.51
N ASN A 540 21.20 32.59 -0.69
CA ASN A 540 22.38 33.08 -1.34
C ASN A 540 22.44 32.51 -2.75
N SER A 541 21.88 33.25 -3.71
CA SER A 541 21.88 32.81 -5.09
C SER A 541 23.27 32.90 -5.68
N ASP A 542 24.16 33.65 -5.05
CA ASP A 542 25.56 33.71 -5.50
C ASP A 542 26.32 32.45 -5.10
N LEU A 543 26.18 32.06 -3.84
CA LEU A 543 26.80 30.84 -3.31
C LEU A 543 26.28 29.57 -3.99
N THR A 544 24.97 29.41 -4.02
CA THR A 544 24.34 28.25 -4.64
C THR A 544 24.77 28.10 -6.10
N GLU A 545 24.69 29.18 -6.86
CA GLU A 545 25.17 29.19 -8.24
C GLU A 545 26.65 28.77 -8.33
N SER A 546 27.42 29.08 -7.30
CA SER A 546 28.82 28.67 -7.28
C SER A 546 28.90 27.14 -7.14
N LEU A 547 28.08 26.56 -6.27
CA LEU A 547 28.02 25.12 -6.11
C LEU A 547 27.55 24.44 -7.39
N GLU A 548 26.66 25.12 -8.12
CA GLU A 548 26.21 24.66 -9.45
C GLU A 548 27.38 24.60 -10.42
N LEU A 549 28.15 25.69 -10.48
CA LEU A 549 29.36 25.73 -11.28
C LEU A 549 30.32 24.62 -10.90
N GLN A 550 30.50 24.40 -9.60
CA GLN A 550 31.29 23.26 -9.13
C GLN A 550 30.83 21.97 -9.79
N ASN A 551 29.52 21.77 -9.75
CA ASN A 551 28.90 20.53 -10.25
C ASN A 551 28.97 20.45 -11.76
N LEU A 552 28.67 21.57 -12.42
CA LEU A 552 28.84 21.71 -13.87
C LEU A 552 30.26 21.40 -14.36
N MET A 553 31.28 21.86 -13.62
CA MET A 553 32.67 21.64 -14.05
C MET A 553 33.04 20.17 -14.03
N LEU A 554 32.47 19.42 -13.10
CA LEU A 554 32.69 17.97 -13.04
C LEU A 554 32.09 17.33 -14.28
N ASN A 555 30.80 17.58 -14.51
CA ASN A 555 30.11 17.09 -15.70
C ASN A 555 30.87 17.45 -16.95
N ALA A 556 31.16 18.74 -17.12
CA ALA A 556 31.81 19.24 -18.32
C ALA A 556 33.14 18.54 -18.57
N THR A 557 34.04 18.57 -17.59
CA THR A 557 35.35 17.91 -17.71
C THR A 557 35.19 16.48 -18.19
N GLN A 558 34.30 15.74 -17.54
CA GLN A 558 34.03 14.36 -17.91
C GLN A 558 33.38 14.22 -19.31
N THR A 559 32.54 15.19 -19.67
CA THR A 559 31.90 15.16 -20.99
C THR A 559 32.94 15.16 -22.11
N ILE A 560 33.93 16.06 -21.99
CA ILE A 560 34.87 16.30 -23.09
C ILE A 560 36.06 15.33 -23.15
N VAL A 561 36.52 14.82 -22.01
CA VAL A 561 37.58 13.80 -22.01
C VAL A 561 37.06 12.51 -22.62
N ALA A 562 35.79 12.24 -22.38
CA ALA A 562 35.09 11.09 -22.97
C ALA A 562 35.00 11.25 -24.48
N ALA A 563 34.56 12.44 -24.91
CA ALA A 563 34.41 12.75 -26.33
C ALA A 563 35.76 12.67 -27.05
N GLU A 564 36.77 13.34 -26.49
CA GLU A 564 38.12 13.35 -27.07
C GLU A 564 38.62 11.94 -27.36
N ASN A 565 38.33 11.03 -26.43
CA ASN A 565 38.79 9.66 -26.51
C ASN A 565 37.97 8.77 -27.46
N ARG A 566 36.68 9.04 -27.59
CA ARG A 566 35.82 8.26 -28.49
C ARG A 566 36.12 8.53 -29.95
N LYS A 567 36.79 7.58 -30.59
CA LYS A 567 37.20 7.71 -31.99
C LYS A 567 36.15 7.11 -32.94
N GLU A 568 34.98 7.73 -33.01
CA GLU A 568 33.95 7.29 -33.95
C GLU A 568 32.84 8.31 -34.08
N SER A 569 32.03 8.15 -35.12
CA SER A 569 30.80 8.92 -35.27
C SER A 569 29.63 8.01 -34.94
N ARG A 570 28.81 8.42 -33.98
CA ARG A 570 27.67 7.64 -33.54
C ARG A 570 26.72 8.54 -32.75
N GLY A 571 25.45 8.56 -33.13
CA GLY A 571 24.48 9.41 -32.47
C GLY A 571 24.91 10.87 -32.53
N ALA A 572 24.75 11.57 -31.41
CA ALA A 572 25.03 13.02 -31.35
C ALA A 572 26.51 13.35 -31.52
N HIS A 573 27.34 12.50 -30.91
CA HIS A 573 28.79 12.61 -30.97
C HIS A 573 29.33 12.15 -32.34
N ALA A 574 29.67 13.12 -33.20
CA ALA A 574 30.21 12.85 -34.54
C ALA A 574 31.64 13.40 -34.70
N ARG A 575 32.57 12.49 -35.02
CA ARG A 575 34.00 12.79 -35.15
C ARG A 575 34.45 12.93 -36.61
N ASP A 576 34.76 14.16 -37.02
CA ASP A 576 35.30 14.44 -38.36
C ASP A 576 36.43 13.47 -38.72
N ASP A 577 37.29 13.19 -37.75
CA ASP A 577 38.43 12.30 -37.96
C ASP A 577 38.10 10.80 -37.78
N PHE A 578 36.86 10.46 -37.43
CA PHE A 578 36.48 9.04 -37.28
C PHE A 578 35.04 8.80 -37.68
N PRO A 579 34.71 9.16 -38.92
CA PRO A 579 33.33 9.32 -39.34
C PRO A 579 32.54 8.04 -39.63
N LYS A 580 33.09 6.87 -39.31
CA LYS A 580 32.30 5.65 -39.41
C LYS A 580 31.86 5.16 -38.05
N ARG A 581 30.72 4.48 -38.05
CA ARG A 581 30.21 3.83 -36.85
C ARG A 581 31.05 2.58 -36.61
N GLU A 582 31.87 2.62 -35.57
CA GLU A 582 32.75 1.50 -35.22
C GLU A 582 31.95 0.43 -34.49
N ASP A 583 31.83 -0.74 -35.09
CA ASP A 583 31.04 -1.83 -34.52
C ASP A 583 31.86 -3.12 -34.46
N GLU A 584 31.31 -4.14 -33.80
CA GLU A 584 32.00 -5.44 -33.70
C GLU A 584 32.27 -5.95 -35.12
N TYR A 585 31.19 -5.99 -35.92
CA TYR A 585 31.29 -6.26 -37.35
C TYR A 585 31.07 -4.98 -38.13
N ASP A 586 31.63 -4.92 -39.34
CA ASP A 586 31.16 -3.96 -40.31
C ASP A 586 29.76 -4.42 -40.68
N TYR A 587 28.79 -3.53 -40.56
CA TYR A 587 27.40 -3.92 -40.72
C TYR A 587 26.82 -3.58 -42.08
N SER A 588 27.55 -2.82 -42.91
CA SER A 588 27.12 -2.60 -44.30
C SER A 588 27.32 -3.88 -45.10
N LYS A 589 28.48 -4.52 -44.89
CA LYS A 589 28.75 -5.83 -45.44
C LYS A 589 27.89 -6.87 -44.69
N PRO A 590 27.61 -8.02 -45.31
CA PRO A 590 26.78 -9.03 -44.63
C PRO A 590 27.50 -9.66 -43.43
N ILE A 591 26.72 -10.15 -42.48
CA ILE A 591 27.23 -10.51 -41.15
C ILE A 591 28.21 -11.69 -41.25
N GLU A 592 27.70 -12.86 -41.60
CA GLU A 592 28.54 -14.06 -41.70
C GLU A 592 29.65 -13.87 -42.75
N GLY A 593 30.79 -14.52 -42.53
CA GLY A 593 31.98 -14.34 -43.36
C GLY A 593 32.99 -13.41 -42.69
N GLN A 594 32.49 -12.40 -41.98
CA GLN A 594 33.34 -11.47 -41.25
C GLN A 594 33.88 -12.17 -40.01
N THR A 595 34.49 -11.39 -39.12
CA THR A 595 35.03 -11.93 -37.88
C THR A 595 34.99 -10.85 -36.80
N LYS A 596 34.24 -11.14 -35.73
CA LYS A 596 33.94 -10.16 -34.67
C LYS A 596 35.19 -9.56 -34.03
N ARG A 597 35.24 -8.24 -33.94
CA ARG A 597 36.39 -7.55 -33.34
C ARG A 597 36.44 -7.80 -31.84
N PRO A 598 37.61 -7.55 -31.23
CA PRO A 598 37.67 -7.60 -29.77
C PRO A 598 37.07 -6.35 -29.14
N PHE A 599 36.57 -6.50 -27.92
CA PHE A 599 35.97 -5.41 -27.15
C PHE A 599 36.81 -4.11 -27.17
N GLU A 600 38.14 -4.25 -27.23
CA GLU A 600 39.05 -3.11 -27.15
C GLU A 600 38.98 -2.18 -28.36
N LYS A 601 38.94 -2.74 -29.57
CA LYS A 601 39.01 -1.93 -30.79
C LYS A 601 37.71 -1.18 -31.07
N HIS A 602 36.59 -1.89 -31.05
CA HIS A 602 35.28 -1.33 -31.46
C HIS A 602 34.59 -0.56 -30.35
N TRP A 603 33.74 0.38 -30.74
CA TRP A 603 33.20 1.35 -29.79
C TRP A 603 31.72 1.14 -29.43
N ARG A 604 31.16 -0.02 -29.73
CA ARG A 604 29.82 -0.34 -29.24
C ARG A 604 29.88 -0.66 -27.74
N LYS A 605 30.02 0.40 -26.95
CA LYS A 605 30.20 0.26 -25.50
C LYS A 605 30.00 1.61 -24.83
N HIS A 606 29.56 1.60 -23.57
CA HIS A 606 29.27 2.83 -22.83
C HIS A 606 30.56 3.46 -22.30
N THR A 607 30.59 4.80 -22.25
CA THR A 607 31.76 5.55 -21.80
C THR A 607 31.63 5.94 -20.31
N LEU A 608 32.41 5.26 -19.47
CA LEU A 608 32.29 5.39 -18.00
C LEU A 608 33.40 6.21 -17.36
N THR A 609 33.23 7.53 -17.34
CA THR A 609 34.19 8.45 -16.76
C THR A 609 34.13 8.39 -15.25
N LYS A 610 35.29 8.30 -14.62
CA LYS A 610 35.38 8.20 -13.17
C LYS A 610 36.37 9.25 -12.65
N GLN A 611 35.82 10.42 -12.36
CA GLN A 611 36.62 11.58 -11.98
C GLN A 611 36.95 11.58 -10.49
N ASP A 612 38.17 12.03 -10.18
CA ASP A 612 38.59 12.28 -8.81
C ASP A 612 38.06 13.66 -8.46
N PRO A 613 37.07 13.73 -7.55
CA PRO A 613 36.31 14.98 -7.37
C PRO A 613 37.16 16.20 -6.97
N ARG A 614 38.20 15.96 -6.19
CA ARG A 614 39.02 17.03 -5.64
C ARG A 614 40.04 17.51 -6.67
N THR A 615 40.88 16.60 -7.15
CA THR A 615 42.00 16.96 -8.03
C THR A 615 41.53 17.28 -9.44
N GLY A 616 40.71 16.40 -10.02
CA GLY A 616 40.16 16.59 -11.37
C GLY A 616 40.62 15.55 -12.37
N HIS A 617 41.57 14.72 -11.97
CA HIS A 617 42.03 13.58 -12.78
C HIS A 617 40.81 12.76 -13.20
N ILE A 618 40.78 12.32 -14.47
CA ILE A 618 39.71 11.45 -14.95
C ILE A 618 40.29 10.18 -15.55
N THR A 619 39.72 9.03 -15.15
CA THR A 619 40.07 7.76 -15.75
C THR A 619 38.80 7.20 -16.39
N LEU A 620 38.96 6.42 -17.46
CA LEU A 620 37.83 5.81 -18.17
C LEU A 620 37.82 4.29 -18.02
N ASP A 621 36.76 3.67 -18.56
CA ASP A 621 36.63 2.22 -18.67
C ASP A 621 35.36 2.07 -19.50
N TYR A 622 35.12 0.89 -20.05
CA TYR A 622 34.00 0.72 -20.95
C TYR A 622 33.18 -0.52 -20.67
N ARG A 623 31.87 -0.40 -20.89
CA ARG A 623 30.89 -1.39 -20.44
C ARG A 623 29.96 -1.75 -21.62
N PRO A 624 29.67 -3.05 -21.78
CA PRO A 624 28.91 -3.53 -22.95
C PRO A 624 27.52 -2.96 -23.04
N VAL A 625 26.98 -2.93 -24.25
CA VAL A 625 25.57 -2.63 -24.47
C VAL A 625 24.78 -3.91 -24.22
N ILE A 626 23.76 -3.83 -23.37
CA ILE A 626 22.92 -4.99 -23.05
C ILE A 626 21.95 -5.20 -24.18
N ASP A 627 22.29 -6.11 -25.10
CA ASP A 627 21.50 -6.33 -26.31
C ASP A 627 20.19 -7.05 -26.05
N LYS A 628 20.20 -8.00 -25.11
CA LYS A 628 19.01 -8.81 -24.84
C LYS A 628 17.83 -7.96 -24.39
N THR A 629 16.63 -8.44 -24.67
CA THR A 629 15.41 -7.84 -24.14
C THR A 629 15.22 -8.37 -22.72
N LEU A 630 14.08 -8.09 -22.09
CA LEU A 630 13.77 -8.71 -20.80
C LEU A 630 13.15 -10.09 -21.01
N ASP A 631 12.21 -10.16 -21.97
CA ASP A 631 11.55 -11.40 -22.35
C ASP A 631 11.75 -11.64 -23.85
N PRO A 632 12.67 -12.56 -24.21
CA PRO A 632 12.81 -12.99 -25.59
C PRO A 632 11.51 -13.57 -26.16
N ALA A 633 10.65 -14.06 -25.27
CA ALA A 633 9.32 -14.56 -25.64
C ALA A 633 8.35 -13.46 -26.07
N GLU A 634 8.43 -12.28 -25.45
CA GLU A 634 7.56 -11.17 -25.83
C GLU A 634 8.11 -10.37 -27.02
N VAL A 635 9.43 -10.24 -27.13
CA VAL A 635 10.03 -9.60 -28.32
C VAL A 635 11.51 -9.96 -28.55
N ASP A 636 11.94 -9.81 -29.80
CA ASP A 636 13.28 -10.16 -30.26
C ASP A 636 14.23 -8.98 -30.15
N TRP A 637 15.49 -9.24 -29.82
CA TRP A 637 16.49 -8.16 -29.82
C TRP A 637 16.89 -7.77 -31.25
N ILE A 638 16.85 -6.48 -31.54
CA ILE A 638 17.02 -5.99 -32.90
C ILE A 638 18.50 -5.93 -33.29
N PRO A 639 18.87 -6.59 -34.40
CA PRO A 639 20.26 -6.57 -34.84
C PRO A 639 20.68 -5.20 -35.37
N PRO A 640 21.85 -4.69 -34.92
CA PRO A 640 22.43 -3.46 -35.46
C PRO A 640 22.48 -3.42 -36.99
N ILE A 641 21.67 -2.55 -37.59
CA ILE A 641 21.70 -2.26 -39.03
C ILE A 641 22.18 -0.82 -39.17
N ILE A 642 22.57 -0.41 -40.37
CA ILE A 642 23.09 0.95 -40.57
C ILE A 642 21.96 1.98 -40.43
N ARG A 643 22.18 2.93 -39.53
CA ARG A 643 21.17 3.90 -39.15
C ARG A 643 21.00 4.99 -40.22
N SER A 644 20.00 4.80 -41.10
CA SER A 644 19.70 5.78 -42.15
C SER A 644 18.24 6.20 -42.10
N TYR A 645 17.99 7.49 -42.37
CA TYR A 645 16.64 8.05 -42.33
C TYR A 645 16.26 8.67 -43.67
N LYS B 33 26.98 54.30 -25.31
CA LYS B 33 26.71 54.48 -23.85
C LYS B 33 25.22 54.76 -23.56
N ARG B 34 24.35 53.87 -24.03
CA ARG B 34 22.92 53.93 -23.72
C ARG B 34 22.68 53.28 -22.35
N ILE B 35 23.03 54.03 -21.31
CA ILE B 35 23.03 53.52 -19.95
C ILE B 35 21.64 53.63 -19.32
N LYS B 36 20.92 52.52 -19.32
CA LYS B 36 19.65 52.41 -18.60
C LYS B 36 19.93 52.33 -17.11
N THR B 37 19.09 53.00 -16.33
CA THR B 37 19.23 53.02 -14.88
C THR B 37 18.01 52.30 -14.28
N PHE B 38 18.26 51.48 -13.24
CA PHE B 38 17.24 50.62 -12.63
C PHE B 38 17.11 50.91 -11.15
N GLU B 39 15.89 51.08 -10.67
CA GLU B 39 15.62 51.17 -9.22
C GLU B 39 15.03 49.85 -8.73
N ILE B 40 15.87 49.03 -8.08
CA ILE B 40 15.46 47.70 -7.62
C ILE B 40 15.19 47.72 -6.12
N TYR B 41 14.13 47.02 -5.70
CA TYR B 41 13.85 46.85 -4.27
C TYR B 41 14.92 45.96 -3.68
N ARG B 42 15.49 46.39 -2.57
CA ARG B 42 16.54 45.63 -1.91
C ARG B 42 16.13 45.38 -0.46
N PHE B 43 16.65 44.31 0.12
CA PHE B 43 16.39 43.99 1.52
C PHE B 43 17.26 42.85 2.03
N ASN B 44 17.72 42.96 3.27
CA ASN B 44 18.55 41.92 3.86
C ASN B 44 18.08 41.50 5.23
N PRO B 45 17.63 40.24 5.37
CA PRO B 45 17.20 39.73 6.68
C PRO B 45 18.40 39.43 7.59
N GLU B 46 19.54 39.14 6.97
CA GLU B 46 20.78 38.87 7.68
C GLU B 46 21.17 40.11 8.51
N GLU B 47 21.17 41.26 7.85
CA GLU B 47 21.59 42.52 8.47
C GLU B 47 20.66 42.90 9.62
N PRO B 48 21.22 43.15 10.81
CA PRO B 48 20.41 43.27 12.02
C PRO B 48 19.49 44.48 12.01
N GLY B 49 18.20 44.25 12.29
CA GLY B 49 17.20 45.32 12.34
C GLY B 49 17.09 46.13 11.07
N ALA B 50 17.49 45.53 9.95
CA ALA B 50 17.55 46.24 8.67
C ALA B 50 16.15 46.51 8.16
N LYS B 51 16.06 47.29 7.10
CA LYS B 51 14.78 47.63 6.52
C LYS B 51 14.86 47.71 4.99
N PRO B 52 13.73 47.48 4.32
CA PRO B 52 13.59 47.64 2.88
C PRO B 52 14.33 48.86 2.33
N LYS B 53 14.94 48.70 1.15
CA LYS B 53 15.71 49.77 0.54
C LYS B 53 15.34 49.92 -0.94
N LEU B 54 16.00 50.85 -1.61
CA LEU B 54 15.92 50.97 -3.06
C LEU B 54 17.31 51.27 -3.57
N GLN B 55 17.85 50.39 -4.41
CA GLN B 55 19.18 50.60 -4.99
C GLN B 55 19.06 50.98 -6.46
N LYS B 56 19.95 51.86 -6.90
CA LYS B 56 20.00 52.25 -8.30
C LYS B 56 21.15 51.53 -8.99
N PHE B 57 20.81 50.74 -10.01
CA PHE B 57 21.78 50.01 -10.81
C PHE B 57 21.75 50.55 -12.22
N ASP B 58 22.92 50.82 -12.78
CA ASP B 58 23.03 51.29 -14.15
C ASP B 58 23.50 50.15 -15.05
N VAL B 59 22.99 50.11 -16.28
CA VAL B 59 23.30 49.01 -17.20
C VAL B 59 23.48 49.51 -18.62
N ASP B 60 24.53 49.05 -19.29
CA ASP B 60 24.74 49.36 -20.69
C ASP B 60 23.81 48.49 -21.53
N LEU B 61 22.79 49.09 -22.13
CA LEU B 61 21.81 48.35 -22.90
C LEU B 61 22.41 47.69 -24.14
N ASP B 62 23.51 48.22 -24.64
CA ASP B 62 24.23 47.61 -25.76
C ASP B 62 24.95 46.35 -25.34
N LYS B 63 25.34 46.29 -24.07
CA LYS B 63 26.02 45.11 -23.51
C LYS B 63 25.03 44.12 -22.84
N CYS B 64 23.74 44.22 -23.18
CA CYS B 64 22.70 43.46 -22.48
C CYS B 64 21.65 42.88 -23.42
N GLY B 65 20.95 41.85 -22.93
CA GLY B 65 19.84 41.23 -23.65
C GLY B 65 18.57 42.05 -23.57
N THR B 66 17.61 41.70 -24.41
CA THR B 66 16.40 42.52 -24.59
C THR B 66 15.39 42.46 -23.43
N MET B 67 15.56 41.51 -22.52
CA MET B 67 14.56 41.26 -21.49
C MET B 67 15.04 41.73 -20.12
N VAL B 68 14.09 42.15 -19.30
CA VAL B 68 14.39 42.62 -17.94
C VAL B 68 15.31 41.65 -17.21
N LEU B 69 14.95 40.37 -17.20
CA LEU B 69 15.72 39.40 -16.43
C LEU B 69 17.20 39.46 -16.81
N ASP B 70 17.48 39.63 -18.11
CA ASP B 70 18.87 39.69 -18.61
C ASP B 70 19.71 40.71 -17.84
N ALA B 71 19.14 41.89 -17.60
CA ALA B 71 19.79 42.94 -16.85
C ALA B 71 20.00 42.51 -15.40
N LEU B 72 18.93 42.09 -14.74
CA LEU B 72 19.05 41.61 -13.36
C LEU B 72 20.17 40.58 -13.21
N ILE B 73 20.34 39.72 -14.21
CA ILE B 73 21.44 38.76 -14.23
C ILE B 73 22.74 39.51 -14.47
N LYS B 74 22.77 40.28 -15.55
CA LYS B 74 23.94 41.10 -15.89
C LYS B 74 24.46 41.81 -14.65
N ILE B 75 23.53 42.36 -13.87
CA ILE B 75 23.82 43.07 -12.64
C ILE B 75 24.39 42.15 -11.56
N LYS B 76 23.74 41.03 -11.31
CA LYS B 76 24.24 40.06 -10.36
C LYS B 76 25.62 39.57 -10.81
N ASN B 77 25.76 39.37 -12.11
CA ASN B 77 26.97 38.79 -12.67
C ASN B 77 28.17 39.73 -12.72
N GLU B 78 27.92 41.01 -12.95
CA GLU B 78 29.00 42.00 -13.11
C GLU B 78 29.14 42.99 -11.97
N VAL B 79 28.03 43.36 -11.34
CA VAL B 79 27.99 44.50 -10.39
C VAL B 79 27.85 44.06 -8.92
N ASP B 80 26.65 43.66 -8.52
CA ASP B 80 26.41 43.16 -7.16
C ASP B 80 25.76 41.77 -7.20
N PRO B 81 26.57 40.73 -7.02
CA PRO B 81 26.06 39.36 -6.92
C PRO B 81 25.11 39.06 -5.76
N THR B 82 24.99 39.96 -4.78
CA THR B 82 24.04 39.73 -3.68
C THR B 82 22.60 39.96 -4.11
N LEU B 83 22.42 40.63 -5.24
CA LEU B 83 21.08 40.82 -5.81
C LEU B 83 20.44 39.46 -6.03
N THR B 84 19.62 39.06 -5.07
CA THR B 84 19.03 37.75 -5.00
C THR B 84 17.65 37.78 -5.66
N PHE B 85 17.32 36.73 -6.43
CA PHE B 85 16.08 36.72 -7.21
C PHE B 85 15.84 35.36 -7.87
N ARG B 86 14.59 35.13 -8.29
CA ARG B 86 14.17 33.81 -8.78
C ARG B 86 14.16 33.72 -10.31
N ARG B 87 14.84 32.71 -10.84
CA ARG B 87 14.79 32.43 -12.26
C ARG B 87 14.98 30.94 -12.48
N SER B 88 14.46 30.44 -13.60
CA SER B 88 14.75 29.05 -14.00
C SER B 88 14.60 28.90 -15.51
N CYS B 89 13.39 29.07 -16.03
CA CYS B 89 13.19 29.06 -17.46
C CYS B 89 13.66 30.40 -18.01
N ARG B 90 13.95 30.44 -19.30
CA ARG B 90 14.18 31.71 -19.99
C ARG B 90 12.98 32.09 -20.86
N GLU B 91 12.05 31.15 -21.05
CA GLU B 91 10.98 31.27 -22.07
C GLU B 91 9.61 31.68 -21.50
N GLY B 92 9.53 31.91 -20.19
CA GLY B 92 8.31 32.37 -19.54
C GLY B 92 7.26 31.31 -19.37
N ILE B 93 7.67 30.14 -18.90
CA ILE B 93 6.75 29.03 -18.73
C ILE B 93 6.88 28.34 -17.34
N CYS B 94 7.91 28.68 -16.56
CA CYS B 94 8.10 28.11 -15.22
C CYS B 94 7.23 28.82 -14.17
N GLY B 95 7.34 30.16 -14.13
CA GLY B 95 6.58 31.02 -13.19
C GLY B 95 7.43 31.62 -12.09
N SER B 96 8.68 31.15 -12.03
CA SER B 96 9.65 31.53 -11.01
C SER B 96 9.91 33.05 -10.89
N CYS B 97 10.06 33.72 -12.03
CA CYS B 97 10.48 35.14 -12.04
C CYS B 97 9.34 36.17 -11.95
N ALA B 98 8.27 35.87 -11.23
CA ALA B 98 7.20 36.83 -11.01
C ALA B 98 7.70 37.98 -10.13
N MET B 99 7.35 39.21 -10.48
CA MET B 99 7.78 40.39 -9.71
C MET B 99 7.06 41.63 -10.21
N ASN B 100 7.32 42.78 -9.60
CA ASN B 100 6.80 44.04 -10.11
C ASN B 100 7.83 44.74 -11.00
N ILE B 101 7.38 45.22 -12.16
CA ILE B 101 8.24 45.92 -13.11
C ILE B 101 7.53 47.16 -13.63
N ALA B 102 8.05 48.33 -13.27
CA ALA B 102 7.45 49.64 -13.60
C ALA B 102 5.97 49.66 -13.25
N GLY B 103 5.67 49.32 -12.01
CA GLY B 103 4.33 49.37 -11.45
C GLY B 103 3.39 48.21 -11.76
N GLU B 104 3.83 47.25 -12.58
CA GLU B 104 3.00 46.08 -12.93
C GLU B 104 3.62 44.75 -12.47
N ASN B 105 2.77 43.82 -12.02
CA ASN B 105 3.19 42.44 -11.75
C ASN B 105 3.29 41.62 -13.04
N THR B 106 4.50 41.20 -13.39
CA THR B 106 4.74 40.46 -14.62
C THR B 106 5.94 39.54 -14.45
N LEU B 107 6.23 38.75 -15.48
CA LEU B 107 7.44 37.92 -15.52
C LEU B 107 8.56 38.75 -16.14
N ALA B 108 9.75 38.69 -15.55
CA ALA B 108 10.87 39.47 -16.06
C ALA B 108 11.33 38.91 -17.40
N CYS B 109 11.54 37.60 -17.44
CA CYS B 109 12.13 36.95 -18.60
C CYS B 109 11.48 37.32 -19.93
N ILE B 110 10.19 37.61 -19.92
CA ILE B 110 9.48 37.92 -21.17
C ILE B 110 8.92 39.35 -21.18
N CYS B 111 9.36 40.17 -20.23
CA CYS B 111 9.05 41.59 -20.23
C CYS B 111 10.24 42.35 -20.80
N ASN B 112 9.97 43.26 -21.72
CA ASN B 112 11.05 43.95 -22.42
C ASN B 112 11.50 45.19 -21.68
N ILE B 113 12.81 45.44 -21.72
CA ILE B 113 13.38 46.59 -21.03
C ILE B 113 12.89 47.86 -21.72
N ASP B 114 12.63 48.91 -20.92
CA ASP B 114 12.20 50.21 -21.44
C ASP B 114 13.40 50.96 -22.03
N GLN B 115 13.39 51.14 -23.34
CA GLN B 115 14.56 51.62 -24.08
C GLN B 115 14.96 53.08 -23.82
N ASN B 116 14.06 53.83 -23.19
CA ASN B 116 14.31 55.23 -22.84
C ASN B 116 15.33 55.37 -21.69
N THR B 117 16.54 55.81 -22.02
CA THR B 117 17.65 55.84 -21.04
C THR B 117 17.54 56.98 -20.00
N SER B 118 16.73 57.99 -20.29
CA SER B 118 16.47 59.05 -19.32
C SER B 118 15.60 58.56 -18.16
N LYS B 119 14.82 57.50 -18.39
CA LYS B 119 13.89 56.95 -17.39
C LYS B 119 14.47 55.76 -16.60
N THR B 120 13.72 55.33 -15.59
CA THR B 120 14.10 54.21 -14.75
C THR B 120 12.99 53.16 -14.76
N THR B 121 13.38 51.89 -14.86
CA THR B 121 12.44 50.79 -14.66
C THR B 121 12.46 50.45 -13.16
N LYS B 122 11.28 50.52 -12.52
CA LYS B 122 11.17 50.38 -11.07
C LYS B 122 10.75 48.98 -10.65
N ILE B 123 11.70 48.22 -10.12
CA ILE B 123 11.50 46.79 -9.86
C ILE B 123 11.31 46.48 -8.37
N TYR B 124 10.13 45.97 -8.05
CA TYR B 124 9.78 45.56 -6.69
C TYR B 124 9.33 44.09 -6.70
N PRO B 125 9.23 43.47 -5.51
CA PRO B 125 8.70 42.13 -5.46
C PRO B 125 7.19 42.14 -5.58
N LEU B 126 6.60 40.96 -5.67
CA LEU B 126 5.15 40.79 -5.76
C LEU B 126 4.42 41.40 -4.54
N PRO B 127 3.63 42.46 -4.77
CA PRO B 127 2.97 43.23 -3.71
C PRO B 127 2.28 42.46 -2.61
N HIS B 128 2.39 43.02 -1.40
CA HIS B 128 1.76 42.53 -0.17
C HIS B 128 2.15 41.10 0.19
N MET B 129 3.36 40.71 -0.15
CA MET B 129 3.88 39.40 0.23
C MET B 129 5.06 39.62 1.15
N PHE B 130 5.25 38.67 2.06
CA PHE B 130 6.35 38.74 2.99
C PHE B 130 7.62 38.42 2.25
N VAL B 131 8.60 39.31 2.33
CA VAL B 131 9.83 39.18 1.54
C VAL B 131 10.95 38.49 2.32
N ILE B 132 11.57 37.53 1.66
CA ILE B 132 12.63 36.74 2.23
C ILE B 132 13.92 37.51 2.11
N LYS B 133 14.26 37.93 0.89
CA LYS B 133 15.50 38.68 0.61
C LYS B 133 15.44 39.31 -0.78
N ASP B 134 15.58 40.62 -0.84
CA ASP B 134 15.51 41.37 -2.11
C ASP B 134 14.16 41.07 -2.84
N LEU B 135 14.22 40.48 -4.03
CA LEU B 135 13.00 40.19 -4.81
C LEU B 135 12.34 38.84 -4.52
N VAL B 136 12.95 38.01 -3.66
CA VAL B 136 12.38 36.71 -3.32
C VAL B 136 11.35 36.89 -2.22
N PRO B 137 10.12 36.37 -2.45
CA PRO B 137 9.05 36.37 -1.47
C PRO B 137 8.69 34.96 -1.03
N ASP B 138 8.06 34.82 0.14
CA ASP B 138 7.54 33.52 0.55
C ASP B 138 6.23 33.25 -0.15
N MET B 139 6.13 32.08 -0.78
CA MET B 139 4.95 31.67 -1.51
C MET B 139 4.02 30.86 -0.62
N ASN B 140 4.58 29.79 -0.05
CA ASN B 140 3.87 28.79 0.75
C ASN B 140 2.38 28.91 1.01
N LEU B 141 1.91 30.11 1.36
CA LEU B 141 0.46 30.35 1.51
C LEU B 141 -0.22 30.16 0.17
N PHE B 142 0.30 30.86 -0.83
CA PHE B 142 -0.18 30.72 -2.19
C PHE B 142 -0.15 29.25 -2.61
N TYR B 143 1.01 28.63 -2.52
CA TYR B 143 1.15 27.20 -2.79
C TYR B 143 0.16 26.36 -1.95
N ALA B 144 0.08 26.67 -0.65
CA ALA B 144 -0.78 25.92 0.28
C ALA B 144 -2.26 26.00 -0.09
N GLN B 145 -2.69 27.18 -0.53
CA GLN B 145 -4.08 27.39 -0.94
C GLN B 145 -4.43 26.61 -2.21
N TYR B 146 -3.53 26.60 -3.19
CA TYR B 146 -3.73 25.80 -4.39
C TYR B 146 -3.73 24.32 -4.08
N ALA B 147 -3.13 23.94 -2.95
CA ALA B 147 -3.17 22.54 -2.50
C ALA B 147 -4.53 22.17 -1.91
N SER B 148 -5.22 23.16 -1.36
CA SER B 148 -6.50 22.93 -0.68
C SER B 148 -7.66 22.65 -1.63
N ILE B 149 -7.55 23.08 -2.90
CA ILE B 149 -8.60 22.84 -3.89
C ILE B 149 -8.60 21.40 -4.41
N GLN B 150 -7.75 20.57 -3.82
CA GLN B 150 -7.54 19.20 -4.28
C GLN B 150 -7.33 19.18 -5.78
N PRO B 151 -6.23 19.78 -6.24
CA PRO B 151 -5.99 19.90 -7.66
C PRO B 151 -5.56 18.56 -8.26
N TRP B 152 -6.52 17.66 -8.46
CA TRP B 152 -6.28 16.37 -9.10
C TRP B 152 -7.62 15.75 -9.42
N LEU B 153 -7.62 14.73 -10.29
CA LEU B 153 -8.87 14.18 -10.80
C LEU B 153 -9.59 13.30 -9.78
N GLN B 154 -10.89 13.53 -9.62
CA GLN B 154 -11.73 12.77 -8.70
C GLN B 154 -12.97 12.23 -9.43
N LYS B 155 -13.21 10.92 -9.32
CA LYS B 155 -14.38 10.28 -9.91
C LYS B 155 -14.97 9.25 -8.96
N LYS B 156 -16.30 9.28 -8.78
CA LYS B 156 -16.97 8.44 -7.78
C LYS B 156 -16.84 6.92 -8.02
N THR B 157 -16.95 6.50 -9.28
CA THR B 157 -16.70 5.11 -9.66
C THR B 157 -15.21 4.90 -9.72
N LYS B 158 -14.67 4.11 -8.79
CA LYS B 158 -13.23 3.82 -8.81
C LYS B 158 -12.86 3.13 -10.13
N ILE B 159 -12.14 3.85 -10.99
CA ILE B 159 -11.66 3.35 -12.27
C ILE B 159 -10.24 2.82 -12.07
N ASN B 160 -9.76 1.97 -12.97
CA ASN B 160 -8.40 1.43 -12.90
C ASN B 160 -7.39 2.26 -13.70
N LEU B 161 -6.17 2.31 -13.17
CA LEU B 161 -5.25 3.41 -13.43
C LEU B 161 -4.76 3.45 -14.88
N GLY B 162 -3.90 2.50 -15.28
CA GLY B 162 -3.32 2.51 -16.62
C GLY B 162 -4.14 1.73 -17.64
N GLU B 163 -5.40 1.47 -17.31
CA GLU B 163 -6.23 0.56 -18.07
C GLU B 163 -6.86 1.25 -19.27
N LYS B 164 -7.61 2.32 -19.03
CA LYS B 164 -8.45 2.94 -20.04
C LYS B 164 -8.32 4.46 -20.12
N GLN B 165 -8.37 5.01 -21.33
CA GLN B 165 -8.57 6.44 -21.52
C GLN B 165 -10.03 6.74 -21.17
N GLN B 166 -10.24 7.72 -20.30
CA GLN B 166 -11.59 8.19 -20.04
C GLN B 166 -12.06 9.01 -21.23
N TYR B 167 -13.37 9.14 -21.42
CA TYR B 167 -13.90 9.93 -22.53
C TYR B 167 -13.95 11.41 -22.19
N GLN B 168 -13.53 12.23 -23.16
CA GLN B 168 -13.76 13.67 -23.12
C GLN B 168 -13.79 14.17 -24.56
N SER B 169 -14.82 14.94 -24.91
CA SER B 169 -15.02 15.43 -26.27
C SER B 169 -14.17 16.65 -26.54
N ILE B 170 -13.99 16.97 -27.81
CA ILE B 170 -13.26 18.17 -28.23
C ILE B 170 -13.82 19.43 -27.56
N LYS B 171 -15.13 19.59 -27.59
CA LYS B 171 -15.78 20.73 -26.94
C LYS B 171 -15.51 20.74 -25.42
N GLU B 172 -15.63 19.58 -24.79
CA GLU B 172 -15.37 19.45 -23.34
C GLU B 172 -13.96 19.89 -23.00
N GLN B 173 -12.98 19.17 -23.53
CA GLN B 173 -11.60 19.42 -23.15
C GLN B 173 -11.17 20.85 -23.50
N GLU B 174 -11.74 21.40 -24.57
CA GLU B 174 -11.37 22.76 -25.00
C GLU B 174 -11.76 23.84 -23.99
N LYS B 175 -12.74 23.55 -23.15
CA LYS B 175 -13.14 24.47 -22.08
C LYS B 175 -11.91 24.88 -21.25
N LEU B 176 -11.13 23.87 -20.86
CA LEU B 176 -9.92 24.08 -20.07
C LEU B 176 -8.96 25.06 -20.70
N ASP B 177 -8.98 25.20 -22.02
CA ASP B 177 -8.17 26.22 -22.67
C ASP B 177 -8.53 27.57 -22.04
N GLY B 178 -7.54 28.19 -21.40
CA GLY B 178 -7.71 29.42 -20.61
C GLY B 178 -7.50 29.18 -19.12
N LEU B 179 -7.48 27.91 -18.72
CA LEU B 179 -7.37 27.47 -17.32
C LEU B 179 -6.09 26.65 -17.04
N TYR B 180 -5.83 25.65 -17.89
CA TYR B 180 -4.72 24.71 -17.66
C TYR B 180 -3.33 25.39 -17.75
N GLU B 181 -3.26 26.54 -18.42
CA GLU B 181 -1.99 27.22 -18.72
C GLU B 181 -1.34 27.90 -17.52
N CYS B 182 -2.16 28.34 -16.56
CA CYS B 182 -1.69 29.04 -15.36
C CYS B 182 -0.44 28.37 -14.82
N ILE B 183 0.64 29.14 -14.74
CA ILE B 183 1.95 28.61 -14.34
C ILE B 183 2.20 28.76 -12.84
N LEU B 184 1.22 29.36 -12.16
CA LEU B 184 1.30 29.65 -10.73
C LEU B 184 2.44 30.61 -10.47
N CYS B 185 2.49 31.68 -11.26
CA CYS B 185 3.42 32.78 -11.01
C CYS B 185 2.94 33.60 -9.82
N ALA B 186 1.62 33.83 -9.76
CA ALA B 186 0.97 34.62 -8.72
C ALA B 186 1.07 36.10 -8.99
N CYS B 187 1.20 36.49 -10.27
CA CYS B 187 1.12 37.88 -10.66
C CYS B 187 -0.27 38.44 -10.38
N CYS B 188 -1.28 37.58 -10.49
CA CYS B 188 -2.69 37.98 -10.39
C CYS B 188 -3.19 38.11 -8.96
N SER B 189 -2.84 37.16 -8.11
CA SER B 189 -3.17 37.22 -6.68
C SER B 189 -2.41 38.36 -6.02
N ALA B 190 -1.21 38.63 -6.51
CA ALA B 190 -0.38 39.72 -6.01
C ALA B 190 -0.90 41.09 -6.39
N SER B 191 -1.74 41.17 -7.43
CA SER B 191 -2.33 42.44 -7.88
C SER B 191 -3.72 42.72 -7.31
N CYS B 192 -4.39 41.69 -6.82
CA CYS B 192 -5.74 41.79 -6.27
C CYS B 192 -5.75 42.42 -4.89
N PRO B 193 -6.26 43.66 -4.77
CA PRO B 193 -6.30 44.32 -3.45
C PRO B 193 -7.08 43.56 -2.38
N SER B 194 -8.14 42.86 -2.79
CA SER B 194 -8.90 42.04 -1.85
C SER B 194 -8.01 40.91 -1.30
N TYR B 195 -7.09 40.39 -2.12
CA TYR B 195 -6.14 39.40 -1.64
C TYR B 195 -5.19 40.04 -0.66
N TRP B 196 -4.69 41.23 -0.98
CA TRP B 196 -3.81 41.94 -0.07
C TRP B 196 -4.41 41.90 1.33
N TRP B 197 -5.67 42.31 1.43
CA TRP B 197 -6.31 42.50 2.73
C TRP B 197 -6.61 41.17 3.43
N ASN B 198 -7.32 40.28 2.76
CA ASN B 198 -7.81 39.04 3.37
C ASN B 198 -7.14 37.79 2.78
N ALA B 199 -5.84 37.88 2.55
CA ALA B 199 -5.05 36.80 1.94
C ALA B 199 -5.22 35.45 2.64
N ASP B 200 -5.37 35.48 3.97
CA ASP B 200 -5.49 34.25 4.75
C ASP B 200 -6.82 33.50 4.49
N LYS B 201 -7.86 34.24 4.13
CA LYS B 201 -9.21 33.69 4.01
C LYS B 201 -9.67 33.59 2.55
N TYR B 202 -9.49 34.69 1.81
CA TYR B 202 -9.83 34.79 0.38
C TYR B 202 -8.75 34.14 -0.49
N LEU B 203 -9.14 33.16 -1.30
CA LEU B 203 -8.18 32.28 -1.99
C LEU B 203 -7.35 32.98 -3.07
N GLY B 204 -7.85 34.10 -3.59
CA GLY B 204 -7.14 34.88 -4.61
C GLY B 204 -7.28 34.27 -6.00
N PRO B 205 -7.26 35.12 -7.04
CA PRO B 205 -7.59 34.72 -8.42
C PRO B 205 -6.96 33.43 -8.90
N ALA B 206 -5.63 33.36 -8.95
CA ALA B 206 -4.92 32.20 -9.52
C ALA B 206 -5.37 30.88 -8.92
N VAL B 207 -5.51 30.85 -7.60
CA VAL B 207 -5.92 29.64 -6.90
C VAL B 207 -7.37 29.28 -7.23
N LEU B 208 -8.21 30.30 -7.35
CA LEU B 208 -9.63 30.09 -7.66
C LEU B 208 -9.80 29.48 -9.06
N MET B 209 -9.16 30.09 -10.04
CA MET B 209 -9.23 29.61 -11.41
C MET B 209 -8.78 28.16 -11.54
N GLN B 210 -7.86 27.71 -10.69
CA GLN B 210 -7.49 26.29 -10.65
C GLN B 210 -8.56 25.49 -9.97
N ALA B 211 -9.19 26.06 -8.95
CA ALA B 211 -10.35 25.42 -8.34
C ALA B 211 -11.43 25.22 -9.41
N TYR B 212 -11.64 26.26 -10.23
CA TYR B 212 -12.60 26.22 -11.33
C TYR B 212 -12.19 25.21 -12.40
N ARG B 213 -10.92 25.27 -12.80
CA ARG B 213 -10.36 24.34 -13.79
C ARG B 213 -10.69 22.88 -13.45
N TRP B 214 -10.68 22.56 -12.17
CA TRP B 214 -11.03 21.21 -11.73
C TRP B 214 -12.55 21.01 -11.61
N ILE B 215 -13.27 22.10 -11.43
CA ILE B 215 -14.73 22.05 -11.39
C ILE B 215 -15.28 21.56 -12.71
N ILE B 216 -15.06 22.34 -13.78
CA ILE B 216 -15.72 22.12 -15.08
C ILE B 216 -15.08 21.03 -15.96
N ASP B 217 -14.05 20.37 -15.46
CA ASP B 217 -13.48 19.22 -16.17
C ASP B 217 -14.52 18.09 -16.22
N SER B 218 -15.13 17.89 -17.38
CA SER B 218 -16.16 16.86 -17.56
C SER B 218 -15.83 15.56 -16.85
N ARG B 219 -14.59 15.09 -17.02
CA ARG B 219 -14.14 13.84 -16.42
C ARG B 219 -14.18 13.88 -14.88
N ASP B 220 -14.14 15.08 -14.30
CA ASP B 220 -14.21 15.25 -12.84
C ASP B 220 -15.66 15.13 -12.34
N ASP B 221 -15.83 14.43 -11.23
CA ASP B 221 -17.16 14.13 -10.68
C ASP B 221 -17.50 14.91 -9.43
N SER B 222 -16.56 14.99 -8.49
CA SER B 222 -16.84 15.61 -7.20
C SER B 222 -16.74 17.12 -7.28
N ALA B 223 -17.49 17.72 -8.21
CA ALA B 223 -17.41 19.15 -8.49
C ALA B 223 -18.28 20.01 -7.55
N ALA B 224 -19.24 19.40 -6.87
CA ALA B 224 -20.09 20.11 -5.91
C ALA B 224 -19.33 20.36 -4.61
N GLU B 225 -18.63 19.32 -4.17
CA GLU B 225 -17.83 19.37 -2.95
C GLU B 225 -16.71 20.38 -3.08
N ARG B 226 -16.24 20.61 -4.31
CA ARG B 226 -15.27 21.67 -4.62
C ARG B 226 -15.89 23.05 -4.39
N LEU B 227 -17.14 23.22 -4.83
CA LEU B 227 -17.87 24.45 -4.55
C LEU B 227 -18.13 24.57 -3.04
N ALA B 228 -18.46 23.42 -2.43
CA ALA B 228 -18.75 23.36 -0.99
C ALA B 228 -17.63 23.96 -0.14
N ARG B 229 -16.40 23.79 -0.59
CA ARG B 229 -15.26 24.23 0.18
C ARG B 229 -15.02 25.74 0.08
N MET B 230 -15.67 26.42 -0.85
CA MET B 230 -15.55 27.89 -0.91
C MET B 230 -16.89 28.63 -0.94
N GLN B 231 -17.91 28.01 -0.34
CA GLN B 231 -19.24 28.60 -0.19
C GLN B 231 -19.23 29.84 0.71
N ASP B 232 -18.36 29.87 1.71
CA ASP B 232 -18.36 30.95 2.70
C ASP B 232 -18.07 32.31 2.07
N GLY B 233 -18.24 33.36 2.88
CA GLY B 233 -18.19 34.74 2.40
C GLY B 233 -16.84 35.31 2.00
N PHE B 234 -15.76 34.58 2.30
CA PHE B 234 -14.41 35.05 1.99
C PHE B 234 -13.76 34.23 0.89
N SER B 235 -13.59 32.93 1.15
CA SER B 235 -12.92 32.01 0.24
C SER B 235 -13.05 32.44 -1.22
N ALA B 236 -14.29 32.57 -1.69
CA ALA B 236 -14.57 32.89 -3.08
C ALA B 236 -15.12 34.29 -3.24
N PHE B 237 -16.21 34.56 -2.55
CA PHE B 237 -16.99 35.75 -2.83
C PHE B 237 -16.23 37.06 -2.63
N LYS B 238 -15.25 37.10 -1.73
CA LYS B 238 -14.52 38.35 -1.48
C LYS B 238 -13.89 38.96 -2.74
N CYS B 239 -14.11 38.32 -3.89
CA CYS B 239 -13.76 38.90 -5.19
C CYS B 239 -14.69 40.06 -5.59
N HIS B 240 -14.21 41.28 -5.37
CA HIS B 240 -14.97 42.50 -5.67
C HIS B 240 -14.77 42.98 -7.12
N THR B 241 -14.53 42.04 -8.03
CA THR B 241 -14.48 42.30 -9.47
C THR B 241 -13.63 43.50 -9.83
N ILE B 242 -12.42 43.52 -9.28
CA ILE B 242 -11.53 44.66 -9.42
C ILE B 242 -10.87 44.59 -10.80
N MET B 243 -10.46 43.37 -11.15
CA MET B 243 -10.01 43.00 -12.52
C MET B 243 -8.49 43.13 -12.77
N ASN B 244 -7.69 43.46 -11.76
CA ASN B 244 -6.22 43.52 -11.93
C ASN B 244 -5.61 42.17 -12.31
N CYS B 245 -6.12 41.10 -11.70
CA CYS B 245 -5.70 39.75 -12.02
C CYS B 245 -5.59 39.58 -13.54
N THR B 246 -6.69 39.83 -14.24
CA THR B 246 -6.74 39.67 -15.69
C THR B 246 -5.87 40.69 -16.45
N LYS B 247 -5.81 41.91 -15.93
CA LYS B 247 -5.00 42.98 -16.55
C LYS B 247 -3.48 42.78 -16.36
N THR B 248 -3.08 42.32 -15.19
CA THR B 248 -1.64 42.18 -14.87
C THR B 248 -1.04 40.89 -15.44
N CYS B 249 -1.90 39.90 -15.73
CA CYS B 249 -1.48 38.53 -16.00
C CYS B 249 -0.55 38.39 -17.21
N PRO B 250 0.64 37.80 -17.01
CA PRO B 250 1.62 37.69 -18.09
C PRO B 250 1.29 36.63 -19.16
N LYS B 251 0.33 35.76 -18.90
CA LYS B 251 -0.08 34.76 -19.89
C LYS B 251 -1.45 35.10 -20.45
N HIS B 252 -1.83 36.37 -20.36
CA HIS B 252 -3.03 36.88 -21.00
C HIS B 252 -4.34 36.15 -20.58
N LEU B 253 -4.32 35.36 -19.52
CA LEU B 253 -5.52 34.61 -19.10
C LEU B 253 -6.47 35.53 -18.33
N ASN B 254 -7.58 34.95 -17.84
CA ASN B 254 -8.69 35.71 -17.27
C ASN B 254 -9.31 35.00 -16.06
N PRO B 255 -8.79 35.29 -14.85
CA PRO B 255 -9.35 34.70 -13.61
C PRO B 255 -10.70 35.30 -13.22
N ALA B 256 -10.79 36.63 -13.21
CA ALA B 256 -12.06 37.34 -13.02
C ALA B 256 -13.24 36.58 -13.59
N ARG B 257 -13.04 36.04 -14.79
CA ARG B 257 -14.07 35.37 -15.54
C ARG B 257 -14.46 34.04 -14.90
N ALA B 258 -13.48 33.19 -14.62
CA ALA B 258 -13.76 31.90 -13.99
C ALA B 258 -14.31 32.08 -12.58
N ILE B 259 -13.91 33.16 -11.92
CA ILE B 259 -14.54 33.57 -10.67
C ILE B 259 -16.02 33.82 -10.96
N GLY B 260 -16.28 34.54 -12.05
CA GLY B 260 -17.63 34.73 -12.56
C GLY B 260 -18.45 33.45 -12.48
N GLU B 261 -18.05 32.42 -13.23
CA GLU B 261 -18.79 31.15 -13.23
C GLU B 261 -18.94 30.55 -11.83
N ILE B 262 -17.94 30.78 -10.96
CA ILE B 262 -17.99 30.30 -9.58
C ILE B 262 -19.09 31.01 -8.80
N LYS B 263 -19.18 32.32 -8.96
CA LYS B 263 -20.27 33.10 -8.35
C LYS B 263 -21.64 32.60 -8.83
N MET B 264 -21.74 32.32 -10.12
CA MET B 264 -22.96 31.78 -10.71
C MET B 264 -23.21 30.37 -10.20
N LEU B 265 -22.14 29.59 -10.09
CA LEU B 265 -22.22 28.20 -9.62
C LEU B 265 -22.58 28.11 -8.14
N LEU B 266 -22.02 29.02 -7.36
CA LEU B 266 -22.23 29.02 -5.91
C LEU B 266 -23.61 29.53 -5.55
N THR B 267 -24.10 30.51 -6.31
CA THR B 267 -25.45 31.03 -6.11
C THR B 267 -26.50 30.09 -6.68
N LYS B 268 -26.06 29.02 -7.35
CA LYS B 268 -26.92 28.10 -8.09
C LYS B 268 -27.74 28.82 -9.18
N MET B 269 -27.18 29.91 -9.69
CA MET B 269 -27.65 30.55 -10.92
C MET B 269 -27.28 29.71 -12.13
N LYS B 270 -26.49 28.66 -11.91
CA LYS B 270 -25.97 27.82 -12.98
C LYS B 270 -25.39 26.55 -12.39
N THR B 271 -25.22 25.54 -13.24
CA THR B 271 -24.37 24.38 -12.94
C THR B 271 -23.92 23.73 -14.25
N LYS B 272 -22.97 22.80 -14.14
CA LYS B 272 -22.27 22.26 -15.29
C LYS B 272 -23.09 21.18 -16.00
N PRO B 273 -23.15 21.21 -17.34
CA PRO B 273 -23.69 20.03 -18.03
C PRO B 273 -22.79 18.83 -17.77
N ALA B 274 -23.23 17.93 -16.90
CA ALA B 274 -22.44 16.78 -16.43
C ALA B 274 -21.82 16.00 -17.60
N PRO B 275 -21.03 14.97 -17.28
CA PRO B 275 -20.22 14.38 -18.36
C PRO B 275 -21.02 14.08 -19.64
N LEU B 276 -20.42 14.34 -20.80
CA LEU B 276 -20.95 13.82 -22.08
C LEU B 276 -20.94 12.29 -22.05
N PRO B 277 -21.75 11.66 -22.92
CA PRO B 277 -21.87 10.23 -22.81
C PRO B 277 -20.72 9.51 -23.49
N THR B 278 -19.94 8.81 -22.69
CA THR B 278 -18.85 7.98 -23.17
C THR B 278 -19.41 6.80 -24.00
N PRO B 279 -19.31 6.84 -25.36
CA PRO B 279 -19.91 5.77 -26.19
C PRO B 279 -19.42 4.33 -25.88
N ALA B 280 -20.16 3.32 -26.32
CA ALA B 280 -19.86 1.92 -25.99
C ALA B 280 -18.93 1.21 -26.99
N ASN B 281 -18.55 1.91 -28.06
CA ASN B 281 -17.49 1.45 -28.97
C ASN B 281 -16.14 2.16 -28.74
N PHE B 282 -16.16 3.21 -27.91
CA PHE B 282 -14.97 3.91 -27.43
C PHE B 282 -14.24 3.08 -26.35
N GLU C 34 -15.81 30.98 12.15
CA GLU C 34 -16.09 29.62 11.60
C GLU C 34 -15.28 29.42 10.31
N LYS C 35 -14.00 29.09 10.48
CA LYS C 35 -13.02 29.06 9.38
C LYS C 35 -12.84 27.68 8.74
N THR C 36 -12.61 27.65 7.42
CA THR C 36 -12.28 26.40 6.70
C THR C 36 -10.82 26.05 6.99
N PRO C 37 -10.48 24.74 6.98
CA PRO C 37 -9.17 24.31 7.48
C PRO C 37 -7.99 25.11 6.94
N ILE C 38 -8.08 25.46 5.64
CA ILE C 38 -7.04 26.27 4.94
C ILE C 38 -6.91 27.71 5.48
N GLN C 39 -8.03 28.27 5.91
CA GLN C 39 -8.06 29.65 6.36
C GLN C 39 -7.59 29.73 7.81
N VAL C 40 -7.63 28.59 8.51
CA VAL C 40 -6.99 28.44 9.80
C VAL C 40 -5.50 28.52 9.59
N TRP C 41 -5.00 27.67 8.69
CA TRP C 41 -3.59 27.62 8.33
C TRP C 41 -3.11 28.99 7.91
N GLY C 42 -3.92 29.67 7.12
CA GLY C 42 -3.63 31.01 6.64
C GLY C 42 -3.36 32.00 7.76
N TRP C 43 -4.09 31.85 8.86
CA TRP C 43 -3.84 32.70 10.01
C TRP C 43 -2.50 32.29 10.65
N ASP C 44 -2.40 31.03 11.08
CA ASP C 44 -1.17 30.53 11.74
C ASP C 44 0.07 30.95 10.98
N TYR C 45 -0.04 30.91 9.64
CA TYR C 45 0.98 31.41 8.72
C TYR C 45 1.26 32.89 8.98
N LEU C 46 0.26 33.75 8.80
CA LEU C 46 0.40 35.18 9.05
C LEU C 46 1.15 35.47 10.36
N MET C 47 0.85 34.69 11.39
CA MET C 47 1.58 34.76 12.66
C MET C 47 3.05 34.41 12.43
N ARG C 48 3.29 33.18 11.99
CA ARG C 48 4.64 32.75 11.69
C ARG C 48 5.41 33.78 10.84
N GLN C 49 4.71 34.42 9.91
CA GLN C 49 5.33 35.44 9.05
C GLN C 49 5.66 36.71 9.83
N ARG C 50 4.78 37.10 10.74
CA ARG C 50 5.07 38.19 11.68
C ARG C 50 6.26 37.83 12.52
N ALA C 51 6.25 36.60 13.05
CA ALA C 51 7.30 36.11 13.93
C ALA C 51 8.68 36.48 13.39
N LEU C 52 8.87 36.24 12.10
CA LEU C 52 10.16 36.45 11.45
C LEU C 52 10.47 37.93 11.17
N LYS C 53 9.64 38.82 11.70
CA LYS C 53 9.81 40.26 11.49
C LYS C 53 9.95 40.56 10.00
N ARG C 54 9.40 39.67 9.17
CA ARG C 54 9.55 39.80 7.72
C ARG C 54 8.78 41.02 7.22
N PRO C 55 9.43 41.88 6.41
CA PRO C 55 8.73 43.04 5.86
C PRO C 55 7.73 42.65 4.79
N ILE C 56 6.78 43.53 4.49
CA ILE C 56 5.79 43.25 3.48
C ILE C 56 6.07 44.12 2.26
N ALA C 57 5.91 43.52 1.08
CA ALA C 57 6.16 44.20 -0.17
C ALA C 57 5.18 45.36 -0.31
N PRO C 58 5.57 46.38 -1.07
CA PRO C 58 4.67 47.52 -1.22
C PRO C 58 3.60 47.23 -2.27
N HIS C 59 2.59 48.09 -2.30
CA HIS C 59 1.36 47.84 -3.06
C HIS C 59 0.80 49.15 -3.58
N LEU C 60 -0.16 49.76 -2.88
CA LEU C 60 -0.60 51.11 -3.22
C LEU C 60 0.59 52.05 -3.39
N THR C 61 1.56 51.95 -2.48
CA THR C 61 2.79 52.71 -2.60
C THR C 61 3.36 52.67 -4.03
N ILE C 62 3.48 51.45 -4.59
CA ILE C 62 4.23 51.23 -5.87
C ILE C 62 3.40 50.91 -7.11
N TYR C 63 2.23 50.29 -6.95
CA TYR C 63 1.50 49.79 -8.10
C TYR C 63 0.98 50.95 -8.98
N LYS C 64 0.93 50.68 -10.28
CA LYS C 64 0.59 51.67 -11.31
C LYS C 64 -0.92 51.92 -11.38
N PRO C 65 -1.34 53.16 -11.69
CA PRO C 65 -2.77 53.41 -11.94
C PRO C 65 -3.32 52.66 -13.16
N GLN C 66 -4.43 51.96 -12.98
CA GLN C 66 -5.09 51.24 -14.08
C GLN C 66 -6.58 51.45 -13.96
N MET C 67 -7.30 51.43 -15.07
CA MET C 67 -8.73 51.75 -15.05
C MET C 67 -9.60 50.62 -14.49
N THR C 68 -8.98 49.49 -14.19
CA THR C 68 -9.65 48.39 -13.52
C THR C 68 -9.96 48.75 -12.07
N TRP C 69 -8.90 49.04 -11.30
CA TRP C 69 -8.99 49.23 -9.84
C TRP C 69 -9.17 50.66 -9.38
N MET C 70 -8.78 51.63 -10.22
CA MET C 70 -9.06 53.05 -9.99
C MET C 70 -10.57 53.26 -9.98
N VAL C 71 -11.23 52.62 -10.94
CA VAL C 71 -12.69 52.57 -11.01
C VAL C 71 -13.26 51.87 -9.75
N SER C 72 -12.64 50.76 -9.35
CA SER C 72 -13.03 50.05 -8.13
C SER C 72 -12.97 51.00 -6.93
N GLY C 73 -11.86 51.72 -6.82
CA GLY C 73 -11.74 52.76 -5.82
C GLY C 73 -12.90 53.71 -5.89
N LEU C 74 -13.11 54.32 -7.05
CA LEU C 74 -14.14 55.36 -7.21
C LEU C 74 -15.58 54.82 -7.10
N HIS C 75 -15.78 53.53 -7.31
CA HIS C 75 -17.07 52.93 -6.98
C HIS C 75 -17.25 52.98 -5.48
N ARG C 76 -16.26 52.41 -4.78
CA ARG C 76 -16.32 52.29 -3.32
C ARG C 76 -16.13 53.64 -2.62
N VAL C 77 -15.32 54.54 -3.18
CA VAL C 77 -15.14 55.88 -2.60
C VAL C 77 -16.47 56.57 -2.52
N THR C 78 -17.14 56.64 -3.67
CA THR C 78 -18.45 57.28 -3.78
C THR C 78 -19.48 56.52 -2.97
N GLY C 79 -19.57 55.21 -3.18
CA GLY C 79 -20.49 54.38 -2.43
C GLY C 79 -20.55 54.77 -0.97
N CYS C 80 -19.38 54.85 -0.34
CA CYS C 80 -19.26 55.25 1.06
C CYS C 80 -19.65 56.71 1.28
N ALA C 81 -18.97 57.62 0.58
CA ALA C 81 -19.22 59.06 0.71
C ALA C 81 -20.72 59.41 0.82
N MET C 82 -21.53 58.76 -0.02
CA MET C 82 -22.99 58.93 -0.02
C MET C 82 -23.63 58.40 1.27
N ALA C 83 -23.19 57.23 1.73
CA ALA C 83 -23.70 56.64 2.98
C ALA C 83 -23.32 57.48 4.19
N GLY C 84 -22.10 58.03 4.16
CA GLY C 84 -21.61 58.93 5.19
C GLY C 84 -22.32 60.27 5.18
N THR C 85 -22.71 60.71 3.99
CA THR C 85 -23.59 61.86 3.82
C THR C 85 -24.93 61.58 4.47
N LEU C 86 -25.54 60.46 4.10
CA LEU C 86 -26.85 60.09 4.65
C LEU C 86 -26.82 59.99 6.18
N LEU C 87 -25.66 59.66 6.76
CA LEU C 87 -25.51 59.67 8.21
C LEU C 87 -25.26 61.10 8.71
N ILE C 88 -24.23 61.74 8.17
CA ILE C 88 -23.93 63.16 8.48
C ILE C 88 -25.14 64.06 8.19
N GLY C 89 -25.99 63.65 7.25
CA GLY C 89 -27.23 64.37 6.96
C GLY C 89 -28.36 63.93 7.86
N GLY C 90 -28.75 62.66 7.77
CA GLY C 90 -29.91 62.12 8.51
C GLY C 90 -29.83 62.27 10.02
N VAL C 91 -28.67 61.93 10.58
CA VAL C 91 -28.49 61.95 12.02
C VAL C 91 -27.95 63.30 12.49
N GLY C 92 -27.19 63.96 11.64
CA GLY C 92 -26.63 65.27 11.95
C GLY C 92 -27.71 66.32 12.11
N PHE C 93 -28.61 66.43 11.14
CA PHE C 93 -29.69 67.40 11.19
C PHE C 93 -30.73 67.06 12.26
N SER C 94 -30.80 65.79 12.65
CA SER C 94 -31.70 65.36 13.72
C SER C 94 -31.20 65.77 15.10
N VAL C 95 -29.97 65.43 15.41
CA VAL C 95 -29.37 65.77 16.69
C VAL C 95 -29.22 67.30 16.82
N LEU C 96 -28.80 67.97 15.75
CA LEU C 96 -28.67 69.43 15.76
C LEU C 96 -30.04 70.11 15.75
N PRO C 97 -30.12 71.37 16.26
CA PRO C 97 -31.42 72.05 16.26
C PRO C 97 -31.86 72.40 14.85
N LEU C 98 -30.88 72.63 13.98
CA LEU C 98 -31.09 72.97 12.58
C LEU C 98 -32.06 72.03 11.87
N ASP C 99 -33.07 72.62 11.21
CA ASP C 99 -33.85 71.95 10.16
C ASP C 99 -33.16 72.23 8.82
N PHE C 100 -33.55 71.53 7.77
CA PHE C 100 -32.87 71.69 6.48
C PHE C 100 -33.18 73.04 5.82
N THR C 101 -34.39 73.56 6.07
CA THR C 101 -34.84 74.83 5.49
C THR C 101 -33.96 76.01 5.91
N THR C 102 -33.42 75.97 7.12
CA THR C 102 -32.47 76.99 7.55
C THR C 102 -31.14 76.84 6.78
N PHE C 103 -30.72 75.59 6.55
CA PHE C 103 -29.44 75.32 5.88
C PHE C 103 -29.44 75.80 4.42
N VAL C 104 -30.50 75.47 3.69
CA VAL C 104 -30.67 75.90 2.30
C VAL C 104 -30.59 77.43 2.17
N GLU C 105 -31.13 78.12 3.19
CA GLU C 105 -31.11 79.58 3.23
C GLU C 105 -29.73 80.12 3.61
N PHE C 106 -29.08 79.41 4.54
CA PHE C 106 -27.76 79.81 5.03
C PHE C 106 -26.75 80.00 3.90
N ILE C 107 -26.72 79.06 2.96
CA ILE C 107 -25.76 79.10 1.85
C ILE C 107 -26.08 80.22 0.85
N ARG C 108 -27.37 80.49 0.65
CA ARG C 108 -27.81 81.60 -0.19
C ARG C 108 -27.44 82.91 0.48
N GLY C 109 -27.09 82.84 1.77
CA GLY C 109 -26.39 83.91 2.47
C GLY C 109 -25.27 84.53 1.66
N LEU C 110 -24.29 83.73 1.22
CA LEU C 110 -23.23 84.24 0.34
C LEU C 110 -23.76 84.35 -1.09
N GLY C 111 -24.78 83.55 -1.42
CA GLY C 111 -25.36 83.55 -2.75
C GLY C 111 -24.27 83.38 -3.79
N ILE C 112 -23.52 82.29 -3.65
CA ILE C 112 -22.34 82.01 -4.49
C ILE C 112 -22.65 82.01 -5.99
N PRO C 113 -21.61 82.19 -6.83
CA PRO C 113 -21.78 82.43 -8.27
C PRO C 113 -22.68 81.44 -9.02
N TRP C 114 -23.23 81.91 -10.15
CA TRP C 114 -24.03 81.09 -11.07
C TRP C 114 -23.34 79.78 -11.41
N VAL C 115 -22.01 79.75 -11.27
CA VAL C 115 -21.16 78.58 -11.55
C VAL C 115 -21.02 77.65 -10.34
N ILE C 116 -20.50 78.21 -9.24
CA ILE C 116 -20.01 77.43 -8.11
C ILE C 116 -21.09 76.58 -7.43
N LEU C 117 -22.35 76.99 -7.60
CA LEU C 117 -23.48 76.18 -7.13
C LEU C 117 -23.56 74.87 -7.92
N ASP C 118 -23.75 75.00 -9.23
CA ASP C 118 -23.91 73.85 -10.11
C ASP C 118 -22.69 72.93 -10.15
N THR C 119 -21.52 73.50 -9.87
CA THR C 119 -20.34 72.71 -9.57
C THR C 119 -20.69 71.69 -8.47
N PHE C 120 -21.16 72.21 -7.33
CA PHE C 120 -21.48 71.36 -6.18
C PHE C 120 -22.68 70.45 -6.45
N LYS C 121 -23.54 70.87 -7.38
CA LYS C 121 -24.61 70.01 -7.84
C LYS C 121 -24.02 68.87 -8.67
N PHE C 122 -23.08 69.19 -9.55
CA PHE C 122 -22.40 68.15 -10.34
C PHE C 122 -21.64 67.20 -9.43
N ILE C 123 -20.97 67.76 -8.42
CA ILE C 123 -20.25 66.96 -7.42
C ILE C 123 -21.21 66.06 -6.63
N ILE C 124 -22.49 66.44 -6.56
CA ILE C 124 -23.51 65.65 -5.84
C ILE C 124 -24.27 64.66 -6.74
N ALA C 125 -24.36 64.96 -8.03
CA ALA C 125 -25.01 64.04 -8.98
C ALA C 125 -24.09 62.86 -9.31
N PHE C 126 -22.83 63.18 -9.62
CA PHE C 126 -21.82 62.23 -10.10
C PHE C 126 -21.58 60.98 -9.23
N PRO C 127 -21.54 61.14 -7.90
CA PRO C 127 -21.37 59.97 -7.04
C PRO C 127 -22.57 59.04 -7.12
N ILE C 128 -23.74 59.60 -7.39
CA ILE C 128 -24.94 58.78 -7.56
C ILE C 128 -24.96 58.28 -9.00
N ALA C 129 -24.67 59.17 -9.95
CA ALA C 129 -24.65 58.80 -11.36
C ALA C 129 -23.60 57.71 -11.60
N PHE C 130 -22.31 58.07 -11.55
CA PHE C 130 -21.24 57.11 -11.79
C PHE C 130 -21.51 55.77 -11.09
N HIS C 131 -21.73 55.80 -9.78
CA HIS C 131 -21.88 54.58 -8.98
C HIS C 131 -22.98 53.65 -9.50
N THR C 132 -24.18 54.19 -9.62
CA THR C 132 -25.37 53.42 -10.02
C THR C 132 -25.19 52.76 -11.39
N LEU C 133 -24.61 53.51 -12.34
CA LEU C 133 -24.27 52.97 -13.66
C LEU C 133 -23.29 51.83 -13.46
N ASN C 134 -22.18 52.14 -12.79
CA ASN C 134 -21.08 51.21 -12.58
C ASN C 134 -21.56 49.98 -11.85
N GLY C 135 -22.53 50.15 -10.97
CA GLY C 135 -23.21 49.03 -10.34
C GLY C 135 -23.76 48.01 -11.32
N ILE C 136 -24.30 48.47 -12.45
CA ILE C 136 -24.78 47.53 -13.49
C ILE C 136 -23.55 46.84 -14.12
N ARG C 137 -22.45 47.59 -14.29
CA ARG C 137 -21.19 47.06 -14.83
C ARG C 137 -20.51 46.10 -13.83
N PHE C 138 -20.39 46.55 -12.58
CA PHE C 138 -19.78 45.75 -11.50
C PHE C 138 -20.60 44.51 -11.16
N ILE C 139 -21.89 44.51 -11.51
CA ILE C 139 -22.68 43.29 -11.45
C ILE C 139 -22.27 42.40 -12.61
N GLY C 140 -22.16 42.98 -13.81
CA GLY C 140 -21.67 42.26 -14.99
C GLY C 140 -20.52 41.30 -14.69
N PHE C 141 -19.47 41.80 -14.04
CA PHE C 141 -18.25 41.02 -13.82
C PHE C 141 -18.41 39.96 -12.72
N ASP C 142 -19.54 40.01 -12.01
CA ASP C 142 -19.94 38.92 -11.10
C ASP C 142 -20.62 37.79 -11.86
N MET C 143 -20.93 38.02 -13.14
CA MET C 143 -21.62 37.03 -13.94
C MET C 143 -20.72 36.53 -15.06
N ALA C 144 -19.47 36.98 -15.09
CA ALA C 144 -18.55 36.72 -16.21
C ALA C 144 -18.94 37.47 -17.48
N LYS C 145 -19.89 38.38 -17.35
CA LYS C 145 -20.42 39.15 -18.45
C LYS C 145 -19.55 40.40 -18.62
N GLY C 146 -18.76 40.45 -19.69
CA GLY C 146 -17.95 41.64 -20.04
C GLY C 146 -16.61 41.74 -19.34
N THR C 147 -15.96 40.58 -19.14
CA THR C 147 -14.75 40.46 -18.31
C THR C 147 -13.40 40.44 -19.06
N ASP C 148 -13.44 40.48 -20.40
CA ASP C 148 -12.22 40.60 -21.20
C ASP C 148 -11.76 42.06 -21.21
N ILE C 149 -10.50 42.29 -21.54
CA ILE C 149 -9.87 43.61 -21.36
C ILE C 149 -10.47 44.71 -22.25
N PRO C 150 -10.89 44.36 -23.48
CA PRO C 150 -11.69 45.32 -24.25
C PRO C 150 -13.00 45.69 -23.53
N SER C 151 -13.77 44.68 -23.11
CA SER C 151 -15.04 44.90 -22.40
C SER C 151 -14.89 45.65 -21.06
N ILE C 152 -13.79 45.40 -20.38
CA ILE C 152 -13.46 46.12 -19.16
C ILE C 152 -13.22 47.58 -19.49
N TYR C 153 -12.18 47.84 -20.29
CA TYR C 153 -11.75 49.22 -20.62
C TYR C 153 -12.82 50.03 -21.37
N ARG C 154 -13.59 49.37 -22.24
CA ARG C 154 -14.72 50.04 -22.89
C ARG C 154 -15.70 50.52 -21.84
N GLY C 155 -16.27 49.57 -21.10
CA GLY C 155 -17.24 49.87 -20.04
C GLY C 155 -16.80 50.99 -19.10
N ALA C 156 -15.50 51.03 -18.81
CA ALA C 156 -14.93 52.08 -17.94
C ALA C 156 -15.24 53.46 -18.50
N TYR C 157 -14.90 53.68 -19.77
CA TYR C 157 -15.19 54.95 -20.43
C TYR C 157 -16.70 55.12 -20.61
N LEU C 158 -17.39 54.03 -20.94
CA LEU C 158 -18.85 54.06 -21.14
C LEU C 158 -19.56 54.59 -19.89
N VAL C 159 -19.20 54.04 -18.74
CA VAL C 159 -19.80 54.45 -17.46
C VAL C 159 -19.45 55.90 -17.11
N LEU C 160 -18.17 56.26 -17.25
CA LEU C 160 -17.73 57.65 -17.03
C LEU C 160 -18.37 58.64 -18.00
N GLY C 161 -18.66 58.16 -19.21
CA GLY C 161 -19.34 58.98 -20.22
C GLY C 161 -20.74 59.33 -19.78
N LEU C 162 -21.53 58.31 -19.48
CA LEU C 162 -22.93 58.50 -19.09
C LEU C 162 -23.06 59.21 -17.74
N ALA C 163 -22.09 59.02 -16.84
CA ALA C 163 -22.08 59.71 -15.56
C ALA C 163 -21.74 61.19 -15.72
N ALA C 164 -20.84 61.49 -16.66
CA ALA C 164 -20.52 62.87 -17.02
C ALA C 164 -21.71 63.54 -17.70
N LEU C 165 -22.38 62.78 -18.58
CA LEU C 165 -23.57 63.26 -19.31
C LEU C 165 -24.72 63.53 -18.35
N ILE C 166 -25.14 62.49 -17.63
CA ILE C 166 -26.33 62.58 -16.79
C ILE C 166 -26.19 63.62 -15.68
N SER C 167 -24.99 63.74 -15.10
CA SER C 167 -24.74 64.72 -14.03
C SER C 167 -24.63 66.15 -14.55
N LEU C 168 -24.01 66.33 -15.71
CA LEU C 168 -23.99 67.64 -16.35
C LEU C 168 -25.41 68.01 -16.81
N ALA C 169 -26.07 67.09 -17.50
CA ALA C 169 -27.43 67.29 -18.05
C ALA C 169 -28.47 67.61 -16.98
N VAL C 170 -28.42 66.88 -15.87
CA VAL C 170 -29.33 67.10 -14.73
C VAL C 170 -29.06 68.44 -14.03
N VAL C 171 -27.80 68.88 -14.05
CA VAL C 171 -27.41 70.11 -13.37
C VAL C 171 -27.57 71.35 -14.25
N VAL C 172 -27.23 71.23 -15.53
CA VAL C 172 -27.30 72.37 -16.45
C VAL C 172 -28.62 72.38 -17.26
N TYR C 173 -29.64 71.70 -16.75
CA TYR C 173 -30.97 71.74 -17.36
C TYR C 173 -31.91 72.72 -16.64
N PRO C 174 -32.08 72.60 -15.30
CA PRO C 174 -32.87 73.62 -14.59
C PRO C 174 -32.19 74.99 -14.59
N ARG C 175 -30.85 75.00 -14.49
CA ARG C 175 -30.06 76.23 -14.60
C ARG C 175 -30.30 76.92 -15.94
N TRP C 176 -30.48 76.12 -17.00
CA TRP C 176 -30.78 76.67 -18.33
C TRP C 176 -32.30 76.80 -18.56
N GLU C 177 -33.09 76.55 -17.52
CA GLU C 177 -34.52 76.83 -17.52
C GLU C 177 -34.85 78.09 -16.71
N ARG C 178 -34.02 78.41 -15.72
CA ARG C 178 -34.18 79.65 -14.95
C ARG C 178 -33.58 80.87 -15.64
N HIS C 179 -32.51 80.67 -16.42
CA HIS C 179 -32.01 81.72 -17.32
C HIS C 179 -32.84 81.76 -18.62
N LYS C 180 -33.79 80.83 -18.76
CA LYS C 180 -34.88 80.91 -19.75
C LYS C 180 -36.14 81.54 -19.13
N LYS C 181 -35.93 82.38 -18.12
CA LYS C 181 -36.97 83.27 -17.62
C LYS C 181 -36.58 84.71 -17.87
N ALA C 182 -35.32 85.05 -17.54
CA ALA C 182 -34.76 86.39 -17.75
C ALA C 182 -35.12 86.91 -19.13
N THR C 183 -35.10 86.00 -20.12
CA THR C 183 -35.66 86.24 -21.44
C THR C 183 -36.54 85.04 -21.84
N LEU C 184 -37.85 85.26 -21.95
CA LEU C 184 -38.81 84.18 -22.29
C LEU C 184 -40.02 84.74 -23.05
N PRO C 185 -40.89 83.84 -23.57
CA PRO C 185 -42.14 84.32 -24.20
C PRO C 185 -43.21 84.73 -23.18
N THR C 186 -43.59 83.80 -22.29
CA THR C 186 -44.46 84.09 -21.13
C THR C 186 -44.03 83.22 -19.95
N THR D 28 30.24 21.11 13.50
CA THR D 28 30.36 19.64 13.47
C THR D 28 28.98 18.97 13.33
N SER D 29 28.96 17.64 13.40
CA SER D 29 27.73 16.87 13.47
C SER D 29 27.36 16.57 14.93
N ALA D 30 27.23 17.65 15.70
CA ALA D 30 26.55 17.65 17.01
C ALA D 30 25.24 18.41 16.76
N ALA D 31 24.43 17.79 15.92
CA ALA D 31 23.23 18.40 15.37
C ALA D 31 22.07 18.20 16.31
N VAL D 32 21.00 18.94 16.06
CA VAL D 32 19.71 18.67 16.68
C VAL D 32 18.81 18.09 15.61
N THR D 33 17.99 17.11 16.01
CA THR D 33 17.00 16.54 15.09
C THR D 33 15.85 17.53 14.99
N GLY D 34 15.48 17.89 13.75
CA GLY D 34 14.41 18.86 13.48
C GLY D 34 13.11 18.18 13.10
N ALA D 35 12.10 18.98 12.76
CA ALA D 35 10.78 18.46 12.38
C ALA D 35 10.38 18.82 10.95
N ALA D 36 9.37 18.13 10.42
CA ALA D 36 8.92 18.34 9.03
C ALA D 36 8.27 19.71 8.87
N PRO D 37 8.44 20.34 7.69
CA PRO D 37 8.07 21.75 7.51
C PRO D 37 6.56 21.98 7.37
N PRO D 38 6.04 23.10 7.92
CA PRO D 38 4.60 23.30 8.04
C PRO D 38 3.91 23.29 6.68
N GLN D 39 2.87 22.47 6.56
CA GLN D 39 2.33 22.09 5.27
C GLN D 39 0.87 21.73 5.41
N PHE D 40 0.07 22.11 4.43
CA PHE D 40 -1.38 21.92 4.49
C PHE D 40 -1.80 20.60 3.87
N ASP D 41 -2.39 19.74 4.69
CA ASP D 41 -2.85 18.43 4.26
C ASP D 41 -4.33 18.52 3.89
N PRO D 42 -4.65 18.56 2.57
CA PRO D 42 -6.05 18.69 2.16
C PRO D 42 -6.90 17.42 2.39
N ILE D 43 -6.24 16.27 2.50
CA ILE D 43 -6.93 15.01 2.77
C ILE D 43 -7.29 14.90 4.25
N ALA D 44 -6.34 15.27 5.12
CA ALA D 44 -6.53 15.20 6.57
C ALA D 44 -7.41 16.33 7.11
N ALA D 45 -7.41 17.48 6.43
CA ALA D 45 -8.34 18.58 6.74
C ALA D 45 -9.78 18.23 6.33
N GLU D 46 -9.93 17.19 5.49
CA GLU D 46 -11.23 16.71 5.02
C GLU D 46 -12.00 15.91 6.11
N LYS D 47 -11.28 15.48 7.16
CA LYS D 47 -11.91 14.90 8.34
C LYS D 47 -12.73 15.98 9.06
N GLY D 48 -13.97 15.65 9.41
CA GLY D 48 -14.80 16.55 10.22
C GLY D 48 -15.50 17.64 9.43
N PHE D 49 -14.74 18.41 8.65
CA PHE D 49 -15.25 19.53 7.83
C PHE D 49 -16.63 19.23 7.27
N LYS D 50 -17.66 19.77 7.93
CA LYS D 50 -19.00 19.78 7.36
C LYS D 50 -19.54 21.18 6.96
N PRO D 51 -18.83 22.29 7.30
CA PRO D 51 -19.39 23.60 6.95
C PRO D 51 -20.10 23.68 5.60
N LEU D 52 -21.43 23.86 5.67
CA LEU D 52 -22.28 24.12 4.50
C LEU D 52 -23.17 25.32 4.83
N HIS D 53 -22.56 26.42 5.26
CA HIS D 53 -23.30 27.64 5.58
C HIS D 53 -23.32 28.51 4.33
N SER D 54 -24.09 28.02 3.35
CA SER D 54 -24.06 28.52 1.98
C SER D 54 -24.40 30.00 1.88
N HIS D 55 -23.40 30.83 2.16
CA HIS D 55 -23.54 32.27 1.98
C HIS D 55 -24.10 32.60 0.59
N GLY D 56 -23.78 31.75 -0.39
CA GLY D 56 -24.17 31.95 -1.80
C GLY D 56 -25.55 32.52 -2.12
N THR D 57 -26.57 32.05 -1.41
CA THR D 57 -27.95 32.55 -1.63
C THR D 57 -28.14 33.99 -1.10
N LEU D 58 -27.27 34.43 -0.17
CA LEU D 58 -27.32 35.80 0.37
C LEU D 58 -26.73 36.78 -0.64
N PHE D 59 -25.59 36.41 -1.22
CA PHE D 59 -24.98 37.18 -2.30
C PHE D 59 -26.04 37.47 -3.36
N LYS D 60 -26.72 36.41 -3.78
CA LYS D 60 -27.78 36.51 -4.80
C LYS D 60 -28.71 37.70 -4.53
N ILE D 61 -29.24 37.76 -3.30
CA ILE D 61 -30.23 38.78 -2.97
C ILE D 61 -29.63 40.19 -2.85
N GLU D 62 -28.36 40.29 -2.49
CA GLU D 62 -27.69 41.59 -2.45
C GLU D 62 -27.81 42.25 -3.81
N ARG D 63 -27.55 41.45 -4.86
CA ARG D 63 -27.39 41.95 -6.23
C ARG D 63 -28.75 42.19 -6.87
N TYR D 64 -29.63 41.19 -6.76
CA TYR D 64 -31.04 41.39 -7.11
C TYR D 64 -31.47 42.77 -6.65
N PHE D 65 -31.41 42.99 -5.34
CA PHE D 65 -31.88 44.21 -4.71
C PHE D 65 -31.27 45.43 -5.37
N ALA D 66 -29.96 45.41 -5.53
CA ALA D 66 -29.24 46.52 -6.13
C ALA D 66 -29.67 46.74 -7.59
N ALA D 67 -29.92 45.65 -8.33
CA ALA D 67 -30.44 45.75 -9.71
C ALA D 67 -31.85 46.34 -9.69
N ALA D 68 -32.61 46.01 -8.65
CA ALA D 68 -33.95 46.56 -8.44
C ALA D 68 -33.89 48.07 -8.19
N MET D 69 -32.80 48.53 -7.59
CA MET D 69 -32.64 49.95 -7.34
C MET D 69 -32.25 50.75 -8.58
N VAL D 70 -31.94 50.05 -9.68
CA VAL D 70 -31.56 50.69 -10.95
C VAL D 70 -32.70 51.56 -11.50
N PRO D 71 -33.92 51.01 -11.56
CA PRO D 71 -35.04 51.88 -11.89
C PRO D 71 -35.35 52.90 -10.79
N LEU D 72 -35.10 52.55 -9.53
CA LEU D 72 -35.53 53.38 -8.41
C LEU D 72 -34.95 54.78 -8.42
N ILE D 73 -33.65 54.93 -8.70
CA ILE D 73 -33.02 56.25 -8.65
C ILE D 73 -33.65 57.26 -9.63
N PRO D 74 -33.91 56.83 -10.88
CA PRO D 74 -34.74 57.61 -11.80
C PRO D 74 -36.11 57.96 -11.21
N ALA D 75 -36.77 56.96 -10.62
CA ALA D 75 -38.08 57.14 -9.99
C ALA D 75 -38.04 58.25 -8.93
N ALA D 76 -36.96 58.33 -8.17
CA ALA D 76 -36.80 59.38 -7.14
C ALA D 76 -36.64 60.78 -7.75
N TYR D 77 -35.95 60.84 -8.89
CA TYR D 77 -35.77 62.10 -9.63
C TYR D 77 -37.10 62.66 -10.09
N PHE D 78 -37.95 61.77 -10.61
CA PHE D 78 -39.22 62.14 -11.23
C PHE D 78 -40.38 62.19 -10.25
N ILE D 79 -40.61 61.10 -9.51
CA ILE D 79 -41.70 61.07 -8.53
C ILE D 79 -41.17 61.35 -7.11
N HIS D 80 -41.30 62.62 -6.68
CA HIS D 80 -40.92 63.04 -5.32
C HIS D 80 -42.01 62.63 -4.32
N GLY D 81 -41.81 62.92 -3.04
CA GLY D 81 -42.83 62.63 -2.03
C GLY D 81 -42.31 61.96 -0.77
N ARG D 82 -43.20 61.83 0.22
CA ARG D 82 -42.83 61.28 1.54
C ARG D 82 -42.81 59.75 1.52
N GLU D 83 -43.73 59.16 0.75
CA GLU D 83 -43.79 57.71 0.60
C GLU D 83 -42.63 57.16 -0.25
N MET D 84 -42.13 57.97 -1.20
CA MET D 84 -40.91 57.61 -1.93
C MET D 84 -39.73 57.64 -0.98
N ASP D 85 -39.60 58.74 -0.22
CA ASP D 85 -38.57 58.84 0.84
C ASP D 85 -38.46 57.55 1.62
N LEU D 86 -39.62 56.97 1.92
CA LEU D 86 -39.72 55.75 2.70
C LEU D 86 -39.15 54.54 1.95
N CYS D 87 -39.40 54.46 0.65
CA CYS D 87 -38.83 53.41 -0.21
C CYS D 87 -37.34 53.58 -0.37
N LEU D 88 -36.92 54.82 -0.51
CA LEU D 88 -35.51 55.17 -0.54
C LEU D 88 -34.84 54.85 0.79
N ALA D 89 -35.33 55.42 1.89
CA ALA D 89 -34.74 55.20 3.22
C ALA D 89 -34.79 53.75 3.71
N LEU D 90 -35.73 52.95 3.20
CA LEU D 90 -35.77 51.52 3.50
C LEU D 90 -34.75 50.77 2.69
N ALA D 91 -34.77 50.99 1.37
CA ALA D 91 -33.84 50.35 0.46
C ALA D 91 -32.42 50.83 0.74
N LEU D 92 -32.19 52.14 0.76
CA LEU D 92 -30.85 52.70 1.02
C LEU D 92 -30.21 52.15 2.30
N THR D 93 -30.98 52.10 3.39
CA THR D 93 -30.45 51.56 4.64
C THR D 93 -30.13 50.06 4.50
N LEU D 94 -30.93 49.35 3.70
CA LEU D 94 -30.71 47.92 3.49
C LEU D 94 -29.51 47.62 2.59
N HIS D 95 -29.32 48.41 1.54
CA HIS D 95 -28.21 48.21 0.60
C HIS D 95 -26.88 48.75 1.14
N VAL D 96 -26.93 49.86 1.86
CA VAL D 96 -25.73 50.40 2.51
C VAL D 96 -25.27 49.52 3.68
N HIS D 97 -26.22 48.94 4.42
CA HIS D 97 -25.94 47.94 5.46
C HIS D 97 -25.07 46.80 4.93
N TRP D 98 -25.52 46.22 3.83
CA TRP D 98 -24.77 45.18 3.13
C TRP D 98 -23.41 45.70 2.65
N GLY D 99 -23.40 46.95 2.20
CA GLY D 99 -22.21 47.59 1.67
C GLY D 99 -21.13 47.85 2.71
N VAL D 100 -21.49 48.54 3.79
CA VAL D 100 -20.52 48.86 4.87
C VAL D 100 -19.93 47.61 5.52
N TRP D 101 -20.75 46.58 5.67
CA TRP D 101 -20.30 45.29 6.17
C TRP D 101 -19.16 44.74 5.31
N GLY D 102 -19.29 44.91 4.00
CA GLY D 102 -18.25 44.52 3.08
C GLY D 102 -16.96 45.26 3.37
N VAL D 103 -17.04 46.59 3.45
CA VAL D 103 -15.84 47.43 3.61
C VAL D 103 -15.23 47.31 4.99
N VAL D 104 -16.05 46.94 5.97
CA VAL D 104 -15.58 46.71 7.33
C VAL D 104 -14.74 45.42 7.40
N ASN D 105 -15.11 44.41 6.62
CA ASN D 105 -14.37 43.14 6.60
C ASN D 105 -13.03 43.25 5.91
N ASP D 106 -13.00 44.00 4.82
CA ASP D 106 -11.77 44.24 4.06
C ASP D 106 -10.74 44.97 4.93
N TYR D 107 -11.10 46.09 5.52
CA TYR D 107 -10.14 46.90 6.26
C TYR D 107 -10.10 46.63 7.77
N GLY D 108 -11.21 46.18 8.34
CA GLY D 108 -11.29 45.84 9.77
C GLY D 108 -10.75 44.45 10.04
N ARG D 109 -9.45 44.29 9.85
CA ARG D 109 -8.80 42.99 9.84
C ARG D 109 -8.24 42.64 11.21
N PRO D 110 -8.51 41.40 11.69
CA PRO D 110 -7.86 40.89 12.89
C PRO D 110 -6.35 41.08 12.88
N PHE D 111 -5.70 40.81 11.76
CA PHE D 111 -4.24 40.94 11.66
C PHE D 111 -3.78 42.34 12.07
N VAL D 112 -4.41 43.36 11.53
CA VAL D 112 -3.94 44.73 11.75
C VAL D 112 -4.65 45.45 12.92
N LEU D 113 -5.63 44.79 13.55
CA LEU D 113 -6.39 45.40 14.67
C LEU D 113 -6.42 44.61 15.97
N GLY D 114 -6.07 43.33 15.94
CA GLY D 114 -6.25 42.48 17.12
C GLY D 114 -7.70 42.06 17.21
N ASP D 115 -7.93 40.86 17.72
CA ASP D 115 -9.22 40.21 17.55
C ASP D 115 -10.43 41.02 18.00
N THR D 116 -10.56 41.29 19.30
CA THR D 116 -11.76 41.99 19.80
C THR D 116 -11.93 43.40 19.19
N LEU D 117 -10.83 44.13 18.99
CA LEU D 117 -10.91 45.48 18.41
C LEU D 117 -11.50 45.45 16.99
N ALA D 118 -11.24 44.36 16.27
CA ALA D 118 -11.85 44.10 14.97
C ALA D 118 -13.33 43.77 15.11
N ALA D 119 -13.70 43.10 16.19
CA ALA D 119 -15.09 42.83 16.54
C ALA D 119 -15.85 44.11 16.89
N ALA D 120 -15.12 45.15 17.32
CA ALA D 120 -15.73 46.44 17.61
C ALA D 120 -16.21 47.12 16.33
N VAL D 121 -15.31 47.18 15.35
CA VAL D 121 -15.67 47.72 14.03
C VAL D 121 -16.78 46.86 13.45
N ARG D 122 -16.59 45.54 13.50
CA ARG D 122 -17.57 44.55 13.04
C ARG D 122 -18.98 44.84 13.57
N VAL D 123 -19.10 45.03 14.88
CA VAL D 123 -20.40 45.36 15.47
C VAL D 123 -20.81 46.75 15.00
N GLY D 124 -19.85 47.67 14.95
CA GLY D 124 -20.09 49.04 14.49
C GLY D 124 -20.76 49.14 13.13
N ALA D 125 -20.45 48.19 12.24
CA ALA D 125 -21.09 48.13 10.92
C ALA D 125 -22.60 47.96 11.00
N TYR D 126 -23.05 47.28 12.07
CA TYR D 126 -24.47 47.18 12.40
C TYR D 126 -25.00 48.43 13.14
N ILE D 127 -24.15 49.06 13.95
CA ILE D 127 -24.54 50.31 14.61
C ILE D 127 -24.76 51.39 13.56
N PHE D 128 -23.83 51.49 12.61
CA PHE D 128 -23.92 52.44 11.48
C PHE D 128 -25.26 52.34 10.71
N THR D 129 -25.74 51.13 10.50
CA THR D 129 -27.00 50.89 9.79
C THR D 129 -28.21 51.37 10.56
N ALA D 130 -28.27 50.97 11.83
CA ALA D 130 -29.39 51.33 12.71
C ALA D 130 -29.45 52.82 12.99
N CYS D 131 -28.29 53.46 13.11
CA CYS D 131 -28.21 54.90 13.23
C CYS D 131 -28.56 55.57 11.91
N LEU D 132 -28.21 54.94 10.80
CA LEU D 132 -28.54 55.48 9.49
C LEU D 132 -30.06 55.54 9.32
N LEU D 133 -30.72 54.39 9.44
CA LEU D 133 -32.17 54.32 9.21
C LEU D 133 -32.91 55.33 10.08
N ALA D 134 -32.60 55.36 11.37
CA ALA D 134 -33.22 56.29 12.31
C ALA D 134 -32.95 57.75 11.91
N GLY D 135 -31.72 58.02 11.45
CA GLY D 135 -31.35 59.34 10.92
C GLY D 135 -32.20 59.73 9.73
N LEU D 136 -32.42 58.78 8.83
CA LEU D 136 -33.28 58.99 7.65
C LEU D 136 -34.77 59.02 7.99
N LEU D 137 -35.19 58.23 8.98
CA LEU D 137 -36.61 58.19 9.39
C LEU D 137 -37.03 59.47 10.09
N TYR D 138 -36.16 59.99 10.95
CA TYR D 138 -36.39 61.25 11.61
C TYR D 138 -36.58 62.39 10.58
N PHE D 139 -35.80 62.34 9.51
CA PHE D 139 -35.78 63.39 8.48
C PHE D 139 -37.04 63.40 7.60
N ASN D 140 -37.58 62.22 7.31
CA ASN D 140 -38.86 62.09 6.56
C ASN D 140 -40.02 62.60 7.40
N GLU D 141 -39.97 62.30 8.69
CA GLU D 141 -41.10 62.50 9.60
C GLU D 141 -41.08 63.85 10.34
N HIS D 142 -39.92 64.51 10.39
CA HIS D 142 -39.81 65.84 11.01
C HIS D 142 -38.97 66.82 10.19
N ASP D 143 -38.91 66.62 8.88
CA ASP D 143 -38.24 67.57 8.01
C ASP D 143 -38.72 67.38 6.56
N VAL D 144 -38.11 68.11 5.63
CA VAL D 144 -38.50 68.08 4.22
C VAL D 144 -38.67 66.67 3.62
N GLY D 145 -37.85 65.72 4.07
CA GLY D 145 -37.80 64.39 3.48
C GLY D 145 -36.72 64.37 2.41
N LEU D 146 -36.23 63.19 2.07
CA LEU D 146 -35.18 63.05 1.06
C LEU D 146 -35.52 63.81 -0.23
N THR D 147 -36.64 63.44 -0.84
CA THR D 147 -37.03 63.96 -2.14
C THR D 147 -37.03 65.49 -2.14
N ARG D 148 -37.79 66.08 -1.22
CA ARG D 148 -37.92 67.54 -1.11
C ARG D 148 -36.57 68.23 -0.83
N ALA D 149 -35.66 67.56 -0.13
CA ALA D 149 -34.35 68.11 0.17
C ALA D 149 -33.51 68.35 -1.09
N PHE D 150 -33.67 67.47 -2.08
CA PHE D 150 -33.01 67.63 -3.39
C PHE D 150 -33.63 68.77 -4.21
N GLU D 151 -34.96 68.82 -4.26
CA GLU D 151 -35.67 69.90 -4.93
C GLU D 151 -35.16 71.23 -4.43
N MET D 152 -35.05 71.37 -3.11
CA MET D 152 -34.66 72.62 -2.46
C MET D 152 -33.22 73.03 -2.71
N VAL D 153 -32.31 72.05 -2.78
CA VAL D 153 -30.90 72.33 -3.04
C VAL D 153 -30.62 72.49 -4.53
N TRP D 154 -31.37 71.77 -5.37
CA TRP D 154 -31.32 72.02 -6.82
C TRP D 154 -31.95 73.38 -7.16
N GLU D 155 -32.87 73.86 -6.30
CA GLU D 155 -33.49 75.19 -6.47
C GLU D 155 -32.55 76.36 -6.20
N LEU D 156 -31.42 76.14 -5.53
CA LEU D 156 -30.45 77.20 -5.33
C LEU D 156 -29.73 77.48 -6.65
N SER E 30 -0.91 -4.57 43.00
CA SER E 30 -0.20 -5.76 42.44
C SER E 30 0.88 -6.24 43.41
N ASN E 31 0.50 -6.42 44.68
CA ASN E 31 1.46 -6.61 45.78
C ASN E 31 2.16 -7.98 45.81
N ILE E 32 1.37 -9.05 45.75
CA ILE E 32 1.80 -10.38 46.22
C ILE E 32 2.81 -11.08 45.28
N ALA E 33 3.11 -10.50 44.11
CA ALA E 33 4.21 -11.01 43.26
C ALA E 33 4.94 -9.95 42.45
N GLN E 34 6.13 -10.33 41.97
CA GLN E 34 6.97 -9.46 41.15
C GLN E 34 6.85 -9.86 39.68
N TYR E 35 6.54 -8.89 38.81
CA TYR E 35 6.35 -9.17 37.37
C TYR E 35 7.37 -8.47 36.49
N LYS E 36 7.61 -9.07 35.34
CA LYS E 36 8.59 -8.59 34.38
C LYS E 36 7.85 -8.03 33.16
N VAL E 37 7.54 -6.74 33.19
CA VAL E 37 6.82 -6.08 32.09
C VAL E 37 7.82 -5.81 30.96
N ILE E 38 7.37 -5.91 29.71
CA ILE E 38 8.26 -5.78 28.54
C ILE E 38 7.51 -5.09 27.39
N ASP E 39 8.01 -3.94 26.93
CA ASP E 39 7.28 -3.13 25.95
C ASP E 39 7.63 -3.44 24.48
N HIS E 40 6.69 -3.11 23.60
CA HIS E 40 6.81 -3.29 22.14
C HIS E 40 6.12 -2.17 21.36
N ALA E 41 6.73 -1.71 20.28
CA ALA E 41 6.13 -0.66 19.45
C ALA E 41 5.79 -1.22 18.08
N TYR E 42 4.49 -1.29 17.78
CA TYR E 42 4.03 -1.74 16.47
C TYR E 42 3.02 -0.76 15.90
N ASP E 43 2.90 -0.74 14.57
CA ASP E 43 1.95 0.15 13.90
C ASP E 43 0.53 -0.25 14.25
N VAL E 44 0.26 -1.55 14.11
CA VAL E 44 -1.08 -2.09 14.28
C VAL E 44 -1.02 -3.48 14.93
N VAL E 45 -1.73 -3.63 16.05
CA VAL E 45 -1.79 -4.89 16.77
C VAL E 45 -3.11 -5.55 16.47
N ILE E 46 -3.07 -6.88 16.30
CA ILE E 46 -4.26 -7.68 16.01
C ILE E 46 -4.43 -8.74 17.09
N ILE E 47 -5.29 -8.46 18.06
CA ILE E 47 -5.66 -9.49 19.01
C ILE E 47 -6.55 -10.43 18.22
N GLY E 48 -6.09 -11.64 17.98
CA GLY E 48 -6.87 -12.63 17.26
C GLY E 48 -6.14 -13.13 16.04
N ALA E 49 -5.91 -14.43 15.99
CA ALA E 49 -5.35 -15.07 14.81
C ALA E 49 -6.37 -16.07 14.27
N GLY E 50 -7.64 -15.66 14.27
CA GLY E 50 -8.69 -16.41 13.60
C GLY E 50 -8.74 -16.00 12.15
N GLY E 51 -9.75 -16.45 11.42
CA GLY E 51 -9.93 -16.06 10.01
C GLY E 51 -9.94 -14.55 9.79
N ALA E 52 -10.68 -13.83 10.63
CA ALA E 52 -10.85 -12.37 10.50
C ALA E 52 -9.60 -11.61 10.87
N GLY E 53 -8.81 -12.16 11.79
CA GLY E 53 -7.53 -11.56 12.19
C GLY E 53 -6.45 -11.77 11.14
N LEU E 54 -6.36 -12.98 10.60
CA LEU E 54 -5.37 -13.32 9.58
C LEU E 54 -5.62 -12.59 8.27
N ARG E 55 -6.89 -12.53 7.86
CA ARG E 55 -7.26 -11.84 6.63
C ARG E 55 -6.90 -10.36 6.76
N ALA E 56 -7.12 -9.81 7.96
CA ALA E 56 -6.71 -8.46 8.25
C ALA E 56 -5.19 -8.34 8.17
N ALA E 57 -4.48 -9.21 8.88
CA ALA E 57 -3.01 -9.14 8.94
C ALA E 57 -2.39 -9.12 7.55
N MET E 58 -2.86 -10.00 6.68
CA MET E 58 -2.34 -10.12 5.32
C MET E 58 -2.35 -8.76 4.60
N GLY E 59 -3.52 -8.15 4.51
CA GLY E 59 -3.67 -6.84 3.87
C GLY E 59 -2.79 -5.76 4.47
N LEU E 60 -2.65 -5.78 5.78
CA LEU E 60 -1.78 -4.82 6.47
C LEU E 60 -0.31 -5.06 6.13
N GLY E 61 0.07 -6.34 6.00
CA GLY E 61 1.40 -6.67 5.51
C GLY E 61 1.68 -5.98 4.18
N GLU E 62 1.03 -6.45 3.12
CA GLU E 62 1.24 -5.92 1.76
C GLU E 62 1.32 -4.39 1.70
N ALA E 63 0.47 -3.69 2.46
CA ALA E 63 0.53 -2.23 2.51
C ALA E 63 1.56 -1.71 3.54
N GLY E 64 2.66 -2.47 3.71
CA GLY E 64 3.85 -1.97 4.39
C GLY E 64 3.93 -2.15 5.90
N PHE E 65 2.80 -2.07 6.58
CA PHE E 65 2.77 -1.90 8.04
C PHE E 65 3.54 -2.96 8.83
N LYS E 66 4.08 -2.53 9.98
CA LYS E 66 4.71 -3.41 10.95
C LYS E 66 3.60 -4.02 11.83
N THR E 67 3.13 -5.19 11.42
CA THR E 67 1.99 -5.81 12.05
C THR E 67 2.46 -6.79 13.13
N ALA E 68 1.83 -6.69 14.30
CA ALA E 68 2.07 -7.62 15.42
C ALA E 68 0.78 -8.36 15.77
N VAL E 69 0.78 -9.67 15.49
CA VAL E 69 -0.40 -10.50 15.73
C VAL E 69 -0.30 -11.23 17.06
N VAL E 70 -1.21 -10.91 17.97
CA VAL E 70 -1.28 -11.52 19.29
C VAL E 70 -2.38 -12.56 19.28
N THR E 71 -2.09 -13.72 19.84
CA THR E 71 -3.09 -14.78 19.99
C THR E 71 -2.80 -15.63 21.22
N LYS E 72 -3.85 -16.14 21.84
CA LYS E 72 -3.71 -17.03 22.99
C LYS E 72 -3.66 -18.50 22.56
N MET E 73 -3.50 -18.73 21.26
CA MET E 73 -3.21 -20.08 20.74
C MET E 73 -2.64 -20.00 19.33
N PHE E 74 -2.12 -21.12 18.85
CA PHE E 74 -1.57 -21.18 17.51
C PHE E 74 -2.71 -20.96 16.52
N PRO E 75 -2.51 -20.07 15.53
CA PRO E 75 -3.60 -19.65 14.66
C PRO E 75 -4.42 -20.79 14.06
N THR E 76 -3.75 -21.87 13.64
CA THR E 76 -4.43 -23.04 13.07
C THR E 76 -5.49 -23.67 14.00
N ARG E 77 -5.36 -23.44 15.31
CA ARG E 77 -6.30 -24.00 16.29
C ARG E 77 -7.55 -23.15 16.47
N SER E 78 -7.46 -21.87 16.12
CA SER E 78 -8.55 -20.92 16.31
C SER E 78 -9.82 -21.52 15.77
N HIS E 79 -10.96 -21.09 16.30
CA HIS E 79 -12.18 -21.83 16.03
C HIS E 79 -12.55 -21.96 14.57
N THR E 80 -12.30 -20.92 13.80
CA THR E 80 -12.55 -20.97 12.36
C THR E 80 -12.18 -22.34 11.77
N THR E 81 -11.13 -22.98 12.30
CA THR E 81 -10.68 -24.31 11.82
C THR E 81 -11.72 -25.44 12.00
N ALA E 82 -12.73 -25.20 12.84
CA ALA E 82 -13.82 -26.17 13.07
C ALA E 82 -15.10 -25.85 12.30
N ALA E 83 -14.99 -24.96 11.30
CA ALA E 83 -16.12 -24.64 10.45
C ALA E 83 -16.12 -25.57 9.26
N GLN E 84 -17.32 -25.92 8.79
CA GLN E 84 -17.54 -27.09 7.95
C GLN E 84 -18.29 -26.80 6.65
N GLY E 85 -19.44 -26.16 6.81
CA GLY E 85 -20.45 -26.04 5.77
C GLY E 85 -19.99 -25.33 4.52
N GLY E 86 -19.50 -24.11 4.67
CA GLY E 86 -19.05 -23.33 3.52
C GLY E 86 -19.08 -21.83 3.69
N ILE E 87 -18.74 -21.13 2.63
CA ILE E 87 -18.59 -19.69 2.68
C ILE E 87 -19.32 -19.06 1.49
N ASN E 88 -20.21 -18.12 1.79
CA ASN E 88 -21.14 -17.59 0.80
C ASN E 88 -20.53 -16.60 -0.19
N ALA E 89 -21.06 -16.65 -1.41
CA ALA E 89 -20.75 -15.68 -2.45
C ALA E 89 -21.61 -15.98 -3.66
N ALA E 90 -22.01 -14.92 -4.36
CA ALA E 90 -22.79 -15.04 -5.58
C ALA E 90 -21.86 -15.34 -6.76
N LEU E 91 -21.26 -16.53 -6.73
CA LEU E 91 -20.34 -16.96 -7.77
C LEU E 91 -21.15 -17.58 -8.91
N GLY E 92 -22.26 -18.20 -8.54
CA GLY E 92 -23.15 -18.83 -9.51
C GLY E 92 -22.43 -19.81 -10.42
N SER E 93 -21.70 -20.71 -9.79
CA SER E 93 -21.02 -21.79 -10.50
C SER E 93 -21.96 -22.99 -10.71
N MET E 94 -23.12 -22.96 -10.05
CA MET E 94 -24.17 -23.98 -10.18
C MET E 94 -25.40 -23.44 -10.92
N ASN E 95 -25.62 -22.13 -10.82
CA ASN E 95 -26.76 -21.45 -11.43
C ASN E 95 -26.51 -19.93 -11.40
N PRO E 96 -27.37 -19.14 -12.06
CA PRO E 96 -27.20 -17.69 -11.94
C PRO E 96 -27.48 -17.18 -10.54
N ASP E 97 -26.91 -16.04 -10.23
CA ASP E 97 -26.93 -15.52 -8.86
C ASP E 97 -26.57 -14.04 -8.92
N ASP E 98 -27.42 -13.20 -8.36
CA ASP E 98 -27.09 -11.79 -8.20
C ASP E 98 -26.87 -11.60 -6.72
N TRP E 99 -25.74 -11.00 -6.38
CA TRP E 99 -25.38 -10.75 -4.98
C TRP E 99 -26.44 -9.92 -4.24
N LYS E 100 -27.35 -9.27 -4.97
CA LYS E 100 -28.52 -8.62 -4.39
C LYS E 100 -29.50 -9.68 -3.85
N TRP E 101 -29.65 -10.77 -4.61
CA TRP E 101 -30.43 -11.93 -4.19
C TRP E 101 -29.89 -12.45 -2.86
N HIS E 102 -28.57 -12.37 -2.73
CA HIS E 102 -27.85 -12.67 -1.50
C HIS E 102 -28.09 -11.59 -0.44
N PHE E 103 -27.99 -10.32 -0.85
CA PHE E 103 -28.21 -9.18 0.06
C PHE E 103 -29.59 -9.22 0.70
N TYR E 104 -30.61 -9.54 -0.10
CA TYR E 104 -31.96 -9.72 0.42
C TYR E 104 -31.97 -10.76 1.53
N ASP E 105 -31.48 -11.96 1.22
CA ASP E 105 -31.50 -13.06 2.17
C ASP E 105 -30.72 -12.73 3.44
N THR E 106 -29.67 -11.92 3.31
CA THR E 106 -28.90 -11.46 4.46
C THR E 106 -29.70 -10.49 5.32
N VAL E 107 -30.51 -9.66 4.67
CA VAL E 107 -31.37 -8.69 5.36
C VAL E 107 -32.57 -9.40 5.98
N LYS E 108 -33.31 -10.16 5.16
CA LYS E 108 -34.43 -10.93 5.67
C LYS E 108 -33.96 -11.84 6.80
N GLY E 109 -32.86 -12.54 6.58
CA GLY E 109 -32.23 -13.36 7.61
C GLY E 109 -32.01 -12.62 8.92
N SER E 110 -31.64 -11.34 8.82
CA SER E 110 -31.40 -10.53 10.00
C SER E 110 -32.69 -10.11 10.73
N ASP E 111 -33.84 -10.29 10.07
CA ASP E 111 -35.15 -9.85 10.60
C ASP E 111 -35.17 -8.34 10.89
N TRP E 112 -34.56 -7.59 9.98
CA TRP E 112 -34.53 -6.12 10.00
C TRP E 112 -34.01 -5.49 11.29
N LEU E 113 -33.11 -6.21 11.97
CA LEU E 113 -32.28 -5.67 13.04
C LEU E 113 -30.85 -5.40 12.53
N GLY E 114 -30.49 -6.01 11.40
CA GLY E 114 -29.18 -5.85 10.80
C GLY E 114 -29.04 -4.49 10.11
N ASP E 115 -27.86 -3.88 10.27
CA ASP E 115 -27.60 -2.57 9.68
C ASP E 115 -27.24 -2.75 8.21
N GLN E 116 -28.08 -2.19 7.34
CA GLN E 116 -28.11 -2.56 5.92
C GLN E 116 -26.94 -1.96 5.11
N ASN E 117 -26.29 -0.94 5.68
CA ASN E 117 -25.05 -0.40 5.12
C ASN E 117 -23.85 -1.35 5.25
N ALA E 118 -23.87 -2.21 6.26
CA ALA E 118 -22.78 -3.16 6.50
C ALA E 118 -23.02 -4.46 5.76
N MET E 119 -24.29 -4.83 5.57
CA MET E 119 -24.66 -6.01 4.78
C MET E 119 -24.46 -5.79 3.28
N HIS E 120 -24.62 -4.55 2.82
CA HIS E 120 -24.32 -4.16 1.44
C HIS E 120 -22.83 -4.36 1.19
N TYR E 121 -21.99 -3.78 2.04
CA TYR E 121 -20.54 -4.03 2.01
C TYR E 121 -20.31 -5.53 1.85
N LEU E 122 -20.88 -6.29 2.79
CA LEU E 122 -20.66 -7.74 2.86
C LEU E 122 -21.03 -8.42 1.56
N THR E 123 -22.28 -8.28 1.15
CA THR E 123 -22.80 -9.01 0.00
C THR E 123 -22.21 -8.56 -1.35
N ARG E 124 -21.84 -7.28 -1.44
CA ARG E 124 -21.19 -6.77 -2.65
C ARG E 124 -19.84 -7.44 -2.81
N ASN E 125 -18.98 -7.30 -1.81
CA ASN E 125 -17.63 -7.87 -1.85
C ASN E 125 -17.64 -9.40 -1.86
N ALA E 126 -18.76 -9.99 -1.42
CA ALA E 126 -18.92 -11.44 -1.32
C ALA E 126 -18.03 -12.23 -2.26
N VAL E 127 -18.14 -11.92 -3.55
CA VAL E 127 -17.53 -12.74 -4.58
C VAL E 127 -16.02 -12.53 -4.62
N GLU E 128 -15.58 -11.26 -4.67
CA GLU E 128 -14.14 -10.92 -4.74
C GLU E 128 -13.35 -11.54 -3.58
N ALA E 129 -13.86 -11.35 -2.36
CA ALA E 129 -13.20 -11.86 -1.15
C ALA E 129 -13.12 -13.39 -1.12
N VAL E 130 -14.06 -14.06 -1.79
CA VAL E 130 -14.09 -15.51 -1.88
C VAL E 130 -13.26 -16.00 -3.04
N THR E 131 -13.21 -15.21 -4.11
CA THR E 131 -12.34 -15.54 -5.25
C THR E 131 -10.87 -15.48 -4.79
N GLU E 132 -10.53 -14.39 -4.12
CA GLU E 132 -9.25 -14.25 -3.42
C GLU E 132 -8.77 -15.55 -2.79
N LEU E 133 -9.59 -16.13 -1.94
CA LEU E 133 -9.25 -17.37 -1.22
C LEU E 133 -8.85 -18.48 -2.19
N GLU E 134 -9.57 -18.59 -3.30
CA GLU E 134 -9.21 -19.55 -4.34
C GLU E 134 -7.84 -19.18 -4.91
N ASN E 135 -7.63 -17.89 -5.13
CA ASN E 135 -6.35 -17.37 -5.59
C ASN E 135 -5.26 -17.35 -4.51
N PHE E 136 -5.64 -17.45 -3.23
CA PHE E 136 -4.69 -17.70 -2.14
C PHE E 136 -4.36 -19.19 -2.03
N GLY E 137 -5.07 -20.02 -2.80
CA GLY E 137 -4.79 -21.44 -2.92
C GLY E 137 -5.83 -22.37 -2.30
N MET E 138 -6.96 -21.81 -1.86
CA MET E 138 -7.96 -22.60 -1.16
C MET E 138 -8.46 -23.68 -2.09
N PRO E 139 -8.34 -24.94 -1.69
CA PRO E 139 -8.56 -26.06 -2.59
C PRO E 139 -10.03 -26.44 -2.83
N PHE E 140 -10.88 -25.49 -3.21
CA PHE E 140 -12.34 -25.72 -3.29
C PHE E 140 -12.72 -27.03 -3.98
N SER E 141 -13.84 -27.61 -3.56
CA SER E 141 -14.47 -28.68 -4.30
C SER E 141 -14.87 -28.07 -5.63
N ARG E 142 -14.71 -28.81 -6.72
CA ARG E 142 -14.92 -28.26 -8.05
C ARG E 142 -16.11 -28.90 -8.76
N THR E 143 -16.73 -28.10 -9.62
CA THR E 143 -17.76 -28.59 -10.52
C THR E 143 -17.05 -29.19 -11.71
N PRO E 144 -17.68 -30.14 -12.41
CA PRO E 144 -17.10 -30.64 -13.66
C PRO E 144 -16.58 -29.49 -14.52
N GLU E 145 -17.38 -28.44 -14.64
CA GLU E 145 -16.98 -27.23 -15.33
C GLU E 145 -15.58 -26.79 -14.91
N GLY E 146 -15.25 -26.99 -13.63
CA GLY E 146 -13.93 -26.64 -13.09
C GLY E 146 -13.94 -25.42 -12.18
N LYS E 147 -15.13 -24.95 -11.83
CA LYS E 147 -15.31 -23.78 -10.97
C LYS E 147 -15.54 -24.26 -9.52
N ILE E 148 -15.84 -23.33 -8.62
CA ILE E 148 -16.03 -23.65 -7.21
C ILE E 148 -17.40 -24.26 -6.96
N TYR E 149 -17.43 -25.48 -6.45
CA TYR E 149 -18.69 -26.18 -6.14
C TYR E 149 -19.45 -25.51 -4.99
N GLN E 150 -20.52 -24.78 -5.33
CA GLN E 150 -21.41 -24.21 -4.32
C GLN E 150 -22.47 -25.24 -3.91
N ARG E 151 -22.94 -25.13 -2.66
CA ARG E 151 -23.99 -26.00 -2.13
C ARG E 151 -25.11 -25.16 -1.53
N SER E 152 -26.24 -25.81 -1.24
CA SER E 152 -27.43 -25.14 -0.71
C SER E 152 -27.41 -25.08 0.81
N PHE E 153 -28.01 -24.02 1.38
CA PHE E 153 -27.84 -23.71 2.81
C PHE E 153 -29.09 -23.09 3.45
N GLY E 154 -28.96 -22.61 4.69
CA GLY E 154 -30.09 -22.21 5.51
C GLY E 154 -30.49 -20.74 5.43
N GLY E 155 -31.58 -20.48 4.71
CA GLY E 155 -32.18 -19.15 4.61
C GLY E 155 -31.85 -18.39 3.33
N GLN E 156 -31.65 -19.12 2.24
CA GLN E 156 -31.23 -18.50 0.98
C GLN E 156 -32.17 -18.79 -0.18
N SER E 157 -32.30 -17.80 -1.06
CA SER E 157 -33.31 -17.78 -2.10
C SER E 157 -32.74 -17.12 -3.33
N ASN E 158 -33.10 -17.61 -4.51
CA ASN E 158 -32.51 -17.08 -5.73
C ASN E 158 -33.09 -15.74 -6.18
N ASN E 159 -34.39 -15.55 -6.18
CA ASN E 159 -34.92 -14.27 -6.69
C ASN E 159 -35.55 -13.40 -5.61
N TYR E 160 -34.72 -12.91 -4.68
CA TYR E 160 -35.21 -12.13 -3.55
C TYR E 160 -36.36 -12.85 -2.85
N GLY E 161 -36.29 -14.17 -2.77
CA GLY E 161 -37.36 -14.98 -2.21
C GLY E 161 -38.20 -15.64 -3.28
N LYS E 162 -38.57 -14.89 -4.31
CA LYS E 162 -39.52 -15.36 -5.33
C LYS E 162 -39.08 -16.64 -6.06
N GLY E 163 -37.78 -16.84 -6.22
CA GLY E 163 -37.25 -17.91 -7.05
C GLY E 163 -37.17 -19.27 -6.38
N GLY E 164 -36.00 -19.91 -6.47
CA GLY E 164 -35.75 -21.19 -5.81
C GLY E 164 -34.77 -21.01 -4.66
N VAL E 165 -34.47 -22.11 -3.97
CA VAL E 165 -33.44 -22.10 -2.93
C VAL E 165 -32.05 -21.99 -3.57
N ALA E 166 -31.33 -20.93 -3.23
CA ALA E 166 -30.07 -20.60 -3.91
C ALA E 166 -28.94 -21.57 -3.59
N LYS E 167 -27.95 -21.60 -4.49
CA LYS E 167 -26.67 -22.28 -4.28
C LYS E 167 -25.54 -21.26 -4.36
N ARG E 168 -25.20 -20.69 -3.21
CA ARG E 168 -24.10 -19.73 -3.06
C ARG E 168 -22.96 -20.26 -2.20
N THR E 169 -23.29 -21.20 -1.31
CA THR E 169 -22.37 -21.62 -0.26
C THR E 169 -21.25 -22.48 -0.79
N CYS E 170 -20.20 -21.81 -1.27
CA CYS E 170 -18.96 -22.43 -1.69
C CYS E 170 -18.37 -23.22 -0.55
N CYS E 171 -17.82 -24.40 -0.83
CA CYS E 171 -17.27 -25.25 0.21
C CYS E 171 -16.10 -26.13 -0.24
N VAL E 172 -15.21 -26.40 0.71
CA VAL E 172 -14.21 -27.46 0.60
C VAL E 172 -14.87 -28.68 1.23
N ALA E 173 -15.87 -29.24 0.55
CA ALA E 173 -16.72 -30.28 1.11
C ALA E 173 -17.18 -29.97 2.56
N ASP E 174 -16.73 -30.77 3.52
CA ASP E 174 -17.27 -30.73 4.88
C ASP E 174 -16.39 -29.95 5.86
N ARG E 175 -15.39 -29.26 5.34
CA ARG E 175 -14.32 -28.70 6.16
C ARG E 175 -13.72 -27.50 5.45
N THR E 176 -14.58 -26.53 5.16
CA THR E 176 -14.20 -25.28 4.53
C THR E 176 -13.35 -24.43 5.46
N GLY E 177 -13.79 -24.33 6.72
CA GLY E 177 -13.15 -23.44 7.70
C GLY E 177 -11.76 -23.87 8.07
N HIS E 178 -11.60 -25.16 8.33
CA HIS E 178 -10.29 -25.76 8.47
C HIS E 178 -9.39 -25.30 7.33
N SER E 179 -9.79 -25.64 6.11
CA SER E 179 -9.00 -25.40 4.91
C SER E 179 -8.78 -23.91 4.66
N MET E 180 -9.84 -23.13 4.81
CA MET E 180 -9.70 -21.67 4.69
C MET E 180 -8.60 -21.19 5.63
N LEU E 181 -8.73 -21.54 6.91
CA LEU E 181 -7.83 -21.03 7.93
C LEU E 181 -6.38 -21.39 7.63
N HIS E 182 -6.13 -22.66 7.32
CA HIS E 182 -4.78 -23.09 6.97
C HIS E 182 -4.29 -22.35 5.74
N THR E 183 -5.21 -22.12 4.80
CA THR E 183 -4.93 -21.37 3.58
C THR E 183 -4.54 -19.94 3.96
N LEU E 184 -5.35 -19.32 4.80
CA LEU E 184 -5.03 -17.99 5.30
C LEU E 184 -3.73 -17.96 6.09
N TYR E 185 -3.54 -18.91 7.02
CA TYR E 185 -2.29 -18.94 7.79
C TYR E 185 -1.12 -19.11 6.86
N GLY E 186 -1.25 -20.08 5.95
CA GLY E 186 -0.28 -20.30 4.88
C GLY E 186 0.20 -18.99 4.30
N ASN E 187 -0.69 -18.27 3.63
CA ASN E 187 -0.37 -16.97 3.04
C ASN E 187 0.17 -15.94 4.05
N SER E 188 -0.24 -16.02 5.31
CA SER E 188 0.14 -15.01 6.29
C SER E 188 1.59 -15.15 6.79
N LEU E 189 2.28 -16.21 6.41
CA LEU E 189 3.71 -16.32 6.71
C LEU E 189 4.51 -15.42 5.78
N ARG E 190 3.89 -15.02 4.68
CA ARG E 190 4.50 -14.23 3.63
C ARG E 190 4.29 -12.71 3.84
N CYS E 191 3.35 -12.31 4.72
CA CYS E 191 3.04 -10.89 4.97
C CYS E 191 4.00 -10.18 5.92
N HIS E 192 5.11 -10.82 6.30
CA HIS E 192 6.09 -10.23 7.21
C HIS E 192 5.45 -9.72 8.52
N CYS E 193 4.36 -10.37 8.93
CA CYS E 193 3.68 -10.01 10.16
C CYS E 193 4.33 -10.79 11.29
N THR E 194 4.79 -10.10 12.33
CA THR E 194 5.51 -10.74 13.45
C THR E 194 4.57 -11.36 14.50
N PHE E 195 4.55 -12.69 14.58
CA PHE E 195 3.58 -13.41 15.45
C PHE E 195 3.93 -13.43 16.95
N PHE E 196 2.89 -13.36 17.79
CA PHE E 196 3.01 -13.52 19.24
C PHE E 196 2.06 -14.61 19.71
N ILE E 197 2.58 -15.84 19.76
CA ILE E 197 1.78 -17.06 19.85
C ILE E 197 1.69 -17.58 21.30
N GLU E 198 0.47 -17.87 21.73
CA GLU E 198 0.16 -18.24 23.11
C GLU E 198 0.51 -17.10 24.04
N TYR E 199 -0.07 -15.95 23.72
CA TYR E 199 -0.02 -14.76 24.53
C TYR E 199 -1.44 -14.41 24.89
N PHE E 200 -1.78 -14.49 26.16
CA PHE E 200 -3.11 -14.15 26.64
C PHE E 200 -3.24 -12.63 26.83
N ALA E 201 -4.08 -11.99 26.03
CA ALA E 201 -4.33 -10.55 26.14
C ALA E 201 -5.18 -10.21 27.37
N LEU E 202 -4.63 -9.35 28.22
CA LEU E 202 -5.28 -8.98 29.47
C LEU E 202 -6.26 -7.82 29.25
N ASP E 203 -5.76 -6.71 28.69
CA ASP E 203 -6.57 -5.50 28.49
C ASP E 203 -6.16 -4.64 27.30
N LEU E 204 -7.10 -3.86 26.78
CA LEU E 204 -6.81 -2.86 25.75
C LEU E 204 -6.24 -1.62 26.40
N LEU E 205 -4.99 -1.27 26.07
CA LEU E 205 -4.36 -0.08 26.62
C LEU E 205 -4.99 1.18 26.04
N MET E 206 -5.62 1.97 26.92
CA MET E 206 -6.32 3.20 26.53
C MET E 206 -5.56 4.43 27.01
N ASP E 207 -5.75 5.54 26.30
CA ASP E 207 -5.28 6.86 26.77
C ASP E 207 -6.38 7.89 26.55
N LYS E 208 -7.29 7.97 27.52
CA LYS E 208 -8.42 8.89 27.50
C LYS E 208 -9.20 8.84 26.18
N GLY E 209 -9.86 7.71 25.94
CA GLY E 209 -10.73 7.56 24.78
C GLY E 209 -10.05 7.08 23.51
N ARG E 210 -8.72 6.95 23.54
CA ARG E 210 -7.95 6.51 22.38
C ARG E 210 -7.22 5.20 22.70
N CYS E 211 -7.36 4.20 21.83
CA CYS E 211 -6.71 2.93 22.04
C CYS E 211 -5.28 2.92 21.49
N VAL E 212 -4.30 2.82 22.39
CA VAL E 212 -2.89 2.86 22.03
C VAL E 212 -2.26 1.45 22.02
N GLY E 213 -3.11 0.42 22.07
CA GLY E 213 -2.63 -0.95 21.95
C GLY E 213 -3.10 -1.86 23.07
N VAL E 214 -2.32 -2.92 23.31
CA VAL E 214 -2.75 -4.07 24.12
C VAL E 214 -1.69 -4.47 25.15
N ILE E 215 -2.15 -5.07 26.25
CA ILE E 215 -1.26 -5.74 27.23
C ILE E 215 -1.61 -7.22 27.36
N ALA E 216 -0.60 -8.08 27.43
CA ALA E 216 -0.81 -9.52 27.37
C ALA E 216 0.22 -10.32 28.15
N LEU E 217 -0.19 -11.53 28.53
CA LEU E 217 0.65 -12.47 29.26
C LEU E 217 1.19 -13.53 28.31
N CYS E 218 2.50 -13.50 28.07
CA CYS E 218 3.17 -14.59 27.37
C CYS E 218 3.20 -15.81 28.25
N LEU E 219 2.71 -16.94 27.75
CA LEU E 219 2.64 -18.16 28.56
C LEU E 219 4.02 -18.78 28.78
N GLU E 220 4.82 -18.85 27.72
CA GLU E 220 6.11 -19.56 27.72
C GLU E 220 7.00 -19.26 28.93
N ASP E 221 7.13 -17.97 29.26
CA ASP E 221 8.00 -17.52 30.38
C ASP E 221 7.29 -16.69 31.45
N GLY E 222 6.12 -16.13 31.14
CA GLY E 222 5.37 -15.32 32.11
C GLY E 222 5.49 -13.82 31.87
N THR E 223 6.50 -13.41 31.11
CA THR E 223 6.69 -12.00 30.79
C THR E 223 5.38 -11.35 30.39
N ILE E 224 5.07 -10.21 30.98
CA ILE E 224 3.94 -9.38 30.54
C ILE E 224 4.43 -8.47 29.43
N HIS E 225 3.69 -8.39 28.33
CA HIS E 225 4.10 -7.59 27.18
C HIS E 225 3.10 -6.47 26.89
N ARG E 226 3.62 -5.27 26.63
CA ARG E 226 2.82 -4.10 26.28
C ARG E 226 3.07 -3.73 24.84
N PHE E 227 2.00 -3.64 24.04
CA PHE E 227 2.11 -3.42 22.60
C PHE E 227 1.61 -2.02 22.23
N ARG E 228 2.54 -1.10 21.96
CA ARG E 228 2.21 0.28 21.65
C ARG E 228 1.88 0.37 20.18
N SER E 229 0.71 0.89 19.85
CA SER E 229 0.27 0.94 18.46
C SER E 229 -0.77 2.00 18.17
N LYS E 230 -0.73 2.50 16.93
CA LYS E 230 -1.69 3.46 16.41
C LYS E 230 -3.07 2.80 16.33
N ARG E 231 -3.07 1.53 15.96
CA ARG E 231 -4.29 0.79 15.79
C ARG E 231 -4.33 -0.40 16.71
N THR E 232 -5.50 -1.03 16.74
CA THR E 232 -5.73 -2.22 17.54
C THR E 232 -7.01 -2.89 17.04
N ILE E 233 -6.87 -4.02 16.37
CA ILE E 233 -8.02 -4.77 15.86
C ILE E 233 -8.40 -5.85 16.85
N VAL E 234 -9.70 -6.03 17.03
CA VAL E 234 -10.23 -7.10 17.88
C VAL E 234 -10.87 -8.17 17.01
N ALA E 235 -10.30 -9.37 17.06
CA ALA E 235 -10.84 -10.54 16.37
C ALA E 235 -10.79 -11.74 17.30
N THR E 236 -11.27 -11.55 18.52
CA THR E 236 -11.13 -12.54 19.61
C THR E 236 -12.15 -13.68 19.58
N GLY E 237 -13.12 -13.60 18.68
CA GLY E 237 -14.17 -14.60 18.64
C GLY E 237 -15.19 -14.39 19.75
N GLY E 238 -16.25 -15.20 19.69
CA GLY E 238 -17.44 -15.02 20.53
C GLY E 238 -17.40 -15.80 21.81
N TYR E 239 -18.57 -15.87 22.46
CA TYR E 239 -18.67 -16.34 23.83
C TYR E 239 -19.59 -17.56 23.96
N GLY E 240 -19.31 -18.58 23.15
CA GLY E 240 -20.12 -19.80 23.13
C GLY E 240 -20.11 -20.57 24.44
N ARG E 241 -19.01 -20.43 25.20
CA ARG E 241 -18.81 -21.18 26.43
C ARG E 241 -19.54 -20.56 27.63
N ALA E 242 -20.14 -19.39 27.43
CA ALA E 242 -21.04 -18.81 28.42
C ALA E 242 -22.19 -19.77 28.73
N TYR E 243 -22.57 -20.54 27.71
CA TYR E 243 -23.58 -21.59 27.85
C TYR E 243 -22.98 -22.93 28.26
N PHE E 244 -23.85 -23.87 28.56
CA PHE E 244 -23.44 -25.21 28.91
C PHE E 244 -23.24 -26.05 27.64
N SER E 245 -24.28 -26.14 26.82
CA SER E 245 -24.19 -26.85 25.56
C SER E 245 -23.87 -25.89 24.43
N CYS E 246 -22.70 -26.10 23.81
CA CYS E 246 -22.20 -25.26 22.71
C CYS E 246 -21.32 -26.07 21.75
N THR E 247 -21.37 -25.72 20.47
CA THR E 247 -20.56 -26.39 19.44
C THR E 247 -19.13 -25.86 19.41
N THR E 248 -18.95 -24.69 20.03
CA THR E 248 -17.71 -23.93 20.01
C THR E 248 -16.53 -24.66 20.65
N ALA E 249 -15.34 -24.13 20.44
CA ALA E 249 -14.14 -24.68 21.06
C ALA E 249 -13.91 -24.01 22.41
N HIS E 250 -13.14 -24.69 23.25
CA HIS E 250 -12.99 -24.33 24.66
C HIS E 250 -12.51 -22.90 24.90
N MET E 251 -11.84 -22.32 23.92
CA MET E 251 -11.30 -20.97 24.04
C MET E 251 -12.30 -19.87 23.65
N ASN E 252 -13.53 -20.25 23.27
CA ASN E 252 -14.55 -19.26 22.90
C ASN E 252 -15.20 -18.64 24.15
N THR E 253 -14.41 -17.85 24.87
CA THR E 253 -14.85 -17.24 26.11
C THR E 253 -15.11 -15.74 25.97
N GLY E 254 -14.97 -15.22 24.74
CA GLY E 254 -15.38 -13.85 24.40
C GLY E 254 -14.55 -12.79 25.08
N ASP E 255 -13.24 -12.96 25.05
CA ASP E 255 -12.35 -12.10 25.82
C ASP E 255 -12.37 -10.65 25.33
N GLY E 256 -12.19 -10.45 24.02
CA GLY E 256 -12.15 -9.10 23.43
C GLY E 256 -13.37 -8.25 23.77
N THR E 257 -14.53 -8.89 23.73
CA THR E 257 -15.79 -8.25 24.12
C THR E 257 -15.73 -7.78 25.58
N ALA E 258 -15.11 -8.59 26.44
CA ALA E 258 -14.83 -8.20 27.82
C ALA E 258 -13.80 -7.07 27.90
N LEU E 259 -12.67 -7.25 27.21
CA LEU E 259 -11.62 -6.21 27.10
C LEU E 259 -12.21 -4.86 26.69
N ALA E 260 -13.15 -4.90 25.73
CA ALA E 260 -13.86 -3.71 25.27
C ALA E 260 -14.74 -3.10 26.38
N THR E 261 -15.46 -3.96 27.11
CA THR E 261 -16.29 -3.52 28.23
C THR E 261 -15.44 -3.03 29.40
N ARG E 262 -14.28 -3.65 29.59
CA ARG E 262 -13.33 -3.21 30.61
C ARG E 262 -12.64 -1.92 30.17
N ALA E 263 -12.54 -1.72 28.87
CA ALA E 263 -12.16 -0.41 28.32
C ALA E 263 -13.39 0.49 28.11
N GLY E 264 -14.46 0.20 28.83
CA GLY E 264 -15.63 1.06 28.92
C GLY E 264 -16.53 1.16 27.71
N ILE E 265 -16.53 0.16 26.83
CA ILE E 265 -17.38 0.22 25.64
C ILE E 265 -18.68 -0.57 25.83
N ALA E 266 -19.80 0.03 25.44
CA ALA E 266 -21.09 -0.63 25.54
C ALA E 266 -21.16 -1.63 24.42
N LEU E 267 -21.59 -2.86 24.72
CA LEU E 267 -21.61 -3.94 23.74
C LEU E 267 -22.99 -4.11 23.13
N GLU E 268 -23.02 -4.57 21.88
CA GLU E 268 -24.23 -4.59 21.09
C GLU E 268 -24.89 -5.96 21.11
N ASP E 269 -26.22 -5.97 21.10
CA ASP E 269 -27.06 -7.16 20.85
C ASP E 269 -26.65 -8.49 21.49
N LEU E 270 -26.00 -8.43 22.65
CA LEU E 270 -25.46 -9.65 23.28
C LEU E 270 -26.51 -10.76 23.55
N GLU E 271 -27.76 -10.36 23.76
CA GLU E 271 -28.86 -11.30 24.00
C GLU E 271 -29.19 -12.17 22.79
N PHE E 272 -28.89 -11.66 21.59
CA PHE E 272 -29.17 -12.41 20.37
C PHE E 272 -28.14 -13.52 20.18
N ILE E 273 -28.50 -14.72 20.65
CA ILE E 273 -27.65 -15.91 20.55
C ILE E 273 -28.27 -16.92 19.61
N GLN E 274 -27.51 -17.31 18.59
CA GLN E 274 -27.96 -18.30 17.64
C GLN E 274 -27.90 -19.68 18.27
N PHE E 275 -28.88 -20.52 17.92
CA PHE E 275 -28.88 -21.92 18.31
C PHE E 275 -28.85 -22.79 17.07
N HIS E 276 -27.73 -23.45 16.82
CA HIS E 276 -27.63 -24.26 15.62
C HIS E 276 -28.50 -25.48 15.78
N PRO E 277 -29.37 -25.73 14.79
CA PRO E 277 -30.30 -26.87 14.83
C PRO E 277 -29.63 -28.24 15.01
N THR E 278 -28.71 -28.59 14.11
CA THR E 278 -28.08 -29.89 14.14
C THR E 278 -26.74 -29.86 14.91
N GLY E 279 -26.80 -30.17 16.20
CA GLY E 279 -25.61 -30.39 17.03
C GLY E 279 -25.80 -31.67 17.82
N ILE E 280 -24.84 -32.58 17.76
CA ILE E 280 -24.98 -33.95 18.31
C ILE E 280 -25.53 -34.02 19.76
N TYR E 281 -26.65 -34.71 19.93
CA TYR E 281 -27.36 -34.81 21.22
C TYR E 281 -26.46 -34.91 22.46
N GLY E 282 -25.39 -35.68 22.38
CA GLY E 282 -24.53 -35.88 23.54
C GLY E 282 -23.63 -34.70 23.85
N VAL E 283 -22.59 -34.56 23.02
CA VAL E 283 -21.51 -33.58 23.25
C VAL E 283 -21.74 -32.24 22.55
N GLY E 284 -22.53 -32.25 21.48
CA GLY E 284 -22.91 -31.01 20.80
C GLY E 284 -21.91 -30.57 19.76
N CYS E 285 -21.07 -31.48 19.27
CA CYS E 285 -20.23 -31.18 18.09
C CYS E 285 -21.15 -30.73 16.98
N LEU E 286 -20.68 -29.83 16.13
CA LEU E 286 -21.53 -29.40 15.03
C LEU E 286 -21.73 -30.54 14.01
N ILE E 287 -22.94 -30.61 13.46
CA ILE E 287 -23.23 -31.36 12.25
C ILE E 287 -23.74 -30.35 11.23
N THR E 288 -22.92 -30.08 10.23
CA THR E 288 -23.16 -28.94 9.35
C THR E 288 -24.57 -28.86 8.77
N GLU E 289 -25.06 -27.62 8.63
CA GLU E 289 -26.31 -27.36 7.94
C GLU E 289 -26.23 -27.87 6.51
N GLY E 290 -25.05 -27.75 5.91
CA GLY E 290 -24.80 -28.26 4.57
C GLY E 290 -25.23 -29.69 4.39
N SER E 291 -25.23 -30.47 5.48
CA SER E 291 -25.78 -31.83 5.44
C SER E 291 -27.21 -31.79 4.94
N ARG E 292 -28.00 -30.89 5.52
CA ARG E 292 -29.39 -30.70 5.13
C ARG E 292 -29.50 -30.12 3.72
N GLY E 293 -28.59 -29.20 3.41
CA GLY E 293 -28.50 -28.59 2.08
C GLY E 293 -28.23 -29.56 0.95
N GLU E 294 -27.43 -30.59 1.21
CA GLU E 294 -27.17 -31.63 0.21
C GLU E 294 -28.35 -32.61 0.11
N GLY E 295 -29.22 -32.63 1.13
CA GLY E 295 -30.44 -33.44 1.07
C GLY E 295 -30.96 -34.02 2.38
N GLY E 296 -30.29 -33.77 3.49
CA GLY E 296 -30.71 -34.30 4.78
C GLY E 296 -31.98 -33.65 5.28
N PHE E 297 -32.65 -34.31 6.22
CA PHE E 297 -33.84 -33.72 6.84
C PHE E 297 -34.18 -34.23 8.24
N LEU E 298 -35.04 -33.49 8.92
CA LEU E 298 -35.33 -33.68 10.33
C LEU E 298 -36.56 -34.53 10.55
N VAL E 299 -36.38 -35.63 11.28
CA VAL E 299 -37.43 -36.62 11.52
C VAL E 299 -37.66 -36.76 13.03
N ASN E 300 -38.92 -36.80 13.46
CA ASN E 300 -39.30 -36.81 14.89
C ASN E 300 -39.58 -38.21 15.45
N SER E 301 -40.40 -38.32 16.50
CA SER E 301 -40.81 -39.63 17.01
C SER E 301 -41.70 -40.36 16.02
N GLU E 302 -42.64 -39.64 15.42
CA GLU E 302 -43.61 -40.23 14.50
C GLU E 302 -43.04 -40.45 13.09
N GLY E 303 -41.79 -40.06 12.88
CA GLY E 303 -41.15 -40.25 11.58
C GLY E 303 -41.44 -39.10 10.62
N GLU E 304 -42.07 -38.05 11.12
CA GLU E 304 -42.58 -36.97 10.29
C GLU E 304 -41.47 -35.99 9.96
N ARG E 305 -41.31 -35.66 8.67
CA ARG E 305 -40.39 -34.61 8.25
C ARG E 305 -41.02 -33.27 8.60
N PHE E 306 -40.90 -32.89 9.86
CA PHE E 306 -41.78 -31.86 10.42
C PHE E 306 -41.62 -30.46 9.81
N MET E 307 -40.49 -30.17 9.18
CA MET E 307 -40.23 -28.80 8.70
C MET E 307 -41.07 -28.36 7.50
N GLU E 308 -41.78 -29.28 6.86
CA GLU E 308 -42.73 -28.94 5.77
C GLU E 308 -43.98 -28.22 6.32
N ARG E 309 -44.25 -28.41 7.61
CA ARG E 309 -45.29 -27.66 8.32
C ARG E 309 -44.78 -26.30 8.74
N TYR E 310 -43.73 -26.30 9.56
CA TYR E 310 -43.17 -25.07 10.11
C TYR E 310 -42.66 -24.11 9.04
N ALA E 311 -42.30 -24.65 7.87
CA ALA E 311 -41.89 -23.84 6.73
C ALA E 311 -42.19 -24.57 5.42
N PRO E 312 -43.39 -24.36 4.84
CA PRO E 312 -43.79 -25.14 3.66
C PRO E 312 -42.85 -25.00 2.47
N LYS E 313 -42.36 -23.77 2.25
CA LYS E 313 -41.49 -23.49 1.11
C LYS E 313 -40.06 -23.99 1.36
N ALA E 314 -39.37 -23.34 2.30
CA ALA E 314 -37.95 -23.61 2.54
C ALA E 314 -37.72 -24.98 3.18
N LYS E 315 -38.68 -25.41 4.00
CA LYS E 315 -38.60 -26.69 4.73
C LYS E 315 -37.41 -26.71 5.70
N ASP E 316 -36.50 -27.67 5.56
CA ASP E 316 -35.39 -27.82 6.51
C ASP E 316 -34.26 -26.81 6.26
N LEU E 317 -34.36 -26.06 5.15
CA LEU E 317 -33.41 -24.97 4.86
C LEU E 317 -34.01 -23.59 5.18
N ALA E 318 -34.87 -23.55 6.19
CA ALA E 318 -35.30 -22.29 6.80
C ALA E 318 -34.20 -21.83 7.73
N SER E 319 -34.27 -20.57 8.15
CA SER E 319 -33.26 -19.98 9.04
C SER E 319 -33.05 -20.78 10.32
N ARG E 320 -31.93 -20.56 10.97
CA ARG E 320 -31.52 -21.39 12.09
C ARG E 320 -32.07 -20.95 13.45
N ASP E 321 -32.88 -19.89 13.44
CA ASP E 321 -33.70 -19.57 14.61
C ASP E 321 -35.02 -20.32 14.51
N VAL E 322 -35.59 -20.37 13.29
CA VAL E 322 -36.87 -21.04 13.01
C VAL E 322 -36.73 -22.55 13.10
N VAL E 323 -35.65 -23.09 12.53
CA VAL E 323 -35.43 -24.52 12.54
C VAL E 323 -35.28 -24.99 14.00
N SER E 324 -34.62 -24.17 14.81
CA SER E 324 -34.39 -24.51 16.22
C SER E 324 -35.64 -24.38 17.08
N ARG E 325 -36.53 -23.46 16.72
CA ARG E 325 -37.82 -23.36 17.41
C ARG E 325 -38.66 -24.57 17.03
N ALA E 326 -38.91 -24.68 15.73
CA ALA E 326 -39.57 -25.85 15.17
C ALA E 326 -39.09 -27.12 15.86
N GLU E 327 -37.77 -27.26 16.00
CA GLU E 327 -37.18 -28.39 16.70
C GLU E 327 -37.60 -28.46 18.17
N THR E 328 -37.47 -27.35 18.91
CA THR E 328 -37.76 -27.35 20.33
C THR E 328 -39.26 -27.42 20.65
N ILE E 329 -40.09 -27.11 19.65
CA ILE E 329 -41.54 -27.28 19.78
C ILE E 329 -41.91 -28.75 19.73
N GLU E 330 -41.34 -29.47 18.76
CA GLU E 330 -41.52 -30.92 18.66
C GLU E 330 -41.06 -31.62 19.93
N ILE E 331 -39.98 -31.15 20.55
CA ILE E 331 -39.46 -31.72 21.79
C ILE E 331 -40.46 -31.52 22.92
N MET E 332 -40.79 -30.26 23.17
CA MET E 332 -41.60 -29.87 24.31
C MET E 332 -43.02 -30.41 24.21
N GLU E 333 -43.53 -30.54 22.98
CA GLU E 333 -44.86 -31.11 22.79
C GLU E 333 -44.86 -32.65 22.79
N GLY E 334 -43.71 -33.27 22.97
CA GLY E 334 -43.63 -34.71 23.23
C GLY E 334 -43.44 -35.62 22.02
N ARG E 335 -43.18 -35.05 20.84
CA ARG E 335 -42.77 -35.85 19.67
C ARG E 335 -41.26 -36.05 19.64
N GLY E 336 -40.59 -35.71 20.73
CA GLY E 336 -39.15 -35.86 20.84
C GLY E 336 -38.72 -37.30 20.71
N VAL E 337 -37.43 -37.50 20.46
CA VAL E 337 -36.90 -38.81 20.11
C VAL E 337 -35.84 -39.29 21.12
N GLY E 338 -35.48 -40.57 21.00
CA GLY E 338 -34.52 -41.19 21.90
C GLY E 338 -35.14 -41.62 23.22
N PRO E 339 -34.29 -42.04 24.18
CA PRO E 339 -34.77 -42.59 25.46
C PRO E 339 -35.44 -41.56 26.37
N GLU E 340 -35.13 -40.29 26.16
CA GLU E 340 -35.68 -39.23 26.99
C GLU E 340 -36.67 -38.34 26.25
N LYS E 341 -36.92 -38.64 24.97
CA LYS E 341 -37.82 -37.86 24.12
C LYS E 341 -37.47 -36.36 24.11
N ASP E 342 -36.16 -36.07 24.19
CA ASP E 342 -35.69 -34.69 24.41
C ASP E 342 -34.88 -34.10 23.25
N HIS E 343 -34.70 -34.88 22.19
CA HIS E 343 -34.02 -34.43 20.97
C HIS E 343 -34.68 -35.02 19.73
N ILE E 344 -34.20 -34.66 18.55
CA ILE E 344 -34.75 -35.20 17.30
C ILE E 344 -33.64 -35.74 16.39
N TYR E 345 -34.01 -36.22 15.21
CA TYR E 345 -33.08 -36.85 14.28
C TYR E 345 -32.70 -35.97 13.09
N LEU E 346 -31.48 -36.16 12.60
CA LEU E 346 -31.08 -35.69 11.27
C LEU E 346 -30.91 -36.95 10.42
N GLN E 347 -31.62 -36.99 9.30
CA GLN E 347 -31.59 -38.15 8.43
C GLN E 347 -30.61 -37.97 7.29
N LEU E 348 -29.66 -38.88 7.17
CA LEU E 348 -28.78 -38.91 6.02
C LEU E 348 -28.73 -40.26 5.31
N HIS E 349 -29.34 -41.30 5.89
CA HIS E 349 -29.27 -42.67 5.34
C HIS E 349 -30.06 -42.87 4.03
N HIS E 350 -30.96 -41.94 3.73
CA HIS E 350 -31.68 -41.96 2.46
C HIS E 350 -30.82 -41.51 1.28
N LEU E 351 -29.84 -40.64 1.51
CA LEU E 351 -28.94 -40.16 0.43
C LEU E 351 -27.96 -41.26 -0.06
N PRO E 352 -27.35 -41.06 -1.24
CA PRO E 352 -26.44 -42.07 -1.79
C PRO E 352 -25.06 -42.02 -1.14
N ALA E 353 -24.56 -43.18 -0.71
CA ALA E 353 -23.27 -43.27 0.00
C ALA E 353 -22.11 -42.59 -0.74
N GLU E 354 -22.11 -42.68 -2.06
CA GLU E 354 -21.10 -42.03 -2.90
C GLU E 354 -20.98 -40.53 -2.60
N GLN E 355 -22.12 -39.86 -2.57
CA GLN E 355 -22.16 -38.40 -2.39
C GLN E 355 -21.90 -38.00 -0.95
N LEU E 356 -22.42 -38.78 0.01
CA LEU E 356 -22.14 -38.55 1.43
C LEU E 356 -20.64 -38.50 1.73
N HIS E 357 -19.90 -39.47 1.19
CA HIS E 357 -18.46 -39.51 1.36
C HIS E 357 -17.80 -38.32 0.69
N GLN E 358 -18.25 -38.00 -0.51
CA GLN E 358 -17.68 -36.91 -1.28
C GLN E 358 -17.86 -35.57 -0.53
N ARG E 359 -19.08 -35.30 -0.08
CA ARG E 359 -19.47 -33.97 0.43
C ARG E 359 -19.49 -33.82 1.95
N LEU E 360 -19.70 -34.92 2.69
CA LEU E 360 -19.83 -34.86 4.15
C LEU E 360 -18.92 -35.87 4.87
N PRO E 361 -17.62 -35.92 4.50
CA PRO E 361 -16.73 -36.89 5.13
C PRO E 361 -16.43 -36.59 6.59
N GLY E 362 -16.28 -35.31 6.92
CA GLY E 362 -15.94 -34.87 8.27
C GLY E 362 -16.98 -35.29 9.28
N ILE E 363 -18.23 -34.94 9.00
CA ILE E 363 -19.33 -35.31 9.88
C ILE E 363 -19.71 -36.78 9.73
N SER E 364 -19.42 -37.39 8.58
CA SER E 364 -19.53 -38.83 8.47
C SER E 364 -18.80 -39.44 9.67
N GLU E 365 -17.53 -39.07 9.80
CA GLU E 365 -16.68 -39.56 10.89
C GLU E 365 -17.08 -38.95 12.23
N THR E 366 -17.17 -37.62 12.28
CA THR E 366 -17.49 -36.92 13.53
C THR E 366 -18.72 -37.51 14.21
N ALA E 367 -19.64 -38.03 13.40
CA ALA E 367 -20.77 -38.79 13.91
C ALA E 367 -20.31 -40.15 14.39
N LYS E 368 -19.62 -40.86 13.49
CA LYS E 368 -19.17 -42.22 13.75
C LYS E 368 -18.29 -42.34 14.98
N ILE E 369 -17.68 -41.24 15.41
CA ILE E 369 -16.88 -41.25 16.63
C ILE E 369 -17.74 -40.98 17.86
N PHE E 370 -18.51 -39.90 17.83
CA PHE E 370 -19.24 -39.42 19.01
C PHE E 370 -20.63 -40.03 19.17
N ALA E 371 -21.34 -40.19 18.05
CA ALA E 371 -22.69 -40.75 18.08
C ALA E 371 -22.70 -42.27 17.85
N GLY E 372 -21.62 -42.79 17.28
CA GLY E 372 -21.56 -44.20 16.89
C GLY E 372 -22.50 -44.46 15.74
N VAL E 373 -22.68 -43.42 14.90
CA VAL E 373 -23.70 -43.43 13.86
C VAL E 373 -23.08 -43.67 12.48
N ASP E 374 -23.31 -44.88 11.95
CA ASP E 374 -23.07 -45.19 10.56
C ASP E 374 -24.11 -44.40 9.75
N VAL E 375 -23.72 -43.23 9.26
CA VAL E 375 -24.70 -42.26 8.72
C VAL E 375 -25.48 -42.72 7.49
N THR E 376 -24.96 -43.71 6.76
CA THR E 376 -25.67 -44.29 5.62
C THR E 376 -26.75 -45.30 6.02
N LYS E 377 -26.66 -45.83 7.23
CA LYS E 377 -27.62 -46.82 7.70
C LYS E 377 -28.34 -46.41 9.01
N GLU E 378 -28.09 -45.18 9.47
CA GLU E 378 -28.71 -44.66 10.69
C GLU E 378 -28.81 -43.11 10.61
N PRO E 379 -29.72 -42.51 11.41
CA PRO E 379 -29.82 -41.06 11.51
C PRO E 379 -29.05 -40.54 12.72
N ILE E 380 -28.63 -39.27 12.66
CA ILE E 380 -27.80 -38.66 13.70
C ILE E 380 -28.66 -37.97 14.76
N PRO E 381 -28.50 -38.36 16.03
CA PRO E 381 -29.28 -37.74 17.09
C PRO E 381 -28.75 -36.34 17.35
N VAL E 382 -29.55 -35.35 16.98
CA VAL E 382 -29.15 -33.94 16.98
C VAL E 382 -30.10 -33.09 17.81
N ILE E 383 -29.62 -31.94 18.27
CA ILE E 383 -30.40 -31.07 19.16
C ILE E 383 -29.90 -29.63 18.99
N PRO E 384 -30.79 -28.62 19.11
CA PRO E 384 -30.23 -27.29 18.93
C PRO E 384 -29.07 -27.07 19.90
N THR E 385 -28.06 -26.35 19.44
CA THR E 385 -26.89 -26.09 20.25
C THR E 385 -26.44 -24.66 20.04
N VAL E 386 -25.94 -24.04 21.11
CA VAL E 386 -25.42 -22.69 21.04
C VAL E 386 -24.26 -22.68 20.07
N HIS E 387 -24.14 -21.64 19.27
CA HIS E 387 -23.25 -21.70 18.10
C HIS E 387 -22.50 -20.41 17.78
N TYR E 388 -23.22 -19.41 17.28
CA TYR E 388 -22.62 -18.15 16.87
C TYR E 388 -23.31 -17.00 17.61
N ASN E 389 -22.51 -16.07 18.10
CA ASN E 389 -23.01 -14.91 18.82
C ASN E 389 -23.00 -13.71 17.91
N MET E 390 -24.16 -13.40 17.31
CA MET E 390 -24.25 -12.25 16.43
C MET E 390 -23.58 -11.08 17.15
N GLY E 391 -24.07 -10.83 18.36
CA GLY E 391 -23.64 -9.70 19.16
C GLY E 391 -22.14 -9.54 19.31
N GLY E 392 -21.75 -8.41 19.86
CA GLY E 392 -20.36 -8.12 20.15
C GLY E 392 -20.08 -6.63 20.20
N ILE E 393 -18.88 -6.26 19.79
CA ILE E 393 -18.42 -4.88 19.87
C ILE E 393 -19.03 -4.09 18.73
N PRO E 394 -19.78 -3.02 19.05
CA PRO E 394 -20.44 -2.25 18.00
C PRO E 394 -19.43 -1.54 17.11
N THR E 395 -19.70 -1.53 15.80
CA THR E 395 -18.82 -0.93 14.81
C THR E 395 -19.61 -0.33 13.68
N ASN E 396 -19.04 0.68 13.03
CA ASN E 396 -19.60 1.20 11.78
C ASN E 396 -19.33 0.23 10.63
N TYR E 397 -19.84 0.55 9.45
CA TYR E 397 -19.55 -0.26 8.27
C TYR E 397 -18.04 -0.36 7.97
N LYS E 398 -17.26 0.58 8.50
CA LYS E 398 -15.81 0.59 8.29
C LYS E 398 -15.06 -0.32 9.26
N ALA E 399 -15.77 -0.91 10.22
CA ALA E 399 -15.18 -1.84 11.21
C ALA E 399 -14.45 -1.11 12.33
N GLN E 400 -14.73 0.17 12.50
CA GLN E 400 -14.18 0.93 13.59
C GLN E 400 -15.17 0.85 14.74
N VAL E 401 -14.65 0.59 15.94
CA VAL E 401 -15.49 0.48 17.13
C VAL E 401 -16.11 1.82 17.49
N ILE E 402 -17.38 1.81 17.87
CA ILE E 402 -18.11 3.05 18.15
C ILE E 402 -18.72 3.10 19.54
N LYS E 403 -19.04 4.31 19.98
CA LYS E 403 -19.82 4.54 21.18
C LYS E 403 -21.10 5.28 20.77
N TYR E 404 -22.13 5.23 21.61
CA TYR E 404 -23.41 5.89 21.29
C TYR E 404 -23.97 6.74 22.43
N THR E 405 -23.77 8.05 22.33
CA THR E 405 -24.55 9.01 23.11
C THR E 405 -25.84 9.23 22.33
N LYS E 406 -26.95 9.38 23.04
CA LYS E 406 -28.22 9.64 22.40
C LYS E 406 -28.23 11.05 21.80
N GLU E 407 -27.44 11.95 22.39
CA GLU E 407 -27.38 13.35 21.94
C GLU E 407 -26.33 13.52 20.86
N GLY E 408 -25.15 12.99 21.10
CA GLY E 408 -24.08 12.99 20.11
C GLY E 408 -24.41 12.07 18.94
N GLY E 409 -24.55 10.78 19.22
CA GLY E 409 -24.75 9.75 18.20
C GLY E 409 -23.51 8.88 18.09
N ASP E 410 -23.21 8.43 16.88
CA ASP E 410 -22.08 7.53 16.64
C ASP E 410 -20.72 8.25 16.59
N LYS E 411 -20.06 8.32 17.75
CA LYS E 411 -18.70 8.86 17.90
C LYS E 411 -17.73 7.68 18.06
N ILE E 412 -16.75 7.55 17.15
CA ILE E 412 -15.86 6.36 17.18
C ILE E 412 -14.82 6.41 18.30
N VAL E 413 -14.14 5.29 18.50
CA VAL E 413 -13.05 5.16 19.48
C VAL E 413 -11.70 5.12 18.74
N PRO E 414 -10.96 6.24 18.75
CA PRO E 414 -9.69 6.35 18.04
C PRO E 414 -8.76 5.13 18.18
N GLY E 415 -8.30 4.63 17.03
CA GLY E 415 -7.32 3.55 16.96
C GLY E 415 -7.89 2.16 17.20
N LEU E 416 -9.21 2.04 17.22
CA LEU E 416 -9.84 0.78 17.55
C LEU E 416 -10.63 0.28 16.35
N TYR E 417 -10.46 -1.01 16.08
CA TYR E 417 -11.18 -1.68 15.01
C TYR E 417 -11.63 -3.04 15.53
N ALA E 418 -12.62 -3.65 14.88
CA ALA E 418 -13.08 -4.97 15.28
C ALA E 418 -13.75 -5.75 14.14
N CYS E 419 -13.56 -7.05 14.13
CA CYS E 419 -14.14 -7.91 13.09
C CYS E 419 -14.20 -9.37 13.53
N GLY E 420 -15.12 -10.13 12.95
CA GLY E 420 -15.28 -11.55 13.29
C GLY E 420 -16.46 -11.86 14.18
N GLU E 421 -16.31 -12.85 15.06
CA GLU E 421 -17.42 -13.28 15.93
C GLU E 421 -17.63 -12.27 17.07
N CYS E 422 -16.54 -11.64 17.51
CA CYS E 422 -16.57 -10.70 18.63
C CYS E 422 -17.04 -9.30 18.22
N ALA E 423 -17.41 -9.12 16.96
CA ALA E 423 -17.86 -7.82 16.46
C ALA E 423 -19.35 -7.83 16.12
N CYS E 424 -19.94 -6.63 16.12
CA CYS E 424 -21.34 -6.45 15.78
C CYS E 424 -21.46 -5.23 14.86
N HIS E 425 -21.46 -5.50 13.56
CA HIS E 425 -21.45 -4.45 12.54
C HIS E 425 -22.75 -3.66 12.29
N SER E 426 -23.94 -4.26 12.40
CA SER E 426 -24.20 -5.68 12.60
C SER E 426 -24.68 -6.28 11.28
N VAL E 427 -23.89 -7.18 10.72
CA VAL E 427 -24.21 -7.77 9.42
C VAL E 427 -25.12 -9.00 9.53
N HIS E 428 -25.59 -9.30 10.74
CA HIS E 428 -26.48 -10.43 11.00
C HIS E 428 -27.79 -10.03 11.68
N GLY E 429 -27.84 -8.84 12.26
CA GLY E 429 -29.03 -8.36 12.92
C GLY E 429 -29.44 -9.24 14.07
N ALA E 430 -30.58 -9.89 13.93
CA ALA E 430 -31.18 -10.69 15.01
C ALA E 430 -30.92 -12.19 14.86
N ASN E 431 -30.83 -12.63 13.61
CA ASN E 431 -30.45 -14.00 13.28
C ASN E 431 -29.36 -14.00 12.21
N ARG E 432 -28.24 -14.64 12.52
CA ARG E 432 -27.16 -14.83 11.57
C ARG E 432 -27.61 -15.76 10.44
N LEU E 433 -27.16 -15.47 9.23
CA LEU E 433 -27.39 -16.37 8.11
C LEU E 433 -26.25 -17.37 8.05
N GLY E 434 -26.55 -18.59 7.60
CA GLY E 434 -25.55 -19.64 7.51
C GLY E 434 -24.47 -19.31 6.50
N ALA E 435 -23.24 -19.72 6.79
CA ALA E 435 -22.09 -19.51 5.90
C ALA E 435 -21.69 -18.04 5.69
N ASN E 436 -22.34 -17.11 6.39
CA ASN E 436 -22.02 -15.68 6.28
C ASN E 436 -20.95 -15.21 7.27
N SER E 437 -20.58 -16.06 8.23
CA SER E 437 -19.63 -15.67 9.25
C SER E 437 -18.19 -15.76 8.76
N LEU E 438 -17.85 -16.83 8.05
CA LEU E 438 -16.54 -16.91 7.37
C LEU E 438 -16.40 -15.78 6.36
N LEU E 439 -17.50 -15.42 5.71
CA LEU E 439 -17.52 -14.29 4.80
C LEU E 439 -17.36 -12.98 5.58
N ASP E 440 -18.19 -12.81 6.61
CA ASP E 440 -18.07 -11.70 7.58
C ASP E 440 -16.63 -11.53 8.04
N ALA E 441 -16.03 -12.63 8.46
CA ALA E 441 -14.66 -12.63 8.97
C ALA E 441 -13.71 -12.09 7.91
N VAL E 442 -13.76 -12.70 6.73
CA VAL E 442 -12.85 -12.34 5.65
C VAL E 442 -13.09 -10.90 5.18
N VAL E 443 -14.29 -10.61 4.69
CA VAL E 443 -14.58 -9.29 4.13
C VAL E 443 -14.22 -8.18 5.10
N PHE E 444 -14.63 -8.32 6.36
CA PHE E 444 -14.42 -7.24 7.31
C PHE E 444 -13.02 -7.21 7.90
N GLY E 445 -12.36 -8.37 7.94
CA GLY E 445 -10.93 -8.41 8.25
C GLY E 445 -10.18 -7.62 7.19
N ARG E 446 -10.47 -7.93 5.92
CA ARG E 446 -9.90 -7.21 4.79
C ARG E 446 -10.31 -5.74 4.84
N ALA E 447 -11.55 -5.48 5.23
CA ALA E 447 -12.02 -4.10 5.39
C ALA E 447 -11.18 -3.33 6.41
N CYS E 448 -10.79 -4.01 7.50
CA CYS E 448 -9.98 -3.37 8.54
C CYS E 448 -8.65 -2.86 7.99
N SER E 449 -8.04 -3.61 7.07
CA SER E 449 -6.76 -3.21 6.47
C SER E 449 -6.97 -2.12 5.41
N ILE E 450 -7.96 -2.32 4.53
CA ILE E 450 -8.27 -1.31 3.51
C ILE E 450 -8.56 0.03 4.18
N ASN E 451 -9.42 0.02 5.19
CA ASN E 451 -9.84 1.24 5.89
C ASN E 451 -8.70 1.89 6.70
N ILE E 452 -7.81 1.09 7.26
CA ILE E 452 -6.63 1.60 7.96
C ILE E 452 -5.64 2.26 7.00
N LYS E 453 -5.25 1.53 5.95
CA LYS E 453 -4.46 2.09 4.84
C LYS E 453 -4.94 3.51 4.52
N GLU E 454 -6.21 3.61 4.12
CA GLU E 454 -6.77 4.85 3.59
C GLU E 454 -7.12 5.88 4.66
N GLU E 455 -6.83 5.61 5.94
CA GLU E 455 -7.03 6.60 6.99
C GLU E 455 -5.84 6.79 7.94
N LEU E 456 -4.91 5.85 7.98
CA LEU E 456 -3.66 6.02 8.72
C LEU E 456 -2.67 6.67 7.77
N LYS E 457 -1.78 7.52 8.29
CA LYS E 457 -0.65 8.05 7.50
C LYS E 457 0.67 7.84 8.23
N PRO E 458 1.75 7.56 7.47
CA PRO E 458 3.07 7.28 8.08
C PRO E 458 3.61 8.42 8.97
N ASP E 459 3.26 9.67 8.65
CA ASP E 459 3.53 10.84 9.50
C ASP E 459 3.17 10.58 10.96
N GLU E 460 1.96 10.06 11.18
CA GLU E 460 1.47 9.75 12.51
C GLU E 460 2.51 8.95 13.26
N LYS E 461 2.96 9.48 14.39
CA LYS E 461 3.99 8.84 15.19
C LYS E 461 3.37 7.77 16.08
N ILE E 462 4.16 6.73 16.36
CA ILE E 462 3.71 5.61 17.18
C ILE E 462 3.47 6.12 18.60
N PRO E 463 2.25 5.90 19.14
CA PRO E 463 1.90 6.52 20.42
C PRO E 463 2.72 6.02 21.61
N GLU E 464 2.91 6.91 22.59
CA GLU E 464 3.57 6.56 23.82
C GLU E 464 2.51 6.05 24.79
N LEU E 465 2.94 5.28 25.79
CA LEU E 465 2.03 4.83 26.83
C LEU E 465 2.05 5.83 27.97
N PRO E 466 0.86 6.25 28.43
CA PRO E 466 0.79 7.05 29.66
C PRO E 466 1.20 6.19 30.86
N GLU E 467 2.14 6.68 31.68
CA GLU E 467 2.86 5.83 32.65
C GLU E 467 1.91 5.04 33.57
N GLY E 468 2.27 3.79 33.83
CA GLY E 468 1.46 2.89 34.65
C GLY E 468 0.28 2.27 33.93
N ALA E 469 0.42 2.09 32.61
CA ALA E 469 -0.68 1.57 31.78
C ALA E 469 -0.86 0.08 32.00
N GLY E 470 -2.11 -0.29 32.31
CA GLY E 470 -2.43 -1.66 32.70
C GLY E 470 -1.71 -2.11 33.96
N GLU E 471 -1.25 -1.17 34.78
CA GLU E 471 -0.74 -1.49 36.10
C GLU E 471 -1.88 -2.13 36.91
N GLU E 472 -3.10 -1.69 36.60
CA GLU E 472 -4.30 -2.32 37.12
C GLU E 472 -4.44 -3.71 36.48
N SER E 473 -4.31 -3.76 35.15
CA SER E 473 -4.41 -5.02 34.41
C SER E 473 -3.50 -6.10 34.99
N ILE E 474 -2.30 -5.70 35.41
CA ILE E 474 -1.34 -6.60 36.07
C ILE E 474 -1.75 -6.89 37.51
N ALA E 475 -2.33 -5.91 38.19
CA ALA E 475 -2.88 -6.12 39.52
C ALA E 475 -3.93 -7.24 39.49
N ASN E 476 -4.92 -7.08 38.61
CA ASN E 476 -6.00 -8.04 38.47
C ASN E 476 -5.50 -9.45 38.17
N LEU E 477 -4.55 -9.55 37.25
CA LEU E 477 -3.85 -10.81 37.00
C LEU E 477 -3.37 -11.40 38.32
N ASP E 478 -2.63 -10.58 39.07
CA ASP E 478 -2.07 -11.00 40.36
C ASP E 478 -3.19 -11.43 41.30
N ALA E 479 -4.30 -10.69 41.29
CA ALA E 479 -5.48 -11.02 42.08
C ALA E 479 -5.90 -12.46 41.83
N VAL E 480 -6.03 -12.79 40.54
CA VAL E 480 -6.57 -14.08 40.14
C VAL E 480 -5.52 -15.18 40.28
N ARG E 481 -4.27 -14.85 39.97
CA ARG E 481 -3.18 -15.80 40.07
C ARG E 481 -3.22 -16.49 41.43
N TYR E 482 -3.11 -15.69 42.49
CA TYR E 482 -3.06 -16.19 43.85
C TYR E 482 -4.46 -16.39 44.47
N ALA E 483 -5.50 -16.01 43.74
CA ALA E 483 -6.90 -16.12 44.22
C ALA E 483 -7.13 -17.31 45.15
N ASN E 484 -7.46 -17.00 46.40
CA ASN E 484 -7.56 -18.00 47.45
C ASN E 484 -8.82 -17.79 48.31
N GLY E 485 -9.89 -18.49 47.95
CA GLY E 485 -11.14 -18.42 48.69
C GLY E 485 -11.76 -19.80 48.87
N ASP E 486 -12.98 -19.95 48.37
CA ASP E 486 -13.81 -21.14 48.61
C ASP E 486 -14.70 -21.57 47.43
N VAL E 487 -14.43 -21.03 46.24
CA VAL E 487 -15.21 -21.31 45.02
C VAL E 487 -14.27 -21.52 43.84
N PRO E 488 -13.85 -22.78 43.59
CA PRO E 488 -13.02 -23.05 42.42
C PRO E 488 -13.69 -22.56 41.13
N THR E 489 -12.88 -22.04 40.21
CA THR E 489 -13.40 -21.45 38.99
C THR E 489 -14.20 -22.53 38.26
N ALA E 490 -13.67 -23.76 38.27
CA ALA E 490 -14.33 -24.90 37.66
C ALA E 490 -15.81 -24.90 38.00
N GLU E 491 -16.12 -24.81 39.28
CA GLU E 491 -17.50 -24.86 39.76
C GLU E 491 -18.30 -23.64 39.31
N LEU E 492 -17.71 -22.45 39.47
CA LEU E 492 -18.40 -21.19 39.16
C LEU E 492 -18.72 -21.09 37.68
N ARG E 493 -17.81 -21.57 36.85
CA ARG E 493 -18.04 -21.64 35.42
C ARG E 493 -19.27 -22.49 35.12
N LEU E 494 -19.24 -23.73 35.61
CA LEU E 494 -20.34 -24.69 35.40
C LEU E 494 -21.68 -24.05 35.69
N THR E 495 -21.84 -23.55 36.91
CA THR E 495 -23.11 -22.99 37.36
C THR E 495 -23.47 -21.69 36.62
N MET E 496 -22.46 -20.97 36.12
CA MET E 496 -22.74 -19.85 35.23
C MET E 496 -23.38 -20.39 33.95
N GLN E 497 -22.75 -21.43 33.38
CA GLN E 497 -23.21 -22.04 32.13
C GLN E 497 -24.63 -22.62 32.21
N LYS E 498 -25.04 -23.03 33.40
CA LYS E 498 -26.36 -23.63 33.63
C LYS E 498 -27.38 -22.57 33.96
N THR E 499 -27.04 -21.68 34.90
CA THR E 499 -27.84 -20.49 35.14
C THR E 499 -28.15 -19.79 33.82
N MET E 500 -27.31 -20.03 32.82
CA MET E 500 -27.45 -19.46 31.48
C MET E 500 -28.23 -20.37 30.52
N GLN E 501 -27.85 -21.64 30.46
CA GLN E 501 -28.52 -22.63 29.61
C GLN E 501 -29.99 -22.71 29.95
N LYS E 502 -30.27 -22.69 31.25
CA LYS E 502 -31.63 -22.67 31.79
C LYS E 502 -32.43 -21.46 31.28
N HIS E 503 -32.04 -20.26 31.72
CA HIS E 503 -32.89 -19.05 31.56
C HIS E 503 -32.83 -18.41 30.18
N ALA E 504 -31.70 -18.53 29.48
CA ALA E 504 -31.53 -17.91 28.18
C ALA E 504 -31.59 -18.92 27.04
N GLY E 505 -32.54 -19.86 27.10
CA GLY E 505 -32.72 -20.86 26.06
C GLY E 505 -33.30 -20.30 24.77
N VAL E 506 -33.97 -21.15 23.99
CA VAL E 506 -34.49 -20.75 22.67
C VAL E 506 -35.75 -19.92 22.81
N PHE E 507 -36.66 -20.40 23.66
CA PHE E 507 -37.83 -19.66 24.09
C PHE E 507 -37.56 -19.18 25.51
N ARG E 508 -37.82 -17.91 25.78
CA ARG E 508 -37.54 -17.30 27.08
C ARG E 508 -38.77 -16.51 27.54
N ARG E 509 -38.87 -16.24 28.84
CA ARG E 509 -39.96 -15.40 29.36
C ARG E 509 -39.46 -14.50 30.49
N GLY E 510 -40.12 -13.36 30.67
CA GLY E 510 -39.78 -12.40 31.71
C GLY E 510 -39.59 -13.01 33.09
N ASP E 511 -40.50 -13.90 33.49
CA ASP E 511 -40.44 -14.51 34.83
C ASP E 511 -39.26 -15.47 35.02
N ILE E 512 -38.88 -16.19 33.95
CA ILE E 512 -37.67 -17.00 33.98
C ILE E 512 -36.48 -16.03 34.00
N LEU E 513 -36.45 -15.15 33.00
CA LEU E 513 -35.33 -14.21 32.78
C LEU E 513 -35.09 -13.32 33.99
N ALA E 514 -36.16 -12.82 34.59
CA ALA E 514 -36.07 -12.07 35.84
C ALA E 514 -35.29 -12.90 36.86
N GLU E 515 -35.74 -14.13 37.11
CA GLU E 515 -35.07 -15.01 38.06
C GLU E 515 -33.63 -15.32 37.63
N GLY E 516 -33.42 -15.46 36.33
CA GLY E 516 -32.10 -15.75 35.77
C GLY E 516 -31.10 -14.61 35.96
N VAL E 517 -31.58 -13.39 35.78
CA VAL E 517 -30.79 -12.19 36.06
C VAL E 517 -30.36 -12.15 37.52
N LYS E 518 -31.30 -12.43 38.42
CA LYS E 518 -30.98 -12.53 39.84
C LYS E 518 -29.83 -13.52 40.01
N LYS E 519 -30.01 -14.73 39.51
CA LYS E 519 -29.03 -15.79 39.69
C LYS E 519 -27.70 -15.48 39.02
N MET E 520 -27.72 -14.82 37.87
CA MET E 520 -26.49 -14.44 37.19
C MET E 520 -25.74 -13.34 37.95
N MET E 521 -26.46 -12.30 38.34
CA MET E 521 -25.87 -11.18 39.07
C MET E 521 -25.34 -11.65 40.41
N ASP E 522 -26.03 -12.59 41.04
CA ASP E 522 -25.56 -13.21 42.28
C ASP E 522 -24.23 -13.92 42.06
N LEU E 523 -24.17 -14.77 41.03
CA LEU E 523 -22.92 -15.49 40.73
C LEU E 523 -21.74 -14.53 40.56
N PHE E 524 -22.01 -13.35 40.00
CA PHE E 524 -20.99 -12.31 39.84
C PHE E 524 -20.35 -11.98 41.18
N LYS E 525 -21.19 -11.86 42.21
CA LYS E 525 -20.71 -11.49 43.55
C LYS E 525 -19.81 -12.58 44.15
N GLU E 526 -19.78 -13.76 43.52
CA GLU E 526 -18.93 -14.85 43.98
C GLU E 526 -17.53 -14.82 43.39
N LEU E 527 -17.24 -13.86 42.50
CA LEU E 527 -15.87 -13.70 41.94
C LEU E 527 -14.85 -13.29 43.01
N LYS E 528 -15.33 -12.76 44.13
CA LYS E 528 -14.46 -12.34 45.21
C LYS E 528 -14.06 -13.55 46.04
N ARG E 529 -14.91 -14.57 46.01
CA ARG E 529 -14.70 -15.80 46.75
C ARG E 529 -13.96 -16.83 45.91
N LEU E 530 -13.17 -16.38 44.93
CA LEU E 530 -12.58 -17.26 43.92
C LEU E 530 -11.45 -18.11 44.49
N LYS E 531 -11.15 -19.23 43.83
CA LYS E 531 -10.09 -20.14 44.24
C LYS E 531 -9.37 -20.78 43.05
N THR E 532 -8.09 -20.44 42.88
CA THR E 532 -7.24 -21.15 41.94
C THR E 532 -6.38 -22.12 42.75
N THR E 533 -5.30 -22.61 42.16
CA THR E 533 -4.38 -23.49 42.85
C THR E 533 -3.01 -23.43 42.18
N ASP E 534 -3.00 -23.64 40.86
CA ASP E 534 -1.84 -23.36 40.02
C ASP E 534 -1.49 -21.89 40.26
N ARG E 535 -0.24 -21.67 40.67
CA ARG E 535 0.21 -20.37 41.12
C ARG E 535 1.50 -19.93 40.42
N SER E 536 1.85 -20.62 39.32
CA SER E 536 3.08 -20.36 38.54
C SER E 536 2.80 -19.44 37.35
N LEU E 537 3.82 -18.71 36.90
CA LEU E 537 3.67 -17.78 35.76
C LEU E 537 3.69 -18.52 34.43
N ILE E 538 4.57 -19.53 34.35
CA ILE E 538 4.76 -20.32 33.13
C ILE E 538 3.57 -21.24 32.89
N TRP E 539 2.88 -21.03 31.78
CA TRP E 539 1.77 -21.88 31.38
C TRP E 539 0.84 -22.16 32.54
N ASN E 540 0.10 -21.13 32.91
CA ASN E 540 -0.92 -21.28 33.94
C ASN E 540 -2.31 -21.37 33.31
N SER E 541 -2.66 -22.60 32.92
CA SER E 541 -3.95 -22.89 32.30
C SER E 541 -5.09 -22.65 33.30
N ASP E 542 -4.77 -22.81 34.58
CA ASP E 542 -5.69 -22.42 35.65
C ASP E 542 -6.00 -20.92 35.52
N LEU E 543 -4.95 -20.11 35.63
CA LEU E 543 -5.05 -18.66 35.63
C LEU E 543 -5.72 -18.11 34.38
N THR E 544 -5.34 -18.65 33.22
CA THR E 544 -5.91 -18.19 31.96
C THR E 544 -7.40 -18.57 31.88
N GLU E 545 -7.72 -19.81 32.27
CA GLU E 545 -9.13 -20.26 32.37
C GLU E 545 -9.92 -19.43 33.39
N SER E 546 -9.22 -18.94 34.41
CA SER E 546 -9.81 -18.04 35.40
C SER E 546 -10.11 -16.68 34.76
N LEU E 547 -9.09 -16.09 34.16
CA LEU E 547 -9.27 -14.81 33.47
C LEU E 547 -10.38 -14.92 32.40
N GLU E 548 -10.41 -16.04 31.69
CA GLU E 548 -11.47 -16.35 30.74
C GLU E 548 -12.86 -16.27 31.42
N LEU E 549 -12.99 -16.90 32.59
CA LEU E 549 -14.25 -16.89 33.34
C LEU E 549 -14.72 -15.48 33.70
N GLN E 550 -13.78 -14.64 34.16
CA GLN E 550 -14.07 -13.24 34.42
C GLN E 550 -14.73 -12.61 33.20
N ASN E 551 -14.08 -12.80 32.03
CA ASN E 551 -14.61 -12.31 30.76
C ASN E 551 -16.00 -12.86 30.54
N LEU E 552 -16.13 -14.17 30.71
CA LEU E 552 -17.40 -14.87 30.52
C LEU E 552 -18.55 -14.32 31.38
N MET E 553 -18.24 -13.88 32.60
CA MET E 553 -19.26 -13.30 33.48
C MET E 553 -19.72 -11.95 32.93
N LEU E 554 -18.81 -11.17 32.38
CA LEU E 554 -19.16 -9.87 31.81
C LEU E 554 -20.05 -10.05 30.59
N ASN E 555 -19.71 -11.02 29.75
CA ASN E 555 -20.52 -11.36 28.57
C ASN E 555 -21.90 -11.84 28.96
N ALA E 556 -21.94 -12.85 29.82
CA ALA E 556 -23.17 -13.48 30.24
C ALA E 556 -24.11 -12.48 30.92
N THR E 557 -23.66 -11.85 32.00
CA THR E 557 -24.48 -10.87 32.71
C THR E 557 -25.14 -9.90 31.74
N GLN E 558 -24.32 -9.27 30.91
CA GLN E 558 -24.79 -8.32 29.90
C GLN E 558 -25.70 -8.98 28.84
N THR E 559 -25.44 -10.25 28.56
CA THR E 559 -26.24 -10.99 27.57
C THR E 559 -27.69 -11.16 28.03
N ILE E 560 -27.87 -11.62 29.26
CA ILE E 560 -29.20 -12.02 29.73
C ILE E 560 -30.08 -10.85 30.12
N VAL E 561 -29.50 -9.83 30.77
CA VAL E 561 -30.25 -8.62 31.15
C VAL E 561 -30.81 -7.88 29.94
N ALA E 562 -30.11 -8.01 28.82
CA ALA E 562 -30.55 -7.50 27.53
C ALA E 562 -31.70 -8.33 26.96
N ALA E 563 -31.71 -9.62 27.33
CA ALA E 563 -32.81 -10.51 26.97
C ALA E 563 -34.04 -10.22 27.83
N GLU E 564 -33.82 -10.05 29.14
CA GLU E 564 -34.90 -9.78 30.09
C GLU E 564 -35.67 -8.52 29.70
N ASN E 565 -34.92 -7.49 29.30
CA ASN E 565 -35.50 -6.22 28.93
C ASN E 565 -36.19 -6.22 27.56
N ARG E 566 -35.67 -7.01 26.62
CA ARG E 566 -36.21 -7.05 25.25
C ARG E 566 -37.54 -7.80 25.22
N LYS E 567 -38.58 -7.10 24.77
CA LYS E 567 -39.94 -7.61 24.84
C LYS E 567 -40.49 -7.78 23.43
N GLU E 568 -39.95 -8.77 22.71
CA GLU E 568 -40.45 -9.10 21.38
C GLU E 568 -39.85 -10.41 20.87
N SER E 569 -40.55 -11.07 19.96
CA SER E 569 -40.00 -12.20 19.19
C SER E 569 -39.40 -11.70 17.86
N ARG E 570 -38.07 -11.57 17.83
CA ARG E 570 -37.33 -11.19 16.64
C ARG E 570 -36.08 -12.05 16.57
N GLY E 571 -35.93 -12.80 15.48
CA GLY E 571 -34.77 -13.66 15.30
C GLY E 571 -34.64 -14.73 16.37
N ALA E 572 -33.40 -14.90 16.85
CA ALA E 572 -33.06 -15.98 17.79
C ALA E 572 -33.56 -15.74 19.21
N HIS E 573 -33.93 -14.48 19.47
CA HIS E 573 -34.51 -14.08 20.75
C HIS E 573 -36.03 -14.10 20.64
N ALA E 574 -36.64 -15.19 21.14
CA ALA E 574 -38.09 -15.38 21.08
C ALA E 574 -38.68 -15.30 22.47
N ARG E 575 -39.70 -14.45 22.64
CA ARG E 575 -40.36 -14.25 23.92
C ARG E 575 -41.75 -14.86 23.89
N ASP E 576 -42.03 -15.73 24.86
CA ASP E 576 -43.36 -16.30 25.03
C ASP E 576 -44.35 -15.20 25.41
N ASP E 577 -43.88 -14.27 26.24
CA ASP E 577 -44.70 -13.14 26.70
C ASP E 577 -44.69 -11.95 25.73
N PHE E 578 -43.99 -12.08 24.62
CA PHE E 578 -44.03 -11.09 23.53
C PHE E 578 -43.74 -11.78 22.21
N PRO E 579 -44.71 -12.58 21.72
CA PRO E 579 -44.47 -13.47 20.59
C PRO E 579 -44.68 -12.85 19.21
N LYS E 580 -44.66 -11.52 19.12
CA LYS E 580 -44.73 -10.83 17.84
C LYS E 580 -43.68 -9.74 17.73
N ARG E 581 -43.36 -9.39 16.49
CA ARG E 581 -42.30 -8.44 16.20
C ARG E 581 -42.76 -6.98 16.45
N GLU E 582 -42.05 -6.28 17.35
CA GLU E 582 -42.38 -4.91 17.71
C GLU E 582 -41.58 -3.92 16.87
N ASP E 583 -42.06 -3.65 15.65
CA ASP E 583 -41.46 -2.68 14.74
C ASP E 583 -42.10 -1.32 14.98
N GLU E 584 -41.71 -0.32 14.19
CA GLU E 584 -42.36 1.00 14.26
C GLU E 584 -43.84 0.84 13.89
N TYR E 585 -44.09 0.16 12.78
CA TYR E 585 -45.44 -0.18 12.35
C TYR E 585 -45.76 -1.64 12.70
N ASP E 586 -46.99 -2.03 12.39
CA ASP E 586 -47.31 -3.42 12.12
C ASP E 586 -47.07 -3.56 10.64
N TYR E 587 -46.49 -4.67 10.22
CA TYR E 587 -46.13 -4.82 8.80
C TYR E 587 -46.99 -5.81 8.01
N SER E 588 -47.82 -6.61 8.70
CA SER E 588 -48.81 -7.45 8.02
C SER E 588 -49.94 -6.57 7.45
N LYS E 589 -50.15 -5.41 8.07
CA LYS E 589 -51.03 -4.37 7.55
C LYS E 589 -50.32 -3.60 6.43
N PRO E 590 -51.09 -2.91 5.56
CA PRO E 590 -50.45 -2.08 4.54
C PRO E 590 -49.70 -0.92 5.18
N ILE E 591 -48.60 -0.51 4.56
CA ILE E 591 -47.64 0.40 5.19
C ILE E 591 -48.23 1.81 5.39
N GLU E 592 -48.93 2.34 4.38
CA GLU E 592 -49.57 3.66 4.49
C GLU E 592 -50.90 3.57 5.23
N GLY E 593 -51.27 4.64 5.92
CA GLY E 593 -52.49 4.69 6.72
C GLY E 593 -52.27 4.41 8.20
N GLN E 594 -51.06 3.97 8.55
CA GLN E 594 -50.69 3.73 9.95
C GLN E 594 -49.95 4.95 10.47
N THR E 595 -49.57 4.92 11.75
CA THR E 595 -48.80 5.99 12.35
C THR E 595 -47.58 5.42 13.06
N LYS E 596 -46.41 5.96 12.72
CA LYS E 596 -45.11 5.39 13.10
C LYS E 596 -44.78 5.73 14.56
N ARG E 597 -44.55 4.68 15.36
CA ARG E 597 -44.29 4.85 16.78
C ARG E 597 -42.92 5.48 17.05
N PRO E 598 -42.79 6.20 18.17
CA PRO E 598 -41.49 6.76 18.55
C PRO E 598 -40.51 5.67 18.98
N PHE E 599 -39.22 6.01 18.95
CA PHE E 599 -38.12 5.05 19.20
C PHE E 599 -38.33 4.17 20.43
N GLU E 600 -38.97 4.73 21.46
CA GLU E 600 -39.06 4.11 22.78
C GLU E 600 -40.15 3.02 22.86
N LYS E 601 -41.07 3.00 21.89
CA LYS E 601 -42.17 2.04 21.88
C LYS E 601 -41.79 0.75 21.16
N HIS E 602 -41.19 0.89 19.98
CA HIS E 602 -40.79 -0.27 19.18
C HIS E 602 -39.41 -0.77 19.55
N TRP E 603 -39.12 -1.99 19.14
CA TRP E 603 -37.87 -2.66 19.50
C TRP E 603 -36.93 -2.94 18.32
N ARG E 604 -37.15 -2.27 17.18
CA ARG E 604 -36.25 -2.34 16.02
C ARG E 604 -35.00 -1.49 16.21
N LYS E 605 -34.20 -1.86 17.20
CA LYS E 605 -33.08 -1.07 17.67
C LYS E 605 -32.10 -1.98 18.40
N HIS E 606 -30.83 -1.62 18.41
CA HIS E 606 -29.79 -2.48 18.99
C HIS E 606 -29.75 -2.33 20.52
N THR E 607 -29.47 -3.43 21.23
CA THR E 607 -29.43 -3.43 22.69
C THR E 607 -28.01 -3.20 23.23
N LEU E 608 -27.70 -1.96 23.56
CA LEU E 608 -26.36 -1.61 24.04
C LEU E 608 -26.24 -1.80 25.54
N THR E 609 -25.22 -2.54 25.95
CA THR E 609 -25.03 -2.90 27.35
C THR E 609 -23.66 -2.44 27.83
N LYS E 610 -23.70 -1.48 28.75
CA LYS E 610 -22.52 -0.86 29.31
C LYS E 610 -22.41 -1.36 30.75
N GLN E 611 -21.36 -2.12 31.06
CA GLN E 611 -21.18 -2.68 32.39
C GLN E 611 -19.95 -2.15 33.08
N ASP E 612 -20.13 -1.70 34.32
CA ASP E 612 -19.04 -1.37 35.21
C ASP E 612 -18.43 -2.71 35.63
N PRO E 613 -17.23 -3.04 35.13
CA PRO E 613 -16.65 -4.37 35.30
C PRO E 613 -16.26 -4.74 36.74
N ARG E 614 -15.99 -3.74 37.57
CA ARG E 614 -15.64 -3.97 38.97
C ARG E 614 -16.89 -4.19 39.81
N THR E 615 -17.89 -3.33 39.61
CA THR E 615 -19.16 -3.44 40.35
C THR E 615 -20.00 -4.59 39.79
N GLY E 616 -20.30 -4.51 38.49
CA GLY E 616 -21.16 -5.49 37.82
C GLY E 616 -22.45 -4.88 37.32
N HIS E 617 -22.88 -3.79 37.95
CA HIS E 617 -24.11 -3.08 37.57
C HIS E 617 -24.14 -2.83 36.06
N ILE E 618 -25.33 -2.93 35.46
CA ILE E 618 -25.53 -2.78 34.01
C ILE E 618 -26.60 -1.73 33.67
N THR E 619 -26.34 -0.92 32.65
CA THR E 619 -27.31 0.08 32.14
C THR E 619 -27.59 -0.26 30.68
N LEU E 620 -28.78 0.09 30.19
CA LEU E 620 -29.16 -0.22 28.81
C LEU E 620 -29.59 1.04 28.04
N ASP E 621 -28.87 1.38 26.96
CA ASP E 621 -29.35 2.38 26.01
C ASP E 621 -29.44 1.73 24.64
N TYR E 622 -30.09 2.40 23.68
CA TYR E 622 -30.48 1.75 22.43
C TYR E 622 -30.16 2.60 21.19
N ARG E 623 -29.74 1.93 20.12
CA ARG E 623 -29.21 2.59 18.93
C ARG E 623 -29.99 2.14 17.69
N PRO E 624 -30.26 3.08 16.77
CA PRO E 624 -31.17 2.77 15.66
C PRO E 624 -30.54 1.91 14.59
N VAL E 625 -31.35 1.00 14.05
CA VAL E 625 -30.96 0.15 12.94
C VAL E 625 -30.74 1.08 11.76
N ILE E 626 -29.65 0.87 11.04
CA ILE E 626 -29.36 1.69 9.87
C ILE E 626 -29.98 1.00 8.66
N ASP E 627 -31.06 1.59 8.14
CA ASP E 627 -31.80 1.04 7.00
C ASP E 627 -31.16 1.34 5.65
N LYS E 628 -30.38 2.41 5.58
CA LYS E 628 -29.83 2.87 4.31
C LYS E 628 -28.73 1.94 3.79
N THR E 629 -28.77 1.67 2.49
CA THR E 629 -27.68 1.01 1.79
C THR E 629 -26.55 2.03 1.54
N LEU E 630 -25.30 1.57 1.51
CA LEU E 630 -24.15 2.46 1.25
C LEU E 630 -24.33 3.35 0.02
N ASP E 631 -24.84 2.78 -1.06
CA ASP E 631 -25.05 3.52 -2.30
C ASP E 631 -26.43 3.23 -2.87
N PRO E 632 -27.39 4.16 -2.66
CA PRO E 632 -28.77 3.97 -3.16
C PRO E 632 -28.89 3.62 -4.64
N ALA E 633 -27.93 4.05 -5.47
CA ALA E 633 -27.99 3.78 -6.92
C ALA E 633 -27.76 2.32 -7.26
N GLU E 634 -26.78 1.69 -6.60
CA GLU E 634 -26.42 0.30 -6.88
C GLU E 634 -27.45 -0.71 -6.36
N VAL E 635 -28.05 -0.41 -5.21
CA VAL E 635 -29.11 -1.25 -4.64
C VAL E 635 -30.07 -0.46 -3.75
N ASP E 636 -31.34 -0.87 -3.74
CA ASP E 636 -32.40 -0.26 -2.94
C ASP E 636 -32.40 -0.89 -1.56
N TRP E 637 -32.60 -0.09 -0.52
CA TRP E 637 -32.77 -0.66 0.80
C TRP E 637 -34.12 -1.36 0.87
N ILE E 638 -34.17 -2.49 1.58
CA ILE E 638 -35.35 -3.35 1.62
C ILE E 638 -36.21 -3.02 2.85
N PRO E 639 -37.52 -2.79 2.63
CA PRO E 639 -38.42 -2.46 3.73
C PRO E 639 -38.77 -3.70 4.56
N PRO E 640 -39.04 -3.53 5.87
CA PRO E 640 -39.43 -4.66 6.71
C PRO E 640 -40.73 -5.34 6.22
N ILE E 641 -40.70 -6.67 6.07
CA ILE E 641 -41.91 -7.46 5.80
C ILE E 641 -42.01 -8.59 6.83
N ILE E 642 -43.17 -9.20 6.93
CA ILE E 642 -43.35 -10.25 7.91
C ILE E 642 -42.59 -11.49 7.46
N ARG E 643 -41.81 -12.04 8.40
CA ARG E 643 -40.75 -13.02 8.12
C ARG E 643 -41.23 -14.48 8.14
N SER E 644 -41.54 -15.01 6.96
CA SER E 644 -41.94 -16.40 6.81
C SER E 644 -40.93 -17.15 5.98
N TYR E 645 -40.95 -18.48 6.10
CA TYR E 645 -40.12 -19.35 5.26
C TYR E 645 -40.91 -20.60 4.89
N LYS F 33 -18.69 -48.01 41.24
CA LYS F 33 -17.25 -47.59 41.33
C LYS F 33 -16.39 -48.26 40.24
N ARG F 34 -16.28 -47.60 39.09
CA ARG F 34 -15.43 -48.06 38.00
C ARG F 34 -14.25 -47.10 37.85
N ILE F 35 -13.34 -47.17 38.82
CA ILE F 35 -12.24 -46.22 38.91
C ILE F 35 -11.10 -46.60 37.95
N LYS F 36 -10.94 -45.80 36.90
CA LYS F 36 -9.77 -45.86 36.04
C LYS F 36 -8.65 -45.05 36.68
N THR F 37 -7.42 -45.54 36.53
CA THR F 37 -6.24 -44.90 37.10
C THR F 37 -5.27 -44.48 35.99
N PHE F 38 -4.87 -43.21 35.97
CA PHE F 38 -4.07 -42.64 34.89
C PHE F 38 -2.66 -42.28 35.35
N GLU F 39 -1.64 -42.92 34.78
CA GLU F 39 -0.26 -42.50 35.03
C GLU F 39 0.05 -41.42 34.01
N ILE F 40 0.20 -40.18 34.50
CA ILE F 40 0.38 -39.00 33.65
C ILE F 40 1.75 -38.33 33.86
N TYR F 41 2.51 -38.19 32.78
CA TYR F 41 3.79 -37.47 32.82
C TYR F 41 3.56 -36.07 33.39
N ARG F 42 4.24 -35.76 34.48
CA ARG F 42 4.18 -34.43 35.07
C ARG F 42 5.54 -33.78 35.01
N PHE F 43 5.55 -32.46 35.11
CA PHE F 43 6.80 -31.69 35.13
C PHE F 43 6.49 -30.24 35.47
N ASN F 44 7.43 -29.60 36.15
CA ASN F 44 7.30 -28.19 36.46
C ASN F 44 8.67 -27.50 36.36
N PRO F 45 8.80 -26.51 35.45
CA PRO F 45 10.06 -25.79 35.36
C PRO F 45 10.17 -24.78 36.49
N GLU F 46 9.04 -24.41 37.08
CA GLU F 46 8.97 -23.45 38.20
C GLU F 46 9.75 -23.94 39.42
N GLU F 47 9.40 -25.14 39.89
CA GLU F 47 10.05 -25.75 41.05
C GLU F 47 11.54 -25.93 40.77
N PRO F 48 12.41 -25.49 41.71
CA PRO F 48 13.86 -25.45 41.43
C PRO F 48 14.52 -26.83 41.36
N GLY F 49 15.45 -26.99 40.41
CA GLY F 49 16.13 -28.25 40.14
C GLY F 49 15.20 -29.45 39.95
N ALA F 50 13.99 -29.20 39.46
CA ALA F 50 12.95 -30.24 39.36
C ALA F 50 13.23 -31.18 38.20
N LYS F 51 12.46 -32.26 38.12
CA LYS F 51 12.60 -33.26 37.06
C LYS F 51 11.27 -33.92 36.68
N PRO F 52 11.23 -34.61 35.52
CA PRO F 52 10.11 -35.44 35.09
C PRO F 52 9.61 -36.40 36.16
N LYS F 53 8.29 -36.57 36.23
CA LYS F 53 7.63 -37.38 37.28
C LYS F 53 6.70 -38.39 36.62
N LEU F 54 5.72 -38.89 37.37
CA LEU F 54 4.64 -39.73 36.83
C LEU F 54 3.51 -39.88 37.86
N GLN F 55 2.70 -38.82 37.99
CA GLN F 55 1.61 -38.77 38.97
C GLN F 55 0.47 -39.69 38.54
N LYS F 56 0.06 -40.60 39.40
CA LYS F 56 -1.10 -41.45 39.13
C LYS F 56 -2.35 -40.62 39.43
N PHE F 57 -3.45 -40.93 38.74
CA PHE F 57 -4.69 -40.19 38.89
C PHE F 57 -5.88 -41.12 38.75
N ASP F 58 -6.79 -41.07 39.73
CA ASP F 58 -7.95 -41.96 39.75
C ASP F 58 -9.21 -41.20 39.33
N VAL F 59 -9.95 -41.77 38.38
CA VAL F 59 -11.14 -41.12 37.84
C VAL F 59 -12.29 -42.10 37.75
N ASP F 60 -13.42 -41.73 38.33
CA ASP F 60 -14.63 -42.52 38.22
C ASP F 60 -15.20 -42.32 36.82
N LEU F 61 -15.24 -43.39 36.03
CA LEU F 61 -15.70 -43.31 34.65
C LEU F 61 -17.20 -43.08 34.50
N ASP F 62 -17.95 -43.27 35.59
CA ASP F 62 -19.40 -43.01 35.60
C ASP F 62 -19.75 -41.55 35.86
N LYS F 63 -18.75 -40.74 36.21
CA LYS F 63 -18.92 -39.27 36.34
C LYS F 63 -18.18 -38.53 35.23
N CYS F 64 -17.81 -39.26 34.17
CA CYS F 64 -16.88 -38.75 33.16
C CYS F 64 -17.37 -39.03 31.75
N GLY F 65 -16.84 -38.25 30.80
CA GLY F 65 -17.13 -38.43 29.39
C GLY F 65 -16.43 -39.67 28.90
N THR F 66 -16.46 -39.88 27.59
CA THR F 66 -15.92 -41.10 26.99
C THR F 66 -14.46 -40.97 26.52
N MET F 67 -13.99 -39.75 26.30
CA MET F 67 -12.67 -39.53 25.70
C MET F 67 -11.60 -39.18 26.72
N VAL F 68 -10.36 -39.47 26.37
CA VAL F 68 -9.23 -39.22 27.27
C VAL F 68 -9.26 -37.79 27.75
N LEU F 69 -9.41 -36.85 26.82
CA LEU F 69 -9.41 -35.43 27.17
C LEU F 69 -10.38 -35.16 28.30
N ASP F 70 -11.60 -35.65 28.13
CA ASP F 70 -12.67 -35.46 29.12
C ASP F 70 -12.19 -35.75 30.56
N ALA F 71 -11.32 -36.75 30.68
CA ALA F 71 -10.64 -37.04 31.93
C ALA F 71 -9.66 -35.93 32.30
N LEU F 72 -8.66 -35.70 31.45
CA LEU F 72 -7.64 -34.68 31.73
C LEU F 72 -8.28 -33.40 32.26
N ILE F 73 -9.41 -33.00 31.67
CA ILE F 73 -10.21 -31.89 32.16
C ILE F 73 -10.79 -32.21 33.52
N LYS F 74 -11.51 -33.32 33.63
CA LYS F 74 -12.06 -33.75 34.92
C LYS F 74 -10.99 -33.67 35.99
N ILE F 75 -9.81 -34.18 35.67
CA ILE F 75 -8.68 -34.14 36.58
C ILE F 75 -8.30 -32.71 36.89
N LYS F 76 -8.20 -31.88 35.87
CA LYS F 76 -7.87 -30.47 36.09
C LYS F 76 -8.97 -29.75 36.86
N ASN F 77 -10.22 -30.02 36.51
CA ASN F 77 -11.33 -29.29 37.08
C ASN F 77 -11.72 -29.74 38.47
N GLU F 78 -11.41 -30.98 38.82
CA GLU F 78 -11.80 -31.51 40.13
C GLU F 78 -10.61 -31.88 41.02
N VAL F 79 -9.66 -32.62 40.46
CA VAL F 79 -8.58 -33.20 41.26
C VAL F 79 -7.38 -32.27 41.38
N ASP F 80 -6.88 -31.80 40.25
CA ASP F 80 -5.60 -31.09 40.22
C ASP F 80 -5.57 -30.07 39.10
N PRO F 81 -5.93 -28.81 39.41
CA PRO F 81 -5.86 -27.68 38.49
C PRO F 81 -4.46 -27.28 37.95
N THR F 82 -3.38 -27.79 38.53
CA THR F 82 -2.05 -27.49 37.98
C THR F 82 -1.71 -28.36 36.76
N LEU F 83 -2.45 -29.46 36.59
CA LEU F 83 -2.31 -30.35 35.43
C LEU F 83 -2.54 -29.54 34.17
N THR F 84 -1.44 -29.26 33.47
CA THR F 84 -1.45 -28.33 32.35
C THR F 84 -1.33 -29.10 31.03
N PHE F 85 -2.28 -28.87 30.13
CA PHE F 85 -2.24 -29.42 28.77
C PHE F 85 -2.84 -28.43 27.76
N ARG F 86 -2.89 -28.81 26.48
CA ARG F 86 -3.55 -28.00 25.46
C ARG F 86 -4.87 -28.64 25.01
N ARG F 87 -5.86 -27.78 24.79
CA ARG F 87 -7.18 -28.22 24.35
C ARG F 87 -7.85 -27.09 23.60
N SER F 88 -8.80 -27.44 22.72
CA SER F 88 -9.69 -26.44 22.11
C SER F 88 -10.92 -27.14 21.50
N CYS F 89 -11.05 -27.08 20.18
CA CYS F 89 -12.06 -27.86 19.46
C CYS F 89 -12.30 -29.19 20.16
N ARG F 90 -13.55 -29.62 20.25
CA ARG F 90 -13.87 -30.87 20.95
C ARG F 90 -13.88 -32.11 20.04
N GLU F 91 -13.69 -31.88 18.74
CA GLU F 91 -14.04 -32.84 17.70
C GLU F 91 -12.84 -33.37 16.93
N GLY F 92 -11.65 -33.11 17.43
CA GLY F 92 -10.42 -33.55 16.79
C GLY F 92 -10.14 -32.95 15.43
N ILE F 93 -10.45 -31.66 15.26
CA ILE F 93 -10.24 -30.99 13.97
C ILE F 93 -9.20 -29.85 14.05
N CYS F 94 -8.67 -29.59 15.24
CA CYS F 94 -7.77 -28.46 15.45
C CYS F 94 -6.32 -28.91 15.59
N GLY F 95 -6.09 -29.93 16.40
CA GLY F 95 -4.77 -30.54 16.56
C GLY F 95 -4.01 -30.12 17.80
N SER F 96 -4.73 -29.50 18.75
CA SER F 96 -4.15 -28.91 19.95
C SER F 96 -3.69 -29.95 20.98
N CYS F 97 -4.53 -30.93 21.23
CA CYS F 97 -4.31 -31.86 22.33
C CYS F 97 -3.43 -33.07 21.99
N ALA F 98 -2.62 -32.99 20.93
CA ALA F 98 -1.83 -34.14 20.50
C ALA F 98 -0.84 -34.55 21.57
N MET F 99 -0.75 -35.83 21.84
CA MET F 99 0.11 -36.31 22.93
C MET F 99 0.27 -37.81 22.79
N ASN F 100 1.10 -38.41 23.64
CA ASN F 100 1.20 -39.86 23.64
C ASN F 100 0.24 -40.46 24.63
N ILE F 101 -0.57 -41.42 24.17
CA ILE F 101 -1.56 -42.05 25.03
C ILE F 101 -1.37 -43.55 24.92
N ALA F 102 -0.83 -44.13 25.99
CA ALA F 102 -0.59 -45.55 26.03
C ALA F 102 0.27 -45.95 24.84
N GLY F 103 1.44 -45.32 24.73
CA GLY F 103 2.45 -45.67 23.73
C GLY F 103 2.25 -45.21 22.29
N GLU F 104 1.16 -44.46 22.01
CA GLU F 104 0.78 -44.07 20.64
C GLU F 104 0.45 -42.59 20.51
N ASN F 105 1.02 -41.95 19.50
CA ASN F 105 0.78 -40.53 19.25
C ASN F 105 -0.57 -40.31 18.57
N THR F 106 -1.45 -39.59 19.27
CA THR F 106 -2.85 -39.47 18.91
C THR F 106 -3.44 -38.17 19.47
N LEU F 107 -4.75 -37.98 19.31
CA LEU F 107 -5.44 -36.82 19.89
C LEU F 107 -6.25 -37.26 21.11
N ALA F 108 -6.12 -36.52 22.20
CA ALA F 108 -6.85 -36.83 23.41
C ALA F 108 -8.35 -36.66 23.22
N CYS F 109 -8.74 -35.64 22.47
CA CYS F 109 -10.15 -35.31 22.31
C CYS F 109 -10.99 -36.39 21.60
N ILE F 110 -10.33 -37.33 20.91
CA ILE F 110 -11.05 -38.40 20.20
C ILE F 110 -10.46 -39.80 20.45
N CYS F 111 -9.81 -39.98 21.59
CA CYS F 111 -9.33 -41.28 22.01
C CYS F 111 -10.24 -41.78 23.13
N ASN F 112 -11.02 -42.81 22.85
CA ASN F 112 -12.01 -43.32 23.81
C ASN F 112 -11.34 -43.98 24.99
N ILE F 113 -11.61 -43.48 26.20
CA ILE F 113 -10.95 -44.00 27.40
C ILE F 113 -11.13 -45.52 27.45
N ASP F 114 -10.06 -46.21 27.83
CA ASP F 114 -10.08 -47.65 27.99
C ASP F 114 -10.86 -47.99 29.25
N GLN F 115 -11.90 -48.79 29.09
CA GLN F 115 -12.87 -49.02 30.17
C GLN F 115 -12.38 -50.02 31.23
N ASN F 116 -11.32 -50.76 30.88
CA ASN F 116 -10.72 -51.81 31.72
C ASN F 116 -10.06 -51.24 32.98
N THR F 117 -10.85 -51.01 34.03
CA THR F 117 -10.37 -50.34 35.25
C THR F 117 -8.98 -50.80 35.68
N SER F 118 -8.76 -52.12 35.62
CA SER F 118 -7.48 -52.73 36.02
C SER F 118 -6.25 -52.02 35.44
N LYS F 119 -6.26 -51.79 34.13
CA LYS F 119 -5.12 -51.20 33.43
C LYS F 119 -4.94 -49.71 33.75
N THR F 120 -3.85 -49.12 33.24
CA THR F 120 -3.58 -47.69 33.38
C THR F 120 -3.19 -47.08 32.04
N THR F 121 -3.84 -45.98 31.68
CA THR F 121 -3.52 -45.28 30.45
C THR F 121 -2.38 -44.29 30.73
N LYS F 122 -1.24 -44.51 30.09
CA LYS F 122 -0.04 -43.71 30.34
C LYS F 122 0.15 -42.57 29.34
N ILE F 123 0.03 -41.36 29.84
CA ILE F 123 -0.04 -40.19 29.02
C ILE F 123 1.24 -39.38 29.13
N TYR F 124 2.05 -39.40 28.07
CA TYR F 124 3.24 -38.55 27.95
C TYR F 124 3.05 -37.52 26.84
N PRO F 125 3.85 -36.45 26.88
CA PRO F 125 3.79 -35.49 25.79
C PRO F 125 4.44 -36.04 24.54
N LEU F 126 4.22 -35.33 23.43
CA LEU F 126 4.68 -35.75 22.10
C LEU F 126 6.15 -36.13 22.11
N PRO F 127 6.44 -37.41 21.83
CA PRO F 127 7.80 -37.92 21.95
C PRO F 127 8.89 -37.05 21.30
N HIS F 128 9.96 -36.89 22.07
CA HIS F 128 11.20 -36.27 21.64
C HIS F 128 11.08 -34.80 21.32
N MET F 129 10.19 -34.12 22.02
CA MET F 129 10.15 -32.68 21.98
C MET F 129 10.60 -32.22 23.36
N PHE F 130 11.13 -31.01 23.41
CA PHE F 130 11.47 -30.38 24.68
C PHE F 130 10.14 -29.98 25.29
N VAL F 131 10.03 -30.10 26.61
CA VAL F 131 8.76 -29.78 27.25
C VAL F 131 8.83 -28.47 28.06
N ILE F 132 7.68 -27.83 28.13
CA ILE F 132 7.50 -26.57 28.80
C ILE F 132 6.93 -26.82 30.19
N LYS F 133 5.85 -27.60 30.24
CA LYS F 133 5.19 -27.95 31.50
C LYS F 133 4.22 -29.11 31.26
N ASP F 134 4.34 -30.17 32.08
CA ASP F 134 3.43 -31.31 32.01
C ASP F 134 3.37 -31.89 30.59
N LEU F 135 2.25 -31.67 29.90
CA LEU F 135 1.96 -32.27 28.61
C LEU F 135 2.12 -31.28 27.48
N VAL F 136 2.53 -30.06 27.81
CA VAL F 136 2.77 -29.04 26.80
C VAL F 136 4.21 -29.17 26.31
N PRO F 137 4.40 -29.47 25.00
CA PRO F 137 5.72 -29.40 24.41
C PRO F 137 5.91 -28.09 23.61
N ASP F 138 7.17 -27.72 23.35
CA ASP F 138 7.50 -26.55 22.50
C ASP F 138 7.46 -26.97 21.03
N MET F 139 6.53 -26.37 20.28
CA MET F 139 6.31 -26.74 18.89
C MET F 139 7.20 -25.91 17.97
N ASN F 140 7.33 -24.62 18.27
CA ASN F 140 8.06 -23.63 17.47
C ASN F 140 8.91 -24.13 16.29
N LEU F 141 9.66 -25.22 16.50
CA LEU F 141 10.49 -25.81 15.44
C LEU F 141 9.61 -26.37 14.33
N PHE F 142 8.67 -27.23 14.72
CA PHE F 142 7.69 -27.80 13.80
C PHE F 142 6.99 -26.76 12.95
N TYR F 143 6.57 -25.67 13.60
CA TYR F 143 5.92 -24.55 12.93
C TYR F 143 6.85 -23.85 11.93
N ALA F 144 8.07 -23.55 12.38
CA ALA F 144 9.09 -22.86 11.59
C ALA F 144 9.46 -23.63 10.32
N GLN F 145 9.41 -24.96 10.41
CA GLN F 145 9.70 -25.84 9.29
C GLN F 145 8.56 -25.89 8.28
N TYR F 146 7.33 -25.90 8.78
CA TYR F 146 6.16 -25.77 7.92
C TYR F 146 6.25 -24.44 7.16
N ALA F 147 6.60 -23.36 7.86
CA ALA F 147 6.66 -22.04 7.23
C ALA F 147 7.75 -21.95 6.18
N SER F 148 8.73 -22.86 6.24
CA SER F 148 9.84 -22.86 5.29
C SER F 148 9.49 -23.50 3.95
N ILE F 149 8.37 -24.21 3.91
CA ILE F 149 7.94 -24.83 2.64
C ILE F 149 7.20 -23.82 1.76
N GLN F 150 7.00 -22.61 2.28
CA GLN F 150 6.22 -21.57 1.59
C GLN F 150 4.84 -22.10 1.26
N PRO F 151 4.06 -22.39 2.30
CA PRO F 151 2.73 -22.92 2.11
C PRO F 151 1.74 -21.83 1.68
N TRP F 152 1.81 -21.46 0.42
CA TRP F 152 0.92 -20.45 -0.14
C TRP F 152 1.01 -20.55 -1.65
N LEU F 153 -0.04 -20.12 -2.34
CA LEU F 153 -0.11 -20.33 -3.77
C LEU F 153 0.90 -19.44 -4.48
N GLN F 154 1.64 -20.03 -5.43
CA GLN F 154 2.62 -19.31 -6.25
C GLN F 154 2.46 -19.64 -7.74
N LYS F 155 2.37 -18.58 -8.55
CA LYS F 155 2.22 -18.71 -10.00
C LYS F 155 3.15 -17.71 -10.69
N LYS F 156 3.78 -18.14 -11.78
CA LYS F 156 4.71 -17.25 -12.49
C LYS F 156 3.97 -16.05 -13.09
N THR F 157 2.84 -16.30 -13.77
CA THR F 157 2.05 -15.24 -14.39
C THR F 157 1.29 -14.52 -13.30
N LYS F 158 1.79 -13.35 -12.90
CA LYS F 158 1.11 -12.57 -11.86
C LYS F 158 -0.36 -12.36 -12.25
N ILE F 159 -1.23 -13.19 -11.67
CA ILE F 159 -2.67 -13.12 -11.90
C ILE F 159 -3.25 -12.02 -11.01
N ASN F 160 -4.25 -11.31 -11.51
CA ASN F 160 -4.86 -10.22 -10.76
C ASN F 160 -5.74 -10.85 -9.69
N LEU F 161 -5.71 -10.28 -8.49
CA LEU F 161 -6.15 -11.00 -7.29
C LEU F 161 -7.64 -11.37 -7.34
N GLY F 162 -8.51 -10.38 -7.26
CA GLY F 162 -9.95 -10.65 -7.15
C GLY F 162 -10.59 -11.18 -8.41
N GLU F 163 -10.16 -10.64 -9.55
CA GLU F 163 -10.89 -10.83 -10.81
C GLU F 163 -11.44 -12.23 -11.03
N LYS F 164 -10.60 -13.26 -10.99
CA LYS F 164 -11.03 -14.57 -11.51
C LYS F 164 -10.56 -15.78 -10.70
N GLN F 165 -11.37 -16.83 -10.76
CA GLN F 165 -11.02 -18.13 -10.19
C GLN F 165 -10.05 -18.82 -11.13
N GLN F 166 -9.03 -19.45 -10.58
CA GLN F 166 -8.19 -20.32 -11.37
C GLN F 166 -8.93 -21.62 -11.64
N TYR F 167 -8.73 -22.15 -12.85
CA TYR F 167 -9.33 -23.40 -13.26
C TYR F 167 -8.63 -24.56 -12.56
N GLN F 168 -9.44 -25.48 -12.04
CA GLN F 168 -8.94 -26.77 -11.60
C GLN F 168 -10.00 -27.82 -11.92
N SER F 169 -9.60 -28.85 -12.66
CA SER F 169 -10.50 -29.98 -12.90
C SER F 169 -10.77 -30.67 -11.56
N ILE F 170 -11.88 -31.40 -11.49
CA ILE F 170 -12.17 -32.20 -10.31
C ILE F 170 -11.06 -33.21 -10.06
N LYS F 171 -10.56 -33.85 -11.11
CA LYS F 171 -9.52 -34.86 -10.97
C LYS F 171 -8.23 -34.27 -10.41
N GLU F 172 -7.98 -33.00 -10.71
CA GLU F 172 -6.78 -32.28 -10.27
C GLU F 172 -6.83 -31.73 -8.85
N GLN F 173 -8.04 -31.49 -8.33
CA GLN F 173 -8.22 -31.07 -6.94
C GLN F 173 -8.46 -32.29 -6.03
N GLU F 174 -9.10 -33.34 -6.56
CA GLU F 174 -9.27 -34.60 -5.81
C GLU F 174 -7.91 -35.15 -5.39
N LYS F 175 -6.86 -34.77 -6.12
CA LYS F 175 -5.47 -35.06 -5.75
C LYS F 175 -5.16 -34.58 -4.35
N LEU F 176 -5.60 -33.37 -4.04
CA LEU F 176 -5.32 -32.75 -2.76
C LEU F 176 -6.00 -33.40 -1.56
N ASP F 177 -6.94 -34.32 -1.79
CA ASP F 177 -7.48 -35.11 -0.67
C ASP F 177 -6.35 -35.90 0.00
N GLY F 178 -6.59 -36.35 1.23
CA GLY F 178 -5.55 -37.00 2.03
C GLY F 178 -4.38 -36.12 2.43
N LEU F 179 -4.34 -34.89 1.89
CA LEU F 179 -3.22 -33.97 2.07
C LEU F 179 -3.63 -32.69 2.80
N TYR F 180 -4.75 -32.09 2.38
CA TYR F 180 -5.23 -30.83 2.95
C TYR F 180 -5.89 -31.03 4.31
N GLU F 181 -6.29 -32.26 4.61
CA GLU F 181 -7.00 -32.57 5.84
C GLU F 181 -6.14 -32.41 7.08
N CYS F 182 -4.83 -32.56 6.92
CA CYS F 182 -3.85 -32.47 8.02
C CYS F 182 -4.08 -31.25 8.89
N ILE F 183 -4.05 -31.46 10.20
CA ILE F 183 -4.36 -30.40 11.19
C ILE F 183 -3.12 -29.84 11.89
N LEU F 184 -1.94 -30.39 11.55
CA LEU F 184 -0.66 -29.99 12.14
C LEU F 184 -0.61 -30.33 13.64
N CYS F 185 -1.16 -31.49 13.97
CA CYS F 185 -1.12 -32.02 15.32
C CYS F 185 0.32 -32.35 15.69
N ALA F 186 1.05 -32.87 14.70
CA ALA F 186 2.43 -33.32 14.84
C ALA F 186 2.52 -34.66 15.56
N CYS F 187 1.52 -35.51 15.36
CA CYS F 187 1.57 -36.87 15.91
C CYS F 187 2.51 -37.74 15.08
N CYS F 188 2.58 -37.47 13.78
CA CYS F 188 3.42 -38.28 12.89
C CYS F 188 4.89 -37.92 13.06
N SER F 189 5.19 -36.63 13.05
CA SER F 189 6.57 -36.17 13.21
C SER F 189 7.10 -36.55 14.60
N ALA F 190 6.21 -36.61 15.60
CA ALA F 190 6.60 -37.05 16.95
C ALA F 190 6.78 -38.57 17.06
N SER F 191 6.37 -39.31 16.02
CA SER F 191 6.51 -40.77 16.01
C SER F 191 7.61 -41.27 15.07
N CYS F 192 8.33 -40.35 14.42
CA CYS F 192 9.39 -40.71 13.50
C CYS F 192 10.76 -40.67 14.17
N PRO F 193 11.39 -41.83 14.38
CA PRO F 193 12.71 -41.82 14.98
C PRO F 193 13.73 -40.97 14.20
N SER F 194 13.72 -41.07 12.87
CA SER F 194 14.60 -40.24 12.05
C SER F 194 14.42 -38.75 12.39
N TYR F 195 13.19 -38.37 12.68
CA TYR F 195 12.89 -37.01 13.14
C TYR F 195 13.25 -36.81 14.60
N TRP F 196 13.20 -37.88 15.40
CA TRP F 196 13.68 -37.80 16.77
C TRP F 196 15.16 -37.37 16.77
N TRP F 197 15.95 -37.99 15.91
CA TRP F 197 17.40 -37.77 15.90
C TRP F 197 17.85 -36.46 15.22
N ASN F 198 17.40 -36.26 13.97
CA ASN F 198 17.86 -35.15 13.13
C ASN F 198 16.76 -34.12 12.82
N ALA F 199 15.82 -33.97 13.75
CA ALA F 199 14.74 -32.99 13.62
C ALA F 199 15.22 -31.59 13.29
N ASP F 200 16.50 -31.29 13.48
CA ASP F 200 17.03 -29.97 13.15
C ASP F 200 17.29 -29.84 11.65
N LYS F 201 17.34 -30.96 10.93
CA LYS F 201 17.63 -30.97 9.49
C LYS F 201 16.55 -31.67 8.66
N TYR F 202 16.15 -32.87 9.07
CA TYR F 202 15.06 -33.62 8.43
C TYR F 202 13.71 -32.97 8.75
N LEU F 203 12.93 -32.64 7.72
CA LEU F 203 11.70 -31.85 7.89
C LEU F 203 10.58 -32.60 8.59
N GLY F 204 10.51 -33.91 8.38
CA GLY F 204 9.57 -34.77 9.08
C GLY F 204 8.19 -34.81 8.44
N PRO F 205 7.52 -35.98 8.51
CA PRO F 205 6.36 -36.33 7.68
C PRO F 205 5.35 -35.19 7.48
N ALA F 206 4.89 -34.61 8.58
CA ALA F 206 3.83 -33.61 8.52
C ALA F 206 4.19 -32.45 7.61
N VAL F 207 5.42 -31.95 7.72
CA VAL F 207 5.89 -30.81 6.95
C VAL F 207 6.13 -31.18 5.48
N LEU F 208 6.68 -32.38 5.25
CA LEU F 208 6.93 -32.86 3.90
C LEU F 208 5.62 -33.07 3.16
N MET F 209 4.62 -33.63 3.86
CA MET F 209 3.33 -33.92 3.25
C MET F 209 2.61 -32.64 2.81
N GLN F 210 2.78 -31.56 3.58
CA GLN F 210 2.29 -30.25 3.18
C GLN F 210 3.14 -29.68 2.06
N ALA F 211 4.45 -29.91 2.12
CA ALA F 211 5.31 -29.50 1.03
C ALA F 211 4.77 -30.12 -0.26
N TYR F 212 4.55 -31.43 -0.21
CA TYR F 212 4.01 -32.17 -1.36
C TYR F 212 2.68 -31.61 -1.82
N ARG F 213 1.81 -31.24 -0.87
CA ARG F 213 0.49 -30.68 -1.17
C ARG F 213 0.58 -29.41 -2.01
N TRP F 214 1.62 -28.60 -1.79
CA TRP F 214 1.81 -27.38 -2.57
C TRP F 214 2.56 -27.61 -3.89
N ILE F 215 2.99 -28.85 -4.13
CA ILE F 215 3.66 -29.21 -5.38
C ILE F 215 2.65 -29.71 -6.42
N ILE F 216 2.02 -30.86 -6.17
CA ILE F 216 1.07 -31.49 -7.13
C ILE F 216 -0.22 -30.71 -7.38
N ASP F 217 -0.41 -29.62 -6.64
CA ASP F 217 -1.46 -28.63 -6.94
C ASP F 217 -1.27 -28.15 -8.39
N SER F 218 -2.21 -28.53 -9.25
CA SER F 218 -2.22 -28.11 -10.65
C SER F 218 -2.07 -26.59 -10.81
N ARG F 219 -2.69 -25.82 -9.92
CA ARG F 219 -2.70 -24.37 -10.00
C ARG F 219 -1.37 -23.73 -9.56
N ASP F 220 -0.50 -24.52 -8.94
CA ASP F 220 0.79 -24.05 -8.49
C ASP F 220 1.84 -24.19 -9.60
N ASP F 221 2.61 -23.13 -9.81
CA ASP F 221 3.64 -23.13 -10.85
C ASP F 221 5.05 -23.28 -10.30
N SER F 222 5.22 -23.11 -8.99
CA SER F 222 6.55 -23.14 -8.38
C SER F 222 7.05 -24.55 -8.04
N ALA F 223 6.32 -25.57 -8.48
CA ALA F 223 6.67 -26.97 -8.17
C ALA F 223 8.16 -27.28 -8.34
N ALA F 224 8.81 -26.57 -9.26
CA ALA F 224 10.26 -26.67 -9.47
C ALA F 224 11.05 -26.25 -8.22
N GLU F 225 10.94 -24.98 -7.85
CA GLU F 225 11.71 -24.42 -6.75
C GLU F 225 11.42 -25.07 -5.41
N ARG F 226 10.21 -25.59 -5.25
CA ARG F 226 9.81 -26.25 -3.99
C ARG F 226 10.57 -27.56 -3.75
N LEU F 227 10.78 -28.34 -4.80
CA LEU F 227 11.59 -29.54 -4.72
C LEU F 227 13.06 -29.18 -4.50
N ALA F 228 13.53 -28.20 -5.28
CA ALA F 228 14.92 -27.73 -5.20
C ALA F 228 15.42 -27.47 -3.77
N ARG F 229 14.56 -26.98 -2.90
CA ARG F 229 14.97 -26.64 -1.53
C ARG F 229 15.28 -27.87 -0.67
N MET F 230 14.73 -29.04 -1.01
CA MET F 230 14.93 -30.25 -0.21
C MET F 230 15.59 -31.40 -0.98
N GLN F 231 16.49 -31.05 -1.90
CA GLN F 231 17.30 -32.05 -2.60
C GLN F 231 18.41 -32.62 -1.73
N ASP F 232 18.81 -31.88 -0.69
CA ASP F 232 19.91 -32.32 0.18
C ASP F 232 19.65 -33.66 0.85
N GLY F 233 20.69 -34.23 1.45
CA GLY F 233 20.63 -35.58 2.03
C GLY F 233 19.83 -35.72 3.32
N PHE F 234 19.43 -34.59 3.90
CA PHE F 234 18.62 -34.58 5.11
C PHE F 234 17.17 -34.18 4.80
N SER F 235 16.95 -32.89 4.56
CA SER F 235 15.60 -32.32 4.43
C SER F 235 14.51 -33.35 4.10
N ALA F 236 14.53 -33.87 2.87
CA ALA F 236 13.49 -34.78 2.43
C ALA F 236 13.93 -36.23 2.60
N PHE F 237 15.21 -36.48 2.37
CA PHE F 237 15.67 -37.83 2.12
C PHE F 237 15.89 -38.67 3.36
N LYS F 238 16.16 -38.06 4.51
CA LYS F 238 16.37 -38.85 5.73
C LYS F 238 15.12 -39.63 6.18
N CYS F 239 14.07 -39.60 5.36
CA CYS F 239 12.95 -40.52 5.51
C CYS F 239 13.41 -41.94 5.17
N HIS F 240 13.51 -42.79 6.19
CA HIS F 240 13.95 -44.16 6.01
C HIS F 240 12.77 -45.14 5.88
N THR F 241 11.60 -44.61 5.50
CA THR F 241 10.38 -45.42 5.34
C THR F 241 10.12 -46.30 6.56
N ILE F 242 10.20 -45.69 7.75
CA ILE F 242 10.02 -46.44 8.98
C ILE F 242 8.55 -46.83 9.05
N MET F 243 7.68 -45.81 8.93
CA MET F 243 6.23 -45.96 8.71
C MET F 243 5.35 -45.73 9.95
N ASN F 244 5.84 -44.99 10.94
CA ASN F 244 4.98 -44.59 12.06
C ASN F 244 4.07 -43.43 11.69
N CYS F 245 4.52 -42.61 10.74
CA CYS F 245 3.76 -41.43 10.34
C CYS F 245 2.38 -41.82 9.85
N THR F 246 2.33 -42.82 8.98
CA THR F 246 1.05 -43.30 8.47
C THR F 246 0.30 -44.01 9.59
N LYS F 247 0.98 -44.93 10.26
CA LYS F 247 0.34 -45.76 11.28
C LYS F 247 -0.28 -45.01 12.46
N THR F 248 0.36 -43.95 12.94
CA THR F 248 -0.13 -43.26 14.16
C THR F 248 -1.08 -42.08 13.88
N CYS F 249 -1.22 -41.66 12.63
CA CYS F 249 -2.01 -40.48 12.30
C CYS F 249 -3.45 -40.63 12.78
N PRO F 250 -3.94 -39.66 13.56
CA PRO F 250 -5.30 -39.69 14.09
C PRO F 250 -6.34 -39.24 13.08
N LYS F 251 -5.90 -38.69 11.96
CA LYS F 251 -6.80 -38.29 10.88
C LYS F 251 -6.72 -39.26 9.72
N HIS F 252 -6.00 -40.36 9.91
CA HIS F 252 -5.93 -41.45 8.91
C HIS F 252 -5.28 -41.03 7.60
N LEU F 253 -4.45 -39.99 7.63
CA LEU F 253 -3.75 -39.56 6.43
C LEU F 253 -2.51 -40.41 6.26
N ASN F 254 -1.86 -40.26 5.10
CA ASN F 254 -0.71 -41.08 4.75
C ASN F 254 0.48 -40.23 4.32
N PRO F 255 1.30 -39.78 5.28
CA PRO F 255 2.50 -39.01 4.97
C PRO F 255 3.58 -39.82 4.26
N ALA F 256 3.81 -41.06 4.68
CA ALA F 256 4.82 -41.94 4.07
C ALA F 256 4.75 -41.92 2.54
N ARG F 257 3.53 -41.91 2.02
CA ARG F 257 3.25 -41.98 0.59
C ARG F 257 3.65 -40.70 -0.14
N ALA F 258 3.32 -39.55 0.46
CA ALA F 258 3.67 -38.26 -0.11
C ALA F 258 5.20 -38.11 -0.18
N ILE F 259 5.88 -38.57 0.88
CA ILE F 259 7.35 -38.55 0.94
C ILE F 259 7.92 -39.43 -0.16
N GLY F 260 7.36 -40.64 -0.27
CA GLY F 260 7.64 -41.53 -1.40
C GLY F 260 7.57 -40.78 -2.73
N GLU F 261 6.47 -40.06 -2.93
CA GLU F 261 6.30 -39.29 -4.16
C GLU F 261 7.33 -38.19 -4.30
N ILE F 262 7.74 -37.62 -3.17
CA ILE F 262 8.78 -36.60 -3.15
C ILE F 262 10.17 -37.19 -3.49
N LYS F 263 10.41 -38.41 -3.05
CA LYS F 263 11.61 -39.13 -3.46
C LYS F 263 11.54 -39.41 -4.98
N MET F 264 10.35 -39.74 -5.47
CA MET F 264 10.14 -40.03 -6.88
C MET F 264 10.32 -38.78 -7.74
N LEU F 265 9.96 -37.64 -7.19
CA LEU F 265 10.08 -36.37 -7.91
C LEU F 265 11.50 -35.81 -7.84
N LEU F 266 12.14 -35.94 -6.67
CA LEU F 266 13.51 -35.45 -6.47
C LEU F 266 14.51 -36.24 -7.31
N THR F 267 14.31 -37.55 -7.38
CA THR F 267 15.17 -38.42 -8.18
C THR F 267 15.10 -38.09 -9.66
N LYS F 268 14.04 -37.37 -10.04
CA LYS F 268 13.66 -37.15 -11.43
C LYS F 268 13.31 -38.49 -12.12
N MET F 269 12.77 -39.43 -11.34
CA MET F 269 12.12 -40.61 -11.89
C MET F 269 10.66 -40.28 -12.23
N LYS F 270 10.21 -39.12 -11.76
CA LYS F 270 8.86 -38.62 -12.01
C LYS F 270 8.86 -37.09 -11.99
N THR F 271 7.91 -36.50 -12.68
CA THR F 271 7.61 -35.07 -12.54
C THR F 271 6.12 -34.80 -12.75
N LYS F 272 5.61 -33.86 -11.95
CA LYS F 272 4.22 -33.42 -11.96
C LYS F 272 3.74 -33.11 -13.37
N PRO F 273 2.66 -33.78 -13.83
CA PRO F 273 2.04 -33.39 -15.09
C PRO F 273 1.56 -31.94 -15.00
N ALA F 274 2.04 -31.08 -15.91
CA ALA F 274 1.74 -29.65 -15.84
C ALA F 274 0.23 -29.38 -15.96
N PRO F 275 -0.26 -28.29 -15.34
CA PRO F 275 -1.69 -27.99 -15.27
C PRO F 275 -2.49 -28.35 -16.52
N LEU F 276 -3.74 -28.77 -16.32
CA LEU F 276 -4.65 -29.05 -17.42
C LEU F 276 -5.04 -27.74 -18.10
N PRO F 277 -5.55 -27.81 -19.36
CA PRO F 277 -5.75 -26.61 -20.15
C PRO F 277 -6.96 -25.83 -19.67
N THR F 278 -6.71 -24.57 -19.31
CA THR F 278 -7.75 -23.69 -18.77
C THR F 278 -8.55 -23.05 -19.93
N PRO F 279 -9.78 -23.56 -20.24
CA PRO F 279 -10.51 -23.06 -21.43
C PRO F 279 -10.83 -21.56 -21.38
N ALA F 280 -11.00 -20.93 -22.54
CA ALA F 280 -11.21 -19.48 -22.63
C ALA F 280 -12.64 -19.06 -22.23
N ASN F 281 -13.62 -19.93 -22.50
CA ASN F 281 -15.03 -19.69 -22.13
C ASN F 281 -15.27 -19.75 -20.62
N PHE F 282 -14.43 -20.52 -19.91
CA PHE F 282 -14.39 -20.57 -18.45
C PHE F 282 -14.02 -19.19 -17.89
N GLU G 34 27.08 -27.13 4.40
CA GLU G 34 26.38 -26.08 3.61
C GLU G 34 24.85 -26.25 3.71
N LYS G 35 24.29 -25.78 4.81
CA LYS G 35 22.90 -26.03 5.16
C LYS G 35 21.93 -25.10 4.43
N THR G 36 20.65 -25.45 4.44
CA THR G 36 19.58 -24.52 4.06
C THR G 36 19.20 -23.71 5.30
N PRO G 37 18.57 -22.55 5.12
CA PRO G 37 18.29 -21.66 6.25
C PRO G 37 17.47 -22.28 7.40
N ILE G 38 16.58 -23.21 7.07
CA ILE G 38 15.74 -23.86 8.09
C ILE G 38 16.56 -24.81 8.97
N GLN G 39 17.69 -25.27 8.43
CA GLN G 39 18.59 -26.17 9.16
C GLN G 39 19.58 -25.35 9.98
N VAL G 40 19.77 -24.10 9.59
CA VAL G 40 20.44 -23.12 10.44
C VAL G 40 19.52 -22.75 11.59
N TRP G 41 18.32 -22.29 11.27
CA TRP G 41 17.32 -21.95 12.28
C TRP G 41 17.06 -23.13 13.22
N GLY G 42 16.89 -24.32 12.66
CA GLY G 42 16.62 -25.53 13.44
C GLY G 42 17.72 -25.90 14.42
N TRP G 43 18.98 -25.69 14.04
CA TRP G 43 20.10 -25.89 14.95
C TRP G 43 20.11 -24.81 16.06
N ASP G 44 20.09 -23.53 15.68
CA ASP G 44 20.02 -22.44 16.66
C ASP G 44 18.93 -22.76 17.68
N TYR G 45 17.81 -23.30 17.21
CA TYR G 45 16.70 -23.71 18.07
C TYR G 45 17.11 -24.75 19.08
N LEU G 46 17.87 -25.75 18.65
CA LEU G 46 18.39 -26.73 19.58
C LEU G 46 19.19 -26.07 20.68
N MET G 47 20.01 -25.09 20.31
CA MET G 47 20.83 -24.37 21.28
C MET G 47 19.96 -23.58 22.27
N ARG G 48 18.92 -22.92 21.77
CA ARG G 48 17.96 -22.24 22.64
C ARG G 48 17.31 -23.20 23.63
N GLN G 49 16.87 -24.34 23.13
CA GLN G 49 16.24 -25.34 23.99
C GLN G 49 17.22 -25.94 25.00
N ARG G 50 18.46 -26.19 24.58
CA ARG G 50 19.48 -26.65 25.51
C ARG G 50 19.69 -25.62 26.60
N ALA G 51 19.93 -24.38 26.18
CA ALA G 51 20.17 -23.25 27.09
C ALA G 51 19.08 -23.13 28.15
N LEU G 52 17.83 -23.37 27.79
CA LEU G 52 16.73 -23.30 28.74
C LEU G 52 16.64 -24.52 29.68
N LYS G 53 17.59 -25.44 29.58
CA LYS G 53 17.62 -26.63 30.42
C LYS G 53 16.23 -27.24 30.55
N ARG G 54 15.62 -27.55 29.40
CA ARG G 54 14.33 -28.22 29.36
C ARG G 54 14.58 -29.70 29.18
N PRO G 55 13.65 -30.52 29.68
CA PRO G 55 13.77 -31.96 29.50
C PRO G 55 13.27 -32.31 28.12
N ILE G 56 13.72 -33.45 27.59
CA ILE G 56 13.17 -33.97 26.34
C ILE G 56 12.10 -34.99 26.70
N ALA G 57 10.98 -34.95 25.98
CA ALA G 57 9.91 -35.91 26.21
C ALA G 57 10.41 -37.30 25.86
N PRO G 58 9.85 -38.35 26.49
CA PRO G 58 10.39 -39.69 26.31
C PRO G 58 10.01 -40.28 24.96
N HIS G 59 10.76 -41.29 24.52
CA HIS G 59 10.65 -41.77 23.14
C HIS G 59 10.66 -43.31 23.07
N LEU G 60 11.82 -43.94 22.92
CA LEU G 60 11.87 -45.40 22.90
C LEU G 60 11.43 -45.99 24.22
N THR G 61 11.68 -45.26 25.30
CA THR G 61 11.24 -45.66 26.64
C THR G 61 9.75 -45.97 26.68
N ILE G 62 8.95 -45.11 26.07
CA ILE G 62 7.49 -45.11 26.27
C ILE G 62 6.67 -45.62 25.10
N TYR G 63 7.18 -45.43 23.88
CA TYR G 63 6.39 -45.70 22.69
C TYR G 63 6.02 -47.18 22.58
N LYS G 64 4.96 -47.44 21.81
CA LYS G 64 4.46 -48.79 21.62
C LYS G 64 5.34 -49.55 20.63
N PRO G 65 5.45 -50.88 20.78
CA PRO G 65 6.00 -51.71 19.71
C PRO G 65 5.06 -51.78 18.52
N GLN G 66 5.58 -51.59 17.32
CA GLN G 66 4.73 -51.58 16.14
C GLN G 66 5.51 -52.15 14.96
N MET G 67 4.85 -53.02 14.19
CA MET G 67 5.51 -53.78 13.10
C MET G 67 6.13 -52.89 12.02
N THR G 68 5.81 -51.60 12.08
CA THR G 68 6.46 -50.63 11.24
C THR G 68 7.96 -50.56 11.57
N TRP G 69 8.29 -50.14 12.79
CA TRP G 69 9.68 -49.86 13.18
C TRP G 69 10.41 -51.04 13.80
N MET G 70 9.65 -52.06 14.22
CA MET G 70 10.24 -53.32 14.69
C MET G 70 10.91 -54.03 13.52
N VAL G 71 10.27 -53.94 12.35
CA VAL G 71 10.82 -54.41 11.09
C VAL G 71 11.94 -53.46 10.59
N SER G 72 11.73 -52.16 10.74
CA SER G 72 12.73 -51.16 10.33
C SER G 72 13.99 -51.27 11.18
N GLY G 73 13.80 -51.55 12.47
CA GLY G 73 14.90 -51.80 13.39
C GLY G 73 15.66 -53.06 13.05
N LEU G 74 14.93 -54.15 12.78
CA LEU G 74 15.55 -55.41 12.40
C LEU G 74 16.26 -55.34 11.04
N HIS G 75 15.90 -54.35 10.23
CA HIS G 75 16.56 -54.11 8.95
C HIS G 75 17.98 -53.59 9.19
N ARG G 76 18.07 -52.48 9.91
CA ARG G 76 19.35 -51.84 10.21
C ARG G 76 20.19 -52.65 11.21
N VAL G 77 19.54 -53.38 12.11
CA VAL G 77 20.23 -54.33 12.98
C VAL G 77 21.03 -55.31 12.12
N THR G 78 20.34 -56.03 11.26
CA THR G 78 20.98 -57.01 10.39
C THR G 78 21.96 -56.30 9.47
N GLY G 79 21.53 -55.18 8.90
CA GLY G 79 22.37 -54.38 8.01
C GLY G 79 23.73 -54.11 8.62
N CYS G 80 23.73 -53.58 9.84
CA CYS G 80 24.98 -53.28 10.55
C CYS G 80 25.66 -54.52 11.12
N ALA G 81 24.89 -55.53 11.48
CA ALA G 81 25.45 -56.78 11.96
C ALA G 81 26.29 -57.45 10.88
N MET G 82 25.72 -57.56 9.68
CA MET G 82 26.39 -58.24 8.56
C MET G 82 27.59 -57.46 8.04
N ALA G 83 27.48 -56.14 8.05
CA ALA G 83 28.61 -55.26 7.70
C ALA G 83 29.76 -55.45 8.67
N GLY G 84 29.44 -55.47 9.96
CA GLY G 84 30.41 -55.77 11.01
C GLY G 84 30.94 -57.19 10.99
N THR G 85 30.17 -58.13 10.43
CA THR G 85 30.61 -59.52 10.23
C THR G 85 31.67 -59.63 9.16
N LEU G 86 31.53 -58.81 8.11
CA LEU G 86 32.50 -58.77 7.03
C LEU G 86 33.78 -58.01 7.40
N LEU G 87 33.71 -57.21 8.47
CA LEU G 87 34.90 -56.52 8.97
C LEU G 87 35.59 -57.38 10.01
N ILE G 88 34.85 -57.76 11.05
CA ILE G 88 35.36 -58.71 12.05
C ILE G 88 35.84 -59.97 11.34
N GLY G 89 35.15 -60.36 10.27
CA GLY G 89 35.59 -61.48 9.41
C GLY G 89 36.78 -61.13 8.53
N GLY G 90 36.48 -60.73 7.29
CA GLY G 90 37.50 -60.41 6.28
C GLY G 90 38.80 -59.77 6.77
N VAL G 91 38.69 -58.71 7.58
CA VAL G 91 39.87 -58.06 8.14
C VAL G 91 40.41 -58.87 9.32
N GLY G 92 39.53 -59.54 10.05
CA GLY G 92 39.92 -60.35 11.18
C GLY G 92 40.78 -61.54 10.80
N PHE G 93 40.38 -62.23 9.74
CA PHE G 93 41.15 -63.37 9.25
C PHE G 93 42.49 -62.97 8.65
N SER G 94 42.53 -61.78 8.03
CA SER G 94 43.72 -61.33 7.33
C SER G 94 44.87 -60.93 8.28
N VAL G 95 44.61 -60.01 9.22
CA VAL G 95 45.65 -59.53 10.15
C VAL G 95 46.19 -60.67 11.00
N LEU G 96 45.31 -61.54 11.48
CA LEU G 96 45.73 -62.73 12.23
C LEU G 96 46.28 -63.80 11.27
N PRO G 97 47.13 -64.70 11.79
CA PRO G 97 47.65 -65.76 10.93
C PRO G 97 46.53 -66.70 10.49
N LEU G 98 45.81 -67.25 11.47
CA LEU G 98 44.69 -68.14 11.26
C LEU G 98 43.98 -67.86 9.93
N ASP G 99 44.13 -68.76 8.98
CA ASP G 99 43.38 -68.71 7.72
C ASP G 99 42.05 -69.43 7.92
N PHE G 100 41.10 -69.20 7.03
CA PHE G 100 39.73 -69.70 7.19
C PHE G 100 39.67 -71.21 7.37
N THR G 101 40.49 -71.92 6.62
CA THR G 101 40.52 -73.38 6.67
C THR G 101 40.72 -73.92 8.09
N THR G 102 41.50 -73.20 8.90
CA THR G 102 41.73 -73.58 10.30
C THR G 102 40.54 -73.25 11.22
N PHE G 103 39.82 -72.17 10.91
CA PHE G 103 38.63 -71.78 11.67
C PHE G 103 37.47 -72.74 11.38
N VAL G 104 37.46 -73.32 10.18
CA VAL G 104 36.42 -74.28 9.79
C VAL G 104 36.49 -75.52 10.68
N GLU G 105 37.66 -76.15 10.74
CA GLU G 105 37.81 -77.39 11.52
C GLU G 105 37.91 -77.16 13.04
N PHE G 106 38.29 -75.95 13.44
CA PHE G 106 38.32 -75.57 14.86
C PHE G 106 37.04 -76.02 15.54
N ILE G 107 35.92 -75.83 14.85
CA ILE G 107 34.58 -76.10 15.40
C ILE G 107 34.31 -77.59 15.64
N ARG G 108 35.01 -78.47 14.92
CA ARG G 108 35.00 -79.90 15.26
C ARG G 108 35.84 -80.18 16.53
N GLY G 109 36.19 -79.12 17.26
CA GLY G 109 36.72 -79.25 18.62
C GLY G 109 35.68 -79.85 19.56
N LEU G 110 34.41 -79.46 19.37
CA LEU G 110 33.27 -80.20 19.95
C LEU G 110 32.62 -81.11 18.90
N GLY G 111 32.52 -80.64 17.65
CA GLY G 111 31.80 -81.36 16.59
C GLY G 111 30.30 -81.27 16.86
N ILE G 112 29.87 -80.08 17.30
CA ILE G 112 28.58 -79.83 17.96
C ILE G 112 27.35 -80.52 17.31
N PRO G 113 26.23 -80.66 18.07
CA PRO G 113 25.10 -81.52 17.67
C PRO G 113 24.42 -81.23 16.32
N TRP G 114 23.43 -82.06 15.99
CA TRP G 114 22.69 -81.98 14.74
C TRP G 114 21.82 -80.72 14.61
N VAL G 115 21.36 -80.19 15.75
CA VAL G 115 20.52 -78.99 15.79
C VAL G 115 21.37 -77.73 15.81
N ILE G 116 22.30 -77.66 16.77
CA ILE G 116 23.04 -76.43 17.10
C ILE G 116 23.89 -75.90 15.92
N LEU G 117 24.29 -76.79 15.00
CA LEU G 117 25.01 -76.38 13.78
C LEU G 117 24.12 -75.57 12.85
N ASP G 118 22.94 -76.11 12.56
CA ASP G 118 21.99 -75.48 11.67
C ASP G 118 21.16 -74.39 12.34
N THR G 119 21.21 -74.35 13.66
CA THR G 119 20.80 -73.17 14.42
C THR G 119 21.69 -72.01 13.97
N PHE G 120 23.00 -72.21 14.05
CA PHE G 120 23.96 -71.17 13.69
C PHE G 120 23.98 -70.91 12.18
N LYS G 121 23.61 -71.89 11.36
CA LYS G 121 23.44 -71.63 9.92
C LYS G 121 22.16 -70.86 9.65
N PHE G 122 21.13 -71.09 10.46
CA PHE G 122 19.89 -70.32 10.35
C PHE G 122 20.07 -68.89 10.84
N ILE G 123 20.76 -68.72 11.97
CA ILE G 123 21.05 -67.38 12.49
C ILE G 123 21.97 -66.62 11.54
N ILE G 124 22.79 -67.35 10.79
CA ILE G 124 23.65 -66.76 9.76
C ILE G 124 22.88 -66.52 8.46
N ALA G 125 21.94 -67.40 8.15
CA ALA G 125 21.12 -67.25 6.95
C ALA G 125 20.11 -66.10 7.07
N PHE G 126 19.33 -66.13 8.15
CA PHE G 126 18.17 -65.24 8.30
C PHE G 126 18.44 -63.76 8.03
N PRO G 127 19.54 -63.21 8.61
CA PRO G 127 19.84 -61.78 8.38
C PRO G 127 19.95 -61.42 6.92
N ILE G 128 20.45 -62.34 6.11
CA ILE G 128 20.65 -62.10 4.69
C ILE G 128 19.29 -62.15 3.99
N ALA G 129 18.50 -63.18 4.32
CA ALA G 129 17.19 -63.39 3.69
C ALA G 129 16.21 -62.25 4.01
N PHE G 130 15.98 -62.03 5.31
CA PHE G 130 15.11 -60.96 5.77
C PHE G 130 15.47 -59.61 5.13
N HIS G 131 16.68 -59.13 5.42
CA HIS G 131 17.17 -57.86 4.87
C HIS G 131 16.90 -57.76 3.36
N THR G 132 17.17 -58.85 2.64
CA THR G 132 17.05 -58.86 1.18
C THR G 132 15.60 -58.79 0.71
N LEU G 133 14.73 -59.60 1.31
CA LEU G 133 13.28 -59.51 1.05
C LEU G 133 12.75 -58.14 1.48
N ASN G 134 13.19 -57.68 2.65
CA ASN G 134 12.69 -56.43 3.22
C ASN G 134 13.26 -55.20 2.51
N GLY G 135 14.43 -55.35 1.92
CA GLY G 135 15.05 -54.29 1.13
C GLY G 135 14.29 -53.96 -0.14
N ILE G 136 13.69 -54.98 -0.77
CA ILE G 136 12.88 -54.77 -1.98
C ILE G 136 11.56 -54.08 -1.60
N ARG G 137 11.11 -54.29 -0.35
CA ARG G 137 9.91 -53.66 0.22
C ARG G 137 10.17 -52.19 0.57
N PHE G 138 11.30 -51.95 1.25
CA PHE G 138 11.72 -50.59 1.62
C PHE G 138 12.00 -49.70 0.42
N ILE G 139 12.38 -50.30 -0.70
CA ILE G 139 12.38 -49.59 -1.97
C ILE G 139 10.94 -49.32 -2.35
N GLY G 140 10.11 -50.38 -2.34
CA GLY G 140 8.68 -50.23 -2.60
C GLY G 140 8.10 -48.99 -1.98
N PHE G 141 8.46 -48.72 -0.73
CA PHE G 141 7.95 -47.54 -0.02
C PHE G 141 8.60 -46.23 -0.47
N ASP G 142 9.83 -46.31 -0.97
CA ASP G 142 10.45 -45.15 -1.62
C ASP G 142 9.73 -44.77 -2.90
N MET G 143 8.99 -45.71 -3.47
CA MET G 143 8.28 -45.46 -4.73
C MET G 143 6.80 -45.20 -4.49
N ALA G 144 6.44 -44.96 -3.23
CA ALA G 144 5.04 -44.81 -2.86
C ALA G 144 4.24 -46.01 -3.38
N LYS G 145 4.82 -47.21 -3.24
CA LYS G 145 4.20 -48.43 -3.72
C LYS G 145 4.02 -49.36 -2.53
N GLY G 146 2.78 -49.44 -2.03
CA GLY G 146 2.43 -50.36 -0.94
C GLY G 146 2.54 -49.72 0.43
N THR G 147 2.12 -48.46 0.52
CA THR G 147 2.34 -47.63 1.70
C THR G 147 1.15 -47.54 2.67
N ASP G 148 0.00 -48.09 2.28
CA ASP G 148 -1.17 -48.10 3.16
C ASP G 148 -0.95 -49.13 4.25
N ILE G 149 -1.62 -48.93 5.38
CA ILE G 149 -1.36 -49.74 6.57
C ILE G 149 -1.58 -51.23 6.29
N PRO G 150 -2.66 -51.61 5.57
CA PRO G 150 -2.85 -53.01 5.20
C PRO G 150 -1.68 -53.62 4.41
N SER G 151 -1.13 -52.84 3.48
CA SER G 151 0.03 -53.28 2.69
C SER G 151 1.30 -53.34 3.54
N ILE G 152 1.50 -52.31 4.36
CA ILE G 152 2.63 -52.26 5.28
C ILE G 152 2.69 -53.51 6.15
N TYR G 153 1.60 -53.76 6.88
CA TYR G 153 1.54 -54.92 7.78
C TYR G 153 1.58 -56.26 7.05
N ARG G 154 1.05 -56.32 5.82
CA ARG G 154 1.16 -57.53 5.01
C ARG G 154 2.61 -57.80 4.60
N GLY G 155 3.18 -56.87 3.86
CA GLY G 155 4.58 -56.95 3.44
C GLY G 155 5.52 -57.30 4.58
N ALA G 156 5.25 -56.74 5.77
CA ALA G 156 6.05 -57.03 6.96
C ALA G 156 5.91 -58.49 7.42
N TYR G 157 4.70 -59.03 7.31
CA TYR G 157 4.43 -60.42 7.66
C TYR G 157 4.95 -61.36 6.59
N LEU G 158 4.62 -61.07 5.33
CA LEU G 158 5.08 -61.89 4.21
C LEU G 158 6.61 -62.03 4.24
N VAL G 159 7.31 -60.90 4.37
CA VAL G 159 8.78 -60.84 4.29
C VAL G 159 9.46 -61.67 5.39
N LEU G 160 8.95 -61.60 6.61
CA LEU G 160 9.38 -62.49 7.69
C LEU G 160 9.20 -63.95 7.28
N GLY G 161 7.99 -64.26 6.80
CA GLY G 161 7.59 -65.64 6.46
C GLY G 161 8.26 -66.26 5.26
N LEU G 162 8.80 -65.42 4.37
CA LEU G 162 9.60 -65.92 3.25
C LEU G 162 11.04 -66.09 3.69
N ALA G 163 11.56 -65.13 4.44
CA ALA G 163 12.93 -65.19 4.96
C ALA G 163 13.11 -66.37 5.91
N ALA G 164 12.07 -66.71 6.67
CA ALA G 164 12.05 -67.94 7.47
C ALA G 164 12.04 -69.18 6.57
N LEU G 165 11.12 -69.19 5.60
CA LEU G 165 10.98 -70.30 4.63
C LEU G 165 12.15 -70.48 3.66
N ILE G 166 12.96 -69.44 3.47
CA ILE G 166 14.16 -69.55 2.66
C ILE G 166 15.34 -69.95 3.52
N SER G 167 15.46 -69.35 4.69
CA SER G 167 16.57 -69.63 5.59
C SER G 167 16.46 -71.01 6.25
N LEU G 168 15.23 -71.48 6.48
CA LEU G 168 15.01 -72.84 6.98
C LEU G 168 15.05 -73.87 5.83
N ALA G 169 14.81 -73.44 4.61
CA ALA G 169 14.93 -74.32 3.44
C ALA G 169 16.38 -74.47 2.99
N VAL G 170 17.11 -73.36 3.00
CA VAL G 170 18.53 -73.34 2.59
C VAL G 170 19.44 -74.08 3.59
N VAL G 171 19.05 -74.08 4.87
CA VAL G 171 19.86 -74.71 5.92
C VAL G 171 19.60 -76.23 6.04
N VAL G 172 18.33 -76.65 6.07
CA VAL G 172 18.00 -78.08 6.17
C VAL G 172 17.76 -78.69 4.77
N TYR G 173 18.68 -78.41 3.85
CA TYR G 173 18.69 -79.04 2.53
C TYR G 173 20.00 -79.83 2.27
N PRO G 174 21.17 -79.31 2.69
CA PRO G 174 22.38 -80.14 2.77
C PRO G 174 22.57 -80.92 4.10
N ARG G 175 21.88 -80.50 5.17
CA ARG G 175 21.85 -81.27 6.43
C ARG G 175 21.12 -82.60 6.23
N TRP G 176 19.96 -82.51 5.58
CA TRP G 176 19.12 -83.68 5.27
C TRP G 176 19.45 -84.27 3.88
N GLU G 177 20.61 -83.89 3.35
CA GLU G 177 21.26 -84.54 2.22
C GLU G 177 22.24 -85.60 2.72
N ARG G 178 22.90 -85.29 3.84
CA ARG G 178 23.88 -86.17 4.48
C ARG G 178 23.28 -86.98 5.64
N HIS G 179 22.17 -86.51 6.23
CA HIS G 179 21.35 -87.35 7.13
C HIS G 179 20.64 -88.45 6.33
N LYS G 180 20.40 -88.19 5.04
CA LYS G 180 19.77 -89.13 4.11
C LYS G 180 20.74 -90.24 3.64
N LYS G 181 22.00 -90.15 4.06
CA LYS G 181 23.02 -91.18 3.79
C LYS G 181 23.03 -92.31 4.83
N ALA G 182 22.46 -92.06 6.02
CA ALA G 182 22.57 -92.99 7.17
C ALA G 182 21.99 -94.39 6.95
N THR G 183 21.03 -94.55 6.02
CA THR G 183 20.47 -95.86 5.65
C THR G 183 20.14 -95.97 4.16
N THR H 28 6.29 -2.65 39.46
CA THR H 28 5.53 -1.57 38.76
C THR H 28 5.82 -1.59 37.25
N SER H 29 5.14 -0.72 36.51
CA SER H 29 5.45 -0.52 35.09
C SER H 29 6.68 0.40 34.96
N ALA H 30 7.78 -0.02 35.58
CA ALA H 30 9.11 0.53 35.35
C ALA H 30 9.81 -0.62 34.62
N ALA H 31 9.50 -0.72 33.34
CA ALA H 31 9.63 -1.96 32.60
C ALA H 31 10.68 -1.85 31.51
N VAL H 32 11.38 -2.97 31.27
CA VAL H 32 12.32 -3.05 30.16
C VAL H 32 11.56 -2.99 28.83
N THR H 33 12.29 -2.77 27.74
CA THR H 33 11.73 -2.75 26.39
C THR H 33 12.32 -3.91 25.59
N GLY H 34 11.46 -4.80 25.12
CA GLY H 34 11.89 -6.05 24.50
C GLY H 34 12.03 -5.95 22.99
N ALA H 35 12.29 -7.09 22.36
CA ALA H 35 12.35 -7.21 20.89
C ALA H 35 11.59 -8.45 20.44
N ALA H 36 11.28 -8.52 19.15
CA ALA H 36 10.39 -9.55 18.60
C ALA H 36 10.92 -10.98 18.82
N PRO H 37 10.01 -11.97 19.01
CA PRO H 37 10.43 -13.35 19.30
C PRO H 37 10.96 -14.09 18.07
N PRO H 38 11.94 -15.00 18.27
CA PRO H 38 12.62 -15.66 17.15
C PRO H 38 11.67 -16.44 16.27
N GLN H 39 11.81 -16.26 14.96
CA GLN H 39 10.80 -16.64 13.98
C GLN H 39 11.47 -16.75 12.62
N PHE H 40 11.21 -17.84 11.91
CA PHE H 40 11.85 -18.09 10.62
C PHE H 40 11.19 -17.26 9.53
N ASP H 41 11.99 -16.51 8.77
CA ASP H 41 11.45 -15.68 7.69
C ASP H 41 11.73 -16.31 6.34
N PRO H 42 10.73 -17.01 5.77
CA PRO H 42 10.91 -17.86 4.59
C PRO H 42 11.12 -17.07 3.31
N ILE H 43 10.59 -15.86 3.28
CA ILE H 43 10.88 -14.94 2.19
C ILE H 43 12.27 -14.38 2.40
N ALA H 44 12.53 -13.84 3.59
CA ALA H 44 13.80 -13.17 3.87
C ALA H 44 15.02 -14.09 3.75
N ALA H 45 14.82 -15.40 3.89
CA ALA H 45 15.89 -16.39 3.65
C ALA H 45 16.02 -16.79 2.17
N GLU H 46 15.15 -16.24 1.31
CA GLU H 46 15.20 -16.47 -0.15
C GLU H 46 16.30 -15.66 -0.83
N LYS H 47 16.75 -14.57 -0.18
CA LYS H 47 17.93 -13.83 -0.61
C LYS H 47 19.17 -14.70 -0.45
N GLY H 48 20.13 -14.57 -1.36
CA GLY H 48 21.33 -15.40 -1.33
C GLY H 48 21.04 -16.83 -1.74
N PHE H 49 20.38 -17.58 -0.86
CA PHE H 49 20.08 -19.02 -1.06
C PHE H 49 20.15 -19.48 -2.52
N LYS H 50 21.29 -20.07 -2.88
CA LYS H 50 21.44 -20.82 -4.13
C LYS H 50 21.98 -22.26 -4.01
N PRO H 51 22.12 -22.81 -2.77
CA PRO H 51 22.56 -24.21 -2.73
C PRO H 51 21.75 -25.12 -3.66
N LEU H 52 22.44 -25.81 -4.57
CA LEU H 52 21.82 -26.84 -5.41
C LEU H 52 22.65 -28.12 -5.33
N HIS H 53 22.75 -28.68 -4.11
CA HIS H 53 23.32 -30.03 -3.94
C HIS H 53 22.23 -31.01 -4.38
N SER H 54 22.12 -31.20 -5.70
CA SER H 54 21.10 -32.07 -6.26
C SER H 54 21.46 -33.52 -5.94
N HIS H 55 21.36 -33.85 -4.65
CA HIS H 55 21.72 -35.17 -4.13
C HIS H 55 20.66 -36.21 -4.54
N GLY H 56 19.48 -35.75 -4.96
CA GLY H 56 18.46 -36.63 -5.49
C GLY H 56 19.03 -37.63 -6.48
N THR H 57 19.83 -37.15 -7.43
CA THR H 57 20.42 -38.03 -8.45
C THR H 57 21.26 -39.16 -7.87
N LEU H 58 21.91 -38.90 -6.74
CA LEU H 58 22.74 -39.91 -6.06
C LEU H 58 21.87 -40.91 -5.28
N PHE H 59 20.75 -40.44 -4.74
CA PHE H 59 19.76 -41.32 -4.11
C PHE H 59 19.34 -42.43 -5.08
N LYS H 60 19.14 -42.03 -6.34
CA LYS H 60 18.72 -42.96 -7.40
C LYS H 60 19.66 -44.15 -7.49
N ILE H 61 20.94 -43.87 -7.78
CA ILE H 61 21.91 -44.93 -8.02
C ILE H 61 22.06 -45.85 -6.80
N GLU H 62 22.06 -45.28 -5.60
CA GLU H 62 22.07 -46.09 -4.38
C GLU H 62 21.01 -47.18 -4.50
N ARG H 63 19.81 -46.77 -4.93
CA ARG H 63 18.66 -47.67 -4.99
C ARG H 63 18.77 -48.66 -6.14
N TYR H 64 19.06 -48.16 -7.35
CA TYR H 64 19.28 -49.04 -8.49
C TYR H 64 20.25 -50.14 -8.06
N PHE H 65 21.37 -49.73 -7.44
CA PHE H 65 22.42 -50.65 -7.04
C PHE H 65 21.88 -51.74 -6.13
N ALA H 66 21.20 -51.34 -5.06
CA ALA H 66 20.63 -52.28 -4.09
C ALA H 66 19.67 -53.28 -4.76
N ALA H 67 18.96 -52.82 -5.79
CA ALA H 67 18.09 -53.68 -6.58
C ALA H 67 18.90 -54.63 -7.44
N ALA H 68 19.96 -54.12 -8.07
CA ALA H 68 20.83 -54.93 -8.91
C ALA H 68 21.44 -56.11 -8.14
N MET H 69 21.54 -55.98 -6.82
CA MET H 69 22.04 -57.05 -5.96
C MET H 69 21.02 -58.18 -5.70
N VAL H 70 19.73 -57.89 -5.90
CA VAL H 70 18.67 -58.87 -5.64
C VAL H 70 18.90 -60.17 -6.42
N PRO H 71 19.26 -60.09 -7.71
CA PRO H 71 19.66 -61.31 -8.42
C PRO H 71 21.02 -61.87 -7.98
N LEU H 72 21.90 -60.99 -7.51
CA LEU H 72 23.29 -61.34 -7.21
C LEU H 72 23.42 -62.35 -6.07
N ILE H 73 22.64 -62.17 -5.00
CA ILE H 73 22.71 -63.07 -3.85
C ILE H 73 22.35 -64.50 -4.24
N PRO H 74 21.28 -64.67 -5.04
CA PRO H 74 21.06 -65.96 -5.69
C PRO H 74 22.26 -66.43 -6.53
N ALA H 75 22.88 -65.48 -7.24
CA ALA H 75 24.01 -65.77 -8.14
C ALA H 75 25.24 -66.34 -7.44
N ALA H 76 25.58 -65.82 -6.26
CA ALA H 76 26.77 -66.26 -5.52
C ALA H 76 26.61 -67.63 -4.83
N TYR H 77 25.39 -67.94 -4.40
CA TYR H 77 25.07 -69.24 -3.81
C TYR H 77 25.23 -70.36 -4.84
N PHE H 78 24.72 -70.13 -6.04
CA PHE H 78 24.76 -71.11 -7.11
C PHE H 78 26.11 -71.12 -7.83
N ILE H 79 26.43 -70.03 -8.55
CA ILE H 79 27.74 -69.95 -9.25
C ILE H 79 28.78 -69.27 -8.35
N HIS H 80 29.75 -70.06 -7.86
CA HIS H 80 30.79 -69.56 -6.95
C HIS H 80 31.98 -69.00 -7.76
N GLY H 81 33.22 -69.16 -7.29
CA GLY H 81 34.40 -68.77 -8.05
C GLY H 81 35.06 -67.50 -7.55
N ARG H 82 36.31 -67.29 -7.93
CA ARG H 82 37.08 -66.12 -7.48
C ARG H 82 36.56 -64.84 -8.15
N GLU H 83 36.01 -65.01 -9.36
CA GLU H 83 35.44 -63.89 -10.13
C GLU H 83 34.10 -63.37 -9.59
N MET H 84 33.34 -64.24 -8.90
CA MET H 84 32.14 -63.81 -8.18
C MET H 84 32.52 -63.28 -6.80
N ASP H 85 33.52 -63.91 -6.17
CA ASP H 85 34.14 -63.39 -4.93
C ASP H 85 34.52 -61.91 -5.08
N LEU H 86 34.71 -61.47 -6.32
CA LEU H 86 35.13 -60.11 -6.65
C LEU H 86 33.93 -59.16 -6.89
N CYS H 87 32.88 -59.65 -7.54
CA CYS H 87 31.63 -58.89 -7.70
C CYS H 87 31.04 -58.60 -6.33
N LEU H 88 30.85 -59.67 -5.56
CA LEU H 88 30.35 -59.59 -4.19
C LEU H 88 31.12 -58.59 -3.35
N ALA H 89 32.45 -58.73 -3.35
CA ALA H 89 33.33 -57.92 -2.52
C ALA H 89 33.53 -56.48 -3.01
N LEU H 90 33.00 -56.13 -4.18
CA LEU H 90 32.93 -54.74 -4.61
C LEU H 90 31.50 -54.18 -4.49
N ALA H 91 30.51 -55.03 -4.72
CA ALA H 91 29.12 -54.64 -4.55
C ALA H 91 28.74 -54.49 -3.08
N LEU H 92 29.26 -55.38 -2.22
CA LEU H 92 29.04 -55.26 -0.76
C LEU H 92 29.76 -54.05 -0.20
N THR H 93 31.06 -53.96 -0.46
CA THR H 93 31.87 -52.82 -0.06
C THR H 93 31.13 -51.51 -0.30
N LEU H 94 30.70 -51.32 -1.54
CA LEU H 94 30.07 -50.09 -1.98
C LEU H 94 28.66 -49.86 -1.42
N HIS H 95 27.88 -50.94 -1.33
CA HIS H 95 26.52 -50.86 -0.80
C HIS H 95 26.52 -50.62 0.69
N VAL H 96 27.42 -51.31 1.40
CA VAL H 96 27.61 -51.14 2.83
C VAL H 96 28.17 -49.76 3.12
N HIS H 97 29.18 -49.34 2.36
CA HIS H 97 29.75 -48.01 2.52
C HIS H 97 28.64 -46.98 2.59
N TRP H 98 27.80 -46.95 1.56
CA TRP H 98 26.66 -46.05 1.52
C TRP H 98 25.81 -46.22 2.77
N GLY H 99 25.59 -47.47 3.15
CA GLY H 99 24.75 -47.79 4.30
C GLY H 99 25.18 -47.20 5.62
N VAL H 100 26.39 -47.55 6.07
CA VAL H 100 26.95 -47.06 7.35
C VAL H 100 27.06 -45.54 7.39
N TRP H 101 27.31 -44.92 6.24
CA TRP H 101 27.24 -43.47 6.11
C TRP H 101 25.83 -42.99 6.50
N GLY H 102 24.81 -43.72 6.03
CA GLY H 102 23.42 -43.45 6.40
C GLY H 102 23.13 -43.62 7.88
N VAL H 103 23.79 -44.60 8.51
CA VAL H 103 23.63 -44.84 9.95
C VAL H 103 24.43 -43.81 10.73
N VAL H 104 25.71 -43.67 10.40
CA VAL H 104 26.58 -42.70 11.06
C VAL H 104 25.91 -41.33 11.24
N ASN H 105 25.24 -40.85 10.19
CA ASN H 105 24.55 -39.55 10.22
C ASN H 105 23.35 -39.55 11.17
N ASP H 106 22.68 -40.69 11.27
CA ASP H 106 21.51 -40.79 12.16
C ASP H 106 21.89 -40.63 13.64
N TYR H 107 22.99 -41.26 14.07
CA TYR H 107 23.37 -41.26 15.50
C TYR H 107 24.51 -40.30 15.81
N GLY H 108 25.54 -40.32 14.98
CA GLY H 108 26.66 -39.40 15.14
C GLY H 108 26.24 -37.97 14.87
N ARG H 109 25.52 -37.39 15.82
CA ARG H 109 24.97 -36.05 15.68
C ARG H 109 25.74 -35.03 16.49
N PRO H 110 25.97 -33.85 15.91
CA PRO H 110 26.54 -32.74 16.65
C PRO H 110 25.86 -32.50 18.01
N PHE H 111 24.53 -32.51 18.04
CA PHE H 111 23.78 -32.16 19.27
C PHE H 111 24.05 -33.08 20.47
N VAL H 112 24.57 -34.27 20.22
CA VAL H 112 24.86 -35.20 21.31
C VAL H 112 26.33 -35.61 21.37
N LEU H 113 27.15 -35.18 20.42
CA LEU H 113 28.58 -35.53 20.40
C LEU H 113 29.54 -34.33 20.40
N GLY H 114 29.16 -33.25 19.72
CA GLY H 114 30.04 -32.09 19.54
C GLY H 114 30.72 -32.14 18.19
N ASP H 115 30.61 -31.04 17.43
CA ASP H 115 30.95 -31.01 16.00
C ASP H 115 32.19 -31.84 15.57
N THR H 116 33.31 -31.69 16.28
CA THR H 116 34.55 -32.39 15.90
C THR H 116 34.51 -33.88 16.28
N LEU H 117 33.75 -34.24 17.30
CA LEU H 117 33.57 -35.65 17.64
C LEU H 117 32.48 -36.32 16.80
N ALA H 118 31.60 -35.50 16.21
CA ALA H 118 30.65 -35.99 15.19
C ALA H 118 31.40 -36.27 13.90
N ALA H 119 32.24 -35.31 13.50
CA ALA H 119 33.12 -35.44 12.34
C ALA H 119 34.10 -36.63 12.43
N ALA H 120 34.43 -37.06 13.65
CA ALA H 120 35.26 -38.23 13.86
C ALA H 120 34.56 -39.52 13.41
N VAL H 121 33.27 -39.64 13.75
CA VAL H 121 32.46 -40.79 13.31
C VAL H 121 32.28 -40.72 11.80
N ARG H 122 32.16 -39.49 11.32
CA ARG H 122 31.95 -39.16 9.90
C ARG H 122 33.11 -39.71 9.05
N VAL H 123 34.33 -39.24 9.34
CA VAL H 123 35.54 -39.73 8.70
C VAL H 123 35.65 -41.24 8.85
N GLY H 124 35.34 -41.74 10.04
CA GLY H 124 35.37 -43.19 10.33
C GLY H 124 34.44 -44.04 9.46
N ALA H 125 33.36 -43.45 8.94
CA ALA H 125 32.47 -44.15 8.02
C ALA H 125 33.23 -44.61 6.77
N TYR H 126 34.13 -43.76 6.30
CA TYR H 126 35.02 -44.08 5.17
C TYR H 126 36.17 -45.02 5.58
N ILE H 127 36.74 -44.79 6.76
CA ILE H 127 37.75 -45.68 7.32
C ILE H 127 37.19 -47.09 7.36
N PHE H 128 35.96 -47.21 7.85
CA PHE H 128 35.23 -48.48 7.86
C PHE H 128 35.19 -49.10 6.47
N THR H 129 34.70 -48.33 5.50
CA THR H 129 34.59 -48.78 4.12
C THR H 129 35.95 -49.25 3.58
N ALA H 130 36.98 -48.44 3.81
CA ALA H 130 38.32 -48.73 3.32
C ALA H 130 38.83 -50.04 3.91
N CYS H 131 38.80 -50.13 5.24
CA CYS H 131 39.18 -51.35 5.93
C CYS H 131 38.37 -52.54 5.46
N LEU H 132 37.09 -52.32 5.19
CA LEU H 132 36.22 -53.40 4.70
C LEU H 132 36.74 -53.95 3.38
N LEU H 133 37.05 -53.07 2.43
CA LEU H 133 37.46 -53.50 1.09
C LEU H 133 38.79 -54.25 1.10
N ALA H 134 39.82 -53.62 1.66
CA ALA H 134 41.13 -54.24 1.77
C ALA H 134 41.00 -55.62 2.42
N GLY H 135 40.28 -55.68 3.53
CA GLY H 135 40.05 -56.94 4.26
C GLY H 135 39.31 -58.00 3.47
N LEU H 136 38.35 -57.59 2.66
CA LEU H 136 37.60 -58.50 1.80
C LEU H 136 38.44 -58.93 0.61
N LEU H 137 38.96 -57.93 -0.12
CA LEU H 137 39.87 -58.20 -1.22
C LEU H 137 40.93 -59.23 -0.82
N TYR H 138 41.70 -58.87 0.21
CA TYR H 138 42.77 -59.72 0.72
C TYR H 138 42.28 -61.14 1.01
N PHE H 139 41.11 -61.26 1.63
CA PHE H 139 40.53 -62.56 1.97
C PHE H 139 40.14 -63.37 0.73
N ASN H 140 39.90 -62.70 -0.39
CA ASN H 140 39.68 -63.41 -1.65
C ASN H 140 40.98 -64.04 -2.16
N GLU H 141 42.04 -63.25 -2.24
CA GLU H 141 43.30 -63.67 -2.87
C GLU H 141 44.21 -64.54 -1.99
N HIS H 142 44.09 -64.39 -0.67
CA HIS H 142 44.97 -65.11 0.27
C HIS H 142 44.26 -66.06 1.23
N ASP H 143 43.05 -66.46 0.85
CA ASP H 143 42.31 -67.51 1.56
C ASP H 143 41.22 -68.03 0.64
N VAL H 144 40.42 -68.96 1.15
CA VAL H 144 39.30 -69.55 0.41
C VAL H 144 38.49 -68.53 -0.42
N GLY H 145 38.25 -67.35 0.15
CA GLY H 145 37.40 -66.33 -0.48
C GLY H 145 35.98 -66.37 0.07
N LEU H 146 35.14 -65.47 -0.41
CA LEU H 146 33.77 -65.35 0.10
C LEU H 146 32.94 -66.60 -0.16
N THR H 147 32.76 -66.91 -1.45
CA THR H 147 31.90 -68.02 -1.88
C THR H 147 32.32 -69.33 -1.21
N ARG H 148 33.62 -69.61 -1.24
CA ARG H 148 34.16 -70.85 -0.68
C ARG H 148 34.06 -70.87 0.85
N ALA H 149 34.19 -69.70 1.48
CA ALA H 149 34.01 -69.59 2.93
C ALA H 149 32.60 -70.07 3.30
N PHE H 150 31.62 -69.68 2.49
CA PHE H 150 30.25 -70.10 2.71
C PHE H 150 30.03 -71.57 2.41
N GLU H 151 30.79 -72.13 1.47
CA GLU H 151 30.75 -73.58 1.25
C GLU H 151 31.33 -74.33 2.44
N MET H 152 32.51 -73.89 2.90
CA MET H 152 33.22 -74.57 3.98
C MET H 152 32.48 -74.57 5.32
N VAL H 153 31.61 -73.58 5.52
CA VAL H 153 30.80 -73.52 6.74
C VAL H 153 29.46 -74.23 6.57
N TRP H 154 28.85 -74.12 5.39
CA TRP H 154 27.60 -74.85 5.08
C TRP H 154 27.81 -76.36 5.12
N GLU H 155 28.98 -76.82 4.68
CA GLU H 155 29.27 -78.25 4.63
C GLU H 155 29.38 -78.90 6.01
N LEU H 156 29.74 -78.11 7.03
CA LEU H 156 29.93 -78.62 8.40
C LEU H 156 28.68 -79.31 8.95
#